data_3LWJ
# 
_entry.id   3LWJ 
# 
_audit_conform.dict_name       mmcif_pdbx.dic 
_audit_conform.dict_version    5.399 
_audit_conform.dict_location   http://mmcif.pdb.org/dictionaries/ascii/mmcif_pdbx.dic 
# 
loop_
_database_2.database_id 
_database_2.database_code 
_database_2.pdbx_database_accession 
_database_2.pdbx_DOI 
PDB   3LWJ         pdb_00003lwj 10.2210/pdb3lwj/pdb 
RCSB  RCSB057818   ?            ?                   
WWPDB D_1000057818 ?            ?                   
# 
loop_
_pdbx_audit_revision_history.ordinal 
_pdbx_audit_revision_history.data_content_type 
_pdbx_audit_revision_history.major_revision 
_pdbx_audit_revision_history.minor_revision 
_pdbx_audit_revision_history.revision_date 
1 'Structure model' 1 0 2010-03-16 
2 'Structure model' 1 1 2011-07-13 
3 'Structure model' 1 2 2017-11-08 
4 'Structure model' 1 3 2019-07-17 
5 'Structure model' 1 4 2023-02-01 
6 'Structure model' 1 5 2024-11-20 
# 
_pdbx_audit_revision_details.ordinal             1 
_pdbx_audit_revision_details.revision_ordinal    1 
_pdbx_audit_revision_details.data_content_type   'Structure model' 
_pdbx_audit_revision_details.provider            repository 
_pdbx_audit_revision_details.type                'Initial release' 
_pdbx_audit_revision_details.description         ? 
_pdbx_audit_revision_details.details             ? 
# 
loop_
_pdbx_audit_revision_group.ordinal 
_pdbx_audit_revision_group.revision_ordinal 
_pdbx_audit_revision_group.data_content_type 
_pdbx_audit_revision_group.group 
1  2 'Structure model' Advisory                    
2  2 'Structure model' 'Version format compliance' 
3  3 'Structure model' 'Refinement description'    
4  4 'Structure model' 'Data collection'           
5  4 'Structure model' 'Derived calculations'      
6  4 'Structure model' 'Refinement description'    
7  5 'Structure model' 'Database references'       
8  5 'Structure model' 'Derived calculations'      
9  6 'Structure model' 'Data collection'           
10 6 'Structure model' 'Structure summary'         
# 
loop_
_pdbx_audit_revision_category.ordinal 
_pdbx_audit_revision_category.revision_ordinal 
_pdbx_audit_revision_category.data_content_type 
_pdbx_audit_revision_category.category 
1  3 'Structure model' software                     
2  4 'Structure model' pdbx_struct_special_symmetry 
3  4 'Structure model' software                     
4  4 'Structure model' struct_conn                  
5  5 'Structure model' database_2                   
6  5 'Structure model' struct_ref_seq_dif           
7  5 'Structure model' struct_site                  
8  6 'Structure model' chem_comp_atom               
9  6 'Structure model' chem_comp_bond               
10 6 'Structure model' pdbx_entry_details           
11 6 'Structure model' pdbx_modification_feature    
# 
loop_
_pdbx_audit_revision_item.ordinal 
_pdbx_audit_revision_item.revision_ordinal 
_pdbx_audit_revision_item.data_content_type 
_pdbx_audit_revision_item.item 
1  3 'Structure model' '_software.classification'                     
2  3 'Structure model' '_software.name'                               
3  4 'Structure model' '_software.classification'                     
4  4 'Structure model' '_software.contact_author'                     
5  4 'Structure model' '_software.contact_author_email'               
6  4 'Structure model' '_software.language'                           
7  4 'Structure model' '_software.location'                           
8  4 'Structure model' '_software.name'                               
9  4 'Structure model' '_software.type'                               
10 4 'Structure model' '_software.version'                            
11 4 'Structure model' '_struct_conn.pdbx_leaving_atom_flag'          
12 5 'Structure model' '_database_2.pdbx_DOI'                         
13 5 'Structure model' '_database_2.pdbx_database_accession'          
14 5 'Structure model' '_struct_ref_seq_dif.details'                  
15 5 'Structure model' '_struct_site.pdbx_auth_asym_id'               
16 5 'Structure model' '_struct_site.pdbx_auth_comp_id'               
17 5 'Structure model' '_struct_site.pdbx_auth_seq_id'                
18 6 'Structure model' '_pdbx_entry_details.has_protein_modification' 
# 
_pdbx_database_status.SG_entry                        Y 
_pdbx_database_status.entry_id                        3LWJ 
_pdbx_database_status.deposit_site                    RCSB 
_pdbx_database_status.process_site                    RCSB 
_pdbx_database_status.recvd_initial_deposition_date   2010-02-23 
_pdbx_database_status.status_code                     REL 
_pdbx_database_status.status_code_sf                  REL 
_pdbx_database_status.status_code_mr                  ? 
_pdbx_database_status.status_code_cs                  ? 
_pdbx_database_status.methods_development_category    ? 
_pdbx_database_status.pdb_format_compatible           Y 
_pdbx_database_status.status_code_nmr_data            ? 
# 
_pdbx_database_related.db_name        TargetDB 
_pdbx_database_related.db_id          399241 
_pdbx_database_related.details        . 
_pdbx_database_related.content_type   unspecified 
# 
_audit_author.name           'Joint Center for Structural Genomics (JCSG)' 
_audit_author.pdbx_ordinal   1 
# 
_citation.id                        primary 
_citation.title                     
;Crystal structure of Putative TetR-family transcriptional regulator (YP_752756.1) from Syntrophomonas wolfei str. Goettingen at 2.07 A resolution
;
_citation.journal_abbrev            'To be published' 
_citation.journal_volume            ? 
_citation.page_first                ? 
_citation.page_last                 ? 
_citation.year                      ? 
_citation.journal_id_ASTM           ? 
_citation.country                   ? 
_citation.journal_id_ISSN           ? 
_citation.journal_id_CSD            0353 
_citation.book_publisher            ? 
_citation.pdbx_database_id_PubMed   ? 
_citation.pdbx_database_id_DOI      ? 
# 
_citation_author.citation_id        primary 
_citation_author.name               'Joint Center for Structural Genomics (JCSG)' 
_citation_author.ordinal            1 
_citation_author.identifier_ORCID   ? 
# 
loop_
_entity.id 
_entity.type 
_entity.src_method 
_entity.pdbx_description 
_entity.formula_weight 
_entity.pdbx_number_of_molecules 
_entity.pdbx_ec 
_entity.pdbx_mutation 
_entity.pdbx_fragment 
_entity.details 
1 polymer     man 'Putative TetR-family transcriptional regulator' 23633.717 1  ? ? ? ? 
2 non-polymer syn 1,2-ETHANEDIOL                                   62.068    1  ? ? ? ? 
3 water       nat water                                            18.015    65 ? ? ? ? 
# 
_entity_poly.entity_id                      1 
_entity_poly.type                           'polypeptide(L)' 
_entity_poly.nstd_linkage                   no 
_entity_poly.nstd_monomer                   yes 
_entity_poly.pdbx_seq_one_letter_code       
;G(MSE)PIPLEKQNKERRQKILTCSLDLFIEKGYYNTSIRDIIALSEVGTGTFYNYFVDKEDILKNLLEDFAKQIISSIS
EYYLVEKDLYERFIETKRLT(MSE)EVFAQNETLSEIYSRVAGSSAPIDQCLKQFEDRLLEFYSRNIEYGIKKGVFKNVP
VSPIAHSILAIEKFSLYKWVVLKAITKEE(MSE)IE(MSE)VLSFHKTLAVGLLVVND
;
_entity_poly.pdbx_seq_one_letter_code_can   
;GMPIPLEKQNKERRQKILTCSLDLFIEKGYYNTSIRDIIALSEVGTGTFYNYFVDKEDILKNLLEDFAKQIISSISEYYL
VEKDLYERFIETKRLTMEVFAQNETLSEIYSRVAGSSAPIDQCLKQFEDRLLEFYSRNIEYGIKKGVFKNVPVSPIAHSI
LAIEKFSLYKWVVLKAITKEEMIEMVLSFHKTLAVGLLVVND
;
_entity_poly.pdbx_strand_id                 A 
_entity_poly.pdbx_target_identifier         399241 
# 
loop_
_pdbx_entity_nonpoly.entity_id 
_pdbx_entity_nonpoly.name 
_pdbx_entity_nonpoly.comp_id 
2 1,2-ETHANEDIOL EDO 
3 water          HOH 
# 
loop_
_entity_poly_seq.entity_id 
_entity_poly_seq.num 
_entity_poly_seq.mon_id 
_entity_poly_seq.hetero 
1 1   GLY n 
1 2   MSE n 
1 3   PRO n 
1 4   ILE n 
1 5   PRO n 
1 6   LEU n 
1 7   GLU n 
1 8   LYS n 
1 9   GLN n 
1 10  ASN n 
1 11  LYS n 
1 12  GLU n 
1 13  ARG n 
1 14  ARG n 
1 15  GLN n 
1 16  LYS n 
1 17  ILE n 
1 18  LEU n 
1 19  THR n 
1 20  CYS n 
1 21  SER n 
1 22  LEU n 
1 23  ASP n 
1 24  LEU n 
1 25  PHE n 
1 26  ILE n 
1 27  GLU n 
1 28  LYS n 
1 29  GLY n 
1 30  TYR n 
1 31  TYR n 
1 32  ASN n 
1 33  THR n 
1 34  SER n 
1 35  ILE n 
1 36  ARG n 
1 37  ASP n 
1 38  ILE n 
1 39  ILE n 
1 40  ALA n 
1 41  LEU n 
1 42  SER n 
1 43  GLU n 
1 44  VAL n 
1 45  GLY n 
1 46  THR n 
1 47  GLY n 
1 48  THR n 
1 49  PHE n 
1 50  TYR n 
1 51  ASN n 
1 52  TYR n 
1 53  PHE n 
1 54  VAL n 
1 55  ASP n 
1 56  LYS n 
1 57  GLU n 
1 58  ASP n 
1 59  ILE n 
1 60  LEU n 
1 61  LYS n 
1 62  ASN n 
1 63  LEU n 
1 64  LEU n 
1 65  GLU n 
1 66  ASP n 
1 67  PHE n 
1 68  ALA n 
1 69  LYS n 
1 70  GLN n 
1 71  ILE n 
1 72  ILE n 
1 73  SER n 
1 74  SER n 
1 75  ILE n 
1 76  SER n 
1 77  GLU n 
1 78  TYR n 
1 79  TYR n 
1 80  LEU n 
1 81  VAL n 
1 82  GLU n 
1 83  LYS n 
1 84  ASP n 
1 85  LEU n 
1 86  TYR n 
1 87  GLU n 
1 88  ARG n 
1 89  PHE n 
1 90  ILE n 
1 91  GLU n 
1 92  THR n 
1 93  LYS n 
1 94  ARG n 
1 95  LEU n 
1 96  THR n 
1 97  MSE n 
1 98  GLU n 
1 99  VAL n 
1 100 PHE n 
1 101 ALA n 
1 102 GLN n 
1 103 ASN n 
1 104 GLU n 
1 105 THR n 
1 106 LEU n 
1 107 SER n 
1 108 GLU n 
1 109 ILE n 
1 110 TYR n 
1 111 SER n 
1 112 ARG n 
1 113 VAL n 
1 114 ALA n 
1 115 GLY n 
1 116 SER n 
1 117 SER n 
1 118 ALA n 
1 119 PRO n 
1 120 ILE n 
1 121 ASP n 
1 122 GLN n 
1 123 CYS n 
1 124 LEU n 
1 125 LYS n 
1 126 GLN n 
1 127 PHE n 
1 128 GLU n 
1 129 ASP n 
1 130 ARG n 
1 131 LEU n 
1 132 LEU n 
1 133 GLU n 
1 134 PHE n 
1 135 TYR n 
1 136 SER n 
1 137 ARG n 
1 138 ASN n 
1 139 ILE n 
1 140 GLU n 
1 141 TYR n 
1 142 GLY n 
1 143 ILE n 
1 144 LYS n 
1 145 LYS n 
1 146 GLY n 
1 147 VAL n 
1 148 PHE n 
1 149 LYS n 
1 150 ASN n 
1 151 VAL n 
1 152 PRO n 
1 153 VAL n 
1 154 SER n 
1 155 PRO n 
1 156 ILE n 
1 157 ALA n 
1 158 HIS n 
1 159 SER n 
1 160 ILE n 
1 161 LEU n 
1 162 ALA n 
1 163 ILE n 
1 164 GLU n 
1 165 LYS n 
1 166 PHE n 
1 167 SER n 
1 168 LEU n 
1 169 TYR n 
1 170 LYS n 
1 171 TRP n 
1 172 VAL n 
1 173 VAL n 
1 174 LEU n 
1 175 LYS n 
1 176 ALA n 
1 177 ILE n 
1 178 THR n 
1 179 LYS n 
1 180 GLU n 
1 181 GLU n 
1 182 MSE n 
1 183 ILE n 
1 184 GLU n 
1 185 MSE n 
1 186 VAL n 
1 187 LEU n 
1 188 SER n 
1 189 PHE n 
1 190 HIS n 
1 191 LYS n 
1 192 THR n 
1 193 LEU n 
1 194 ALA n 
1 195 VAL n 
1 196 GLY n 
1 197 LEU n 
1 198 LEU n 
1 199 VAL n 
1 200 VAL n 
1 201 ASN n 
1 202 ASP n 
# 
_entity_src_gen.entity_id                          1 
_entity_src_gen.pdbx_src_id                        1 
_entity_src_gen.pdbx_alt_source_flag               sample 
_entity_src_gen.pdbx_seq_type                      ? 
_entity_src_gen.pdbx_beg_seq_num                   ? 
_entity_src_gen.pdbx_end_seq_num                   ? 
_entity_src_gen.gene_src_common_name               ? 
_entity_src_gen.gene_src_genus                     ? 
_entity_src_gen.pdbx_gene_src_gene                 Swol_0026 
_entity_src_gen.gene_src_species                   ? 
_entity_src_gen.gene_src_strain                    Goettingen 
_entity_src_gen.gene_src_tissue                    ? 
_entity_src_gen.gene_src_tissue_fraction           ? 
_entity_src_gen.gene_src_details                   ? 
_entity_src_gen.pdbx_gene_src_fragment             ? 
_entity_src_gen.pdbx_gene_src_scientific_name      'Syntrophomonas wolfei subsp. wolfei' 
_entity_src_gen.pdbx_gene_src_ncbi_taxonomy_id     335541 
_entity_src_gen.pdbx_gene_src_variant              ? 
_entity_src_gen.pdbx_gene_src_cell_line            ? 
_entity_src_gen.pdbx_gene_src_atcc                 ? 
_entity_src_gen.pdbx_gene_src_organ                ? 
_entity_src_gen.pdbx_gene_src_organelle            ? 
_entity_src_gen.pdbx_gene_src_cell                 ? 
_entity_src_gen.pdbx_gene_src_cellular_location    ? 
_entity_src_gen.host_org_common_name               ? 
_entity_src_gen.pdbx_host_org_scientific_name      'Escherichia Coli' 
_entity_src_gen.pdbx_host_org_ncbi_taxonomy_id     562 
_entity_src_gen.host_org_genus                     ? 
_entity_src_gen.pdbx_host_org_gene                 ? 
_entity_src_gen.pdbx_host_org_organ                ? 
_entity_src_gen.host_org_species                   ? 
_entity_src_gen.pdbx_host_org_tissue               ? 
_entity_src_gen.pdbx_host_org_tissue_fraction      ? 
_entity_src_gen.pdbx_host_org_strain               HK100 
_entity_src_gen.pdbx_host_org_variant              ? 
_entity_src_gen.pdbx_host_org_cell_line            ? 
_entity_src_gen.pdbx_host_org_atcc                 ? 
_entity_src_gen.pdbx_host_org_culture_collection   ? 
_entity_src_gen.pdbx_host_org_cell                 ? 
_entity_src_gen.pdbx_host_org_organelle            ? 
_entity_src_gen.pdbx_host_org_cellular_location    ? 
_entity_src_gen.pdbx_host_org_vector_type          Plasmid 
_entity_src_gen.pdbx_host_org_vector               ? 
_entity_src_gen.host_org_details                   ? 
_entity_src_gen.expression_system_id               ? 
_entity_src_gen.plasmid_name                       SpeedET 
_entity_src_gen.plasmid_details                    ? 
_entity_src_gen.pdbx_description                   ? 
# 
loop_
_chem_comp.id 
_chem_comp.type 
_chem_comp.mon_nstd_flag 
_chem_comp.name 
_chem_comp.pdbx_synonyms 
_chem_comp.formula 
_chem_comp.formula_weight 
ALA 'L-peptide linking' y ALANINE          ?                 'C3 H7 N O2'     89.093  
ARG 'L-peptide linking' y ARGININE         ?                 'C6 H15 N4 O2 1' 175.209 
ASN 'L-peptide linking' y ASPARAGINE       ?                 'C4 H8 N2 O3'    132.118 
ASP 'L-peptide linking' y 'ASPARTIC ACID'  ?                 'C4 H7 N O4'     133.103 
CYS 'L-peptide linking' y CYSTEINE         ?                 'C3 H7 N O2 S'   121.158 
EDO non-polymer         . 1,2-ETHANEDIOL   'ETHYLENE GLYCOL' 'C2 H6 O2'       62.068  
GLN 'L-peptide linking' y GLUTAMINE        ?                 'C5 H10 N2 O3'   146.144 
GLU 'L-peptide linking' y 'GLUTAMIC ACID'  ?                 'C5 H9 N O4'     147.129 
GLY 'peptide linking'   y GLYCINE          ?                 'C2 H5 N O2'     75.067  
HIS 'L-peptide linking' y HISTIDINE        ?                 'C6 H10 N3 O2 1' 156.162 
HOH non-polymer         . WATER            ?                 'H2 O'           18.015  
ILE 'L-peptide linking' y ISOLEUCINE       ?                 'C6 H13 N O2'    131.173 
LEU 'L-peptide linking' y LEUCINE          ?                 'C6 H13 N O2'    131.173 
LYS 'L-peptide linking' y LYSINE           ?                 'C6 H15 N2 O2 1' 147.195 
MSE 'L-peptide linking' n SELENOMETHIONINE ?                 'C5 H11 N O2 Se' 196.106 
PHE 'L-peptide linking' y PHENYLALANINE    ?                 'C9 H11 N O2'    165.189 
PRO 'L-peptide linking' y PROLINE          ?                 'C5 H9 N O2'     115.130 
SER 'L-peptide linking' y SERINE           ?                 'C3 H7 N O3'     105.093 
THR 'L-peptide linking' y THREONINE        ?                 'C4 H9 N O3'     119.119 
TRP 'L-peptide linking' y TRYPTOPHAN       ?                 'C11 H12 N2 O2'  204.225 
TYR 'L-peptide linking' y TYROSINE         ?                 'C9 H11 N O3'    181.189 
VAL 'L-peptide linking' y VALINE           ?                 'C5 H11 N O2'    117.146 
# 
loop_
_pdbx_poly_seq_scheme.asym_id 
_pdbx_poly_seq_scheme.entity_id 
_pdbx_poly_seq_scheme.seq_id 
_pdbx_poly_seq_scheme.mon_id 
_pdbx_poly_seq_scheme.ndb_seq_num 
_pdbx_poly_seq_scheme.pdb_seq_num 
_pdbx_poly_seq_scheme.auth_seq_num 
_pdbx_poly_seq_scheme.pdb_mon_id 
_pdbx_poly_seq_scheme.auth_mon_id 
_pdbx_poly_seq_scheme.pdb_strand_id 
_pdbx_poly_seq_scheme.pdb_ins_code 
_pdbx_poly_seq_scheme.hetero 
A 1 1   GLY 1   0   ?   ?   ?   A . n 
A 1 2   MSE 2   1   ?   ?   ?   A . n 
A 1 3   PRO 3   2   ?   ?   ?   A . n 
A 1 4   ILE 4   3   ?   ?   ?   A . n 
A 1 5   PRO 5   4   ?   ?   ?   A . n 
A 1 6   LEU 6   5   ?   ?   ?   A . n 
A 1 7   GLU 7   6   ?   ?   ?   A . n 
A 1 8   LYS 8   7   ?   ?   ?   A . n 
A 1 9   GLN 9   8   8   GLN GLN A . n 
A 1 10  ASN 10  9   9   ASN ASN A . n 
A 1 11  LYS 11  10  10  LYS LYS A . n 
A 1 12  GLU 12  11  11  GLU GLU A . n 
A 1 13  ARG 13  12  12  ARG ARG A . n 
A 1 14  ARG 14  13  13  ARG ARG A . n 
A 1 15  GLN 15  14  14  GLN GLN A . n 
A 1 16  LYS 16  15  15  LYS LYS A . n 
A 1 17  ILE 17  16  16  ILE ILE A . n 
A 1 18  LEU 18  17  17  LEU LEU A . n 
A 1 19  THR 19  18  18  THR THR A . n 
A 1 20  CYS 20  19  19  CYS CYS A . n 
A 1 21  SER 21  20  20  SER SER A . n 
A 1 22  LEU 22  21  21  LEU LEU A . n 
A 1 23  ASP 23  22  22  ASP ASP A . n 
A 1 24  LEU 24  23  23  LEU LEU A . n 
A 1 25  PHE 25  24  24  PHE PHE A . n 
A 1 26  ILE 26  25  25  ILE ILE A . n 
A 1 27  GLU 27  26  26  GLU GLU A . n 
A 1 28  LYS 28  27  27  LYS LYS A . n 
A 1 29  GLY 29  28  28  GLY GLY A . n 
A 1 30  TYR 30  29  29  TYR TYR A . n 
A 1 31  TYR 31  30  30  TYR TYR A . n 
A 1 32  ASN 32  31  31  ASN ASN A . n 
A 1 33  THR 33  32  32  THR THR A . n 
A 1 34  SER 34  33  33  SER SER A . n 
A 1 35  ILE 35  34  34  ILE ILE A . n 
A 1 36  ARG 36  35  35  ARG ARG A . n 
A 1 37  ASP 37  36  36  ASP ASP A . n 
A 1 38  ILE 38  37  37  ILE ILE A . n 
A 1 39  ILE 39  38  38  ILE ILE A . n 
A 1 40  ALA 40  39  39  ALA ALA A . n 
A 1 41  LEU 41  40  40  LEU LEU A . n 
A 1 42  SER 42  41  41  SER SER A . n 
A 1 43  GLU 43  42  42  GLU GLU A . n 
A 1 44  VAL 44  43  43  VAL VAL A . n 
A 1 45  GLY 45  44  44  GLY GLY A . n 
A 1 46  THR 46  45  45  THR THR A . n 
A 1 47  GLY 47  46  46  GLY GLY A . n 
A 1 48  THR 48  47  47  THR THR A . n 
A 1 49  PHE 49  48  48  PHE PHE A . n 
A 1 50  TYR 50  49  49  TYR TYR A . n 
A 1 51  ASN 51  50  50  ASN ASN A . n 
A 1 52  TYR 52  51  51  TYR TYR A . n 
A 1 53  PHE 53  52  52  PHE PHE A . n 
A 1 54  VAL 54  53  53  VAL VAL A . n 
A 1 55  ASP 55  54  54  ASP ASP A . n 
A 1 56  LYS 56  55  55  LYS LYS A . n 
A 1 57  GLU 57  56  56  GLU GLU A . n 
A 1 58  ASP 58  57  57  ASP ASP A . n 
A 1 59  ILE 59  58  58  ILE ILE A . n 
A 1 60  LEU 60  59  59  LEU LEU A . n 
A 1 61  LYS 61  60  60  LYS LYS A . n 
A 1 62  ASN 62  61  61  ASN ASN A . n 
A 1 63  LEU 63  62  62  LEU LEU A . n 
A 1 64  LEU 64  63  63  LEU LEU A . n 
A 1 65  GLU 65  64  64  GLU GLU A . n 
A 1 66  ASP 66  65  65  ASP ASP A . n 
A 1 67  PHE 67  66  66  PHE PHE A . n 
A 1 68  ALA 68  67  67  ALA ALA A . n 
A 1 69  LYS 69  68  68  LYS LYS A . n 
A 1 70  GLN 70  69  69  GLN GLN A . n 
A 1 71  ILE 71  70  70  ILE ILE A . n 
A 1 72  ILE 72  71  71  ILE ILE A . n 
A 1 73  SER 73  72  72  SER SER A . n 
A 1 74  SER 74  73  73  SER SER A . n 
A 1 75  ILE 75  74  74  ILE ILE A . n 
A 1 76  SER 76  75  75  SER SER A . n 
A 1 77  GLU 77  76  76  GLU GLU A . n 
A 1 78  TYR 78  77  77  TYR TYR A . n 
A 1 79  TYR 79  78  78  TYR TYR A . n 
A 1 80  LEU 80  79  79  LEU LEU A . n 
A 1 81  VAL 81  80  80  VAL VAL A . n 
A 1 82  GLU 82  81  81  GLU GLU A . n 
A 1 83  LYS 83  82  82  LYS LYS A . n 
A 1 84  ASP 84  83  83  ASP ASP A . n 
A 1 85  LEU 85  84  84  LEU LEU A . n 
A 1 86  TYR 86  85  85  TYR TYR A . n 
A 1 87  GLU 87  86  86  GLU GLU A . n 
A 1 88  ARG 88  87  87  ARG ARG A . n 
A 1 89  PHE 89  88  88  PHE PHE A . n 
A 1 90  ILE 90  89  89  ILE ILE A . n 
A 1 91  GLU 91  90  90  GLU GLU A . n 
A 1 92  THR 92  91  91  THR THR A . n 
A 1 93  LYS 93  92  92  LYS LYS A . n 
A 1 94  ARG 94  93  93  ARG ARG A . n 
A 1 95  LEU 95  94  94  LEU LEU A . n 
A 1 96  THR 96  95  95  THR THR A . n 
A 1 97  MSE 97  96  96  MSE MSE A . n 
A 1 98  GLU 98  97  97  GLU GLU A . n 
A 1 99  VAL 99  98  98  VAL VAL A . n 
A 1 100 PHE 100 99  99  PHE PHE A . n 
A 1 101 ALA 101 100 100 ALA ALA A . n 
A 1 102 GLN 102 101 101 GLN GLN A . n 
A 1 103 ASN 103 102 102 ASN ASN A . n 
A 1 104 GLU 104 103 103 GLU GLU A . n 
A 1 105 THR 105 104 104 THR THR A . n 
A 1 106 LEU 106 105 105 LEU LEU A . n 
A 1 107 SER 107 106 106 SER SER A . n 
A 1 108 GLU 108 107 107 GLU GLU A . n 
A 1 109 ILE 109 108 108 ILE ILE A . n 
A 1 110 TYR 110 109 109 TYR TYR A . n 
A 1 111 SER 111 110 110 SER SER A . n 
A 1 112 ARG 112 111 111 ARG ARG A . n 
A 1 113 VAL 113 112 112 VAL VAL A . n 
A 1 114 ALA 114 113 113 ALA ALA A . n 
A 1 115 GLY 115 114 114 GLY GLY A . n 
A 1 116 SER 116 115 115 SER SER A . n 
A 1 117 SER 117 116 116 SER SER A . n 
A 1 118 ALA 118 117 117 ALA ALA A . n 
A 1 119 PRO 119 118 118 PRO PRO A . n 
A 1 120 ILE 120 119 119 ILE ILE A . n 
A 1 121 ASP 121 120 120 ASP ASP A . n 
A 1 122 GLN 122 121 121 GLN GLN A . n 
A 1 123 CYS 123 122 122 CYS CYS A . n 
A 1 124 LEU 124 123 123 LEU LEU A . n 
A 1 125 LYS 125 124 124 LYS LYS A . n 
A 1 126 GLN 126 125 125 GLN GLN A . n 
A 1 127 PHE 127 126 126 PHE PHE A . n 
A 1 128 GLU 128 127 127 GLU GLU A . n 
A 1 129 ASP 129 128 128 ASP ASP A . n 
A 1 130 ARG 130 129 129 ARG ARG A . n 
A 1 131 LEU 131 130 130 LEU LEU A . n 
A 1 132 LEU 132 131 131 LEU LEU A . n 
A 1 133 GLU 133 132 132 GLU GLU A . n 
A 1 134 PHE 134 133 133 PHE PHE A . n 
A 1 135 TYR 135 134 134 TYR TYR A . n 
A 1 136 SER 136 135 135 SER SER A . n 
A 1 137 ARG 137 136 136 ARG ARG A . n 
A 1 138 ASN 138 137 137 ASN ASN A . n 
A 1 139 ILE 139 138 138 ILE ILE A . n 
A 1 140 GLU 140 139 139 GLU GLU A . n 
A 1 141 TYR 141 140 140 TYR TYR A . n 
A 1 142 GLY 142 141 141 GLY GLY A . n 
A 1 143 ILE 143 142 142 ILE ILE A . n 
A 1 144 LYS 144 143 143 LYS LYS A . n 
A 1 145 LYS 145 144 144 LYS LYS A . n 
A 1 146 GLY 146 145 145 GLY GLY A . n 
A 1 147 VAL 147 146 146 VAL VAL A . n 
A 1 148 PHE 148 147 147 PHE PHE A . n 
A 1 149 LYS 149 148 148 LYS LYS A . n 
A 1 150 ASN 150 149 149 ASN ASN A . n 
A 1 151 VAL 151 150 150 VAL VAL A . n 
A 1 152 PRO 152 151 151 PRO PRO A . n 
A 1 153 VAL 153 152 152 VAL VAL A . n 
A 1 154 SER 154 153 153 SER SER A . n 
A 1 155 PRO 155 154 154 PRO PRO A . n 
A 1 156 ILE 156 155 155 ILE ILE A . n 
A 1 157 ALA 157 156 156 ALA ALA A . n 
A 1 158 HIS 158 157 157 HIS HIS A . n 
A 1 159 SER 159 158 158 SER SER A . n 
A 1 160 ILE 160 159 159 ILE ILE A . n 
A 1 161 LEU 161 160 160 LEU LEU A . n 
A 1 162 ALA 162 161 161 ALA ALA A . n 
A 1 163 ILE 163 162 162 ILE ILE A . n 
A 1 164 GLU 164 163 163 GLU GLU A . n 
A 1 165 LYS 165 164 164 LYS LYS A . n 
A 1 166 PHE 166 165 165 PHE PHE A . n 
A 1 167 SER 167 166 166 SER SER A . n 
A 1 168 LEU 168 167 167 LEU LEU A . n 
A 1 169 TYR 169 168 168 TYR TYR A . n 
A 1 170 LYS 170 169 169 LYS LYS A . n 
A 1 171 TRP 171 170 170 TRP TRP A . n 
A 1 172 VAL 172 171 171 VAL VAL A . n 
A 1 173 VAL 173 172 172 VAL VAL A . n 
A 1 174 LEU 174 173 173 LEU LEU A . n 
A 1 175 LYS 175 174 174 LYS LYS A . n 
A 1 176 ALA 176 175 175 ALA ALA A . n 
A 1 177 ILE 177 176 176 ILE ILE A . n 
A 1 178 THR 178 177 177 THR THR A . n 
A 1 179 LYS 179 178 178 LYS LYS A . n 
A 1 180 GLU 180 179 179 GLU GLU A . n 
A 1 181 GLU 181 180 180 GLU GLU A . n 
A 1 182 MSE 182 181 181 MSE MSE A . n 
A 1 183 ILE 183 182 182 ILE ILE A . n 
A 1 184 GLU 184 183 183 GLU GLU A . n 
A 1 185 MSE 185 184 184 MSE MSE A . n 
A 1 186 VAL 186 185 185 VAL VAL A . n 
A 1 187 LEU 187 186 186 LEU LEU A . n 
A 1 188 SER 188 187 187 SER SER A . n 
A 1 189 PHE 189 188 188 PHE PHE A . n 
A 1 190 HIS 190 189 189 HIS HIS A . n 
A 1 191 LYS 191 190 190 LYS LYS A . n 
A 1 192 THR 192 191 191 THR THR A . n 
A 1 193 LEU 193 192 192 LEU LEU A . n 
A 1 194 ALA 194 193 193 ALA ALA A . n 
A 1 195 VAL 195 194 194 VAL VAL A . n 
A 1 196 GLY 196 195 195 GLY GLY A . n 
A 1 197 LEU 197 196 196 LEU LEU A . n 
A 1 198 LEU 198 197 197 LEU LEU A . n 
A 1 199 VAL 199 198 198 VAL VAL A . n 
A 1 200 VAL 200 199 199 VAL VAL A . n 
A 1 201 ASN 201 200 200 ASN ASN A . n 
A 1 202 ASP 202 201 ?   ?   ?   A . n 
# 
loop_
_pdbx_nonpoly_scheme.asym_id 
_pdbx_nonpoly_scheme.entity_id 
_pdbx_nonpoly_scheme.mon_id 
_pdbx_nonpoly_scheme.ndb_seq_num 
_pdbx_nonpoly_scheme.pdb_seq_num 
_pdbx_nonpoly_scheme.auth_seq_num 
_pdbx_nonpoly_scheme.pdb_mon_id 
_pdbx_nonpoly_scheme.auth_mon_id 
_pdbx_nonpoly_scheme.pdb_strand_id 
_pdbx_nonpoly_scheme.pdb_ins_code 
B 2 EDO 1  202 1  EDO EDO A . 
C 3 HOH 1  203 2  HOH HOH A . 
C 3 HOH 2  204 3  HOH HOH A . 
C 3 HOH 3  205 4  HOH HOH A . 
C 3 HOH 4  206 5  HOH HOH A . 
C 3 HOH 5  207 6  HOH HOH A . 
C 3 HOH 6  208 7  HOH HOH A . 
C 3 HOH 7  209 8  HOH HOH A . 
C 3 HOH 8  210 9  HOH HOH A . 
C 3 HOH 9  211 10 HOH HOH A . 
C 3 HOH 10 212 11 HOH HOH A . 
C 3 HOH 11 213 12 HOH HOH A . 
C 3 HOH 12 214 13 HOH HOH A . 
C 3 HOH 13 215 14 HOH HOH A . 
C 3 HOH 14 216 15 HOH HOH A . 
C 3 HOH 15 217 16 HOH HOH A . 
C 3 HOH 16 218 17 HOH HOH A . 
C 3 HOH 17 219 18 HOH HOH A . 
C 3 HOH 18 220 19 HOH HOH A . 
C 3 HOH 19 221 20 HOH HOH A . 
C 3 HOH 20 222 21 HOH HOH A . 
C 3 HOH 21 223 22 HOH HOH A . 
C 3 HOH 22 224 23 HOH HOH A . 
C 3 HOH 23 225 24 HOH HOH A . 
C 3 HOH 24 226 25 HOH HOH A . 
C 3 HOH 25 227 26 HOH HOH A . 
C 3 HOH 26 228 27 HOH HOH A . 
C 3 HOH 27 229 28 HOH HOH A . 
C 3 HOH 28 230 29 HOH HOH A . 
C 3 HOH 29 231 30 HOH HOH A . 
C 3 HOH 30 232 31 HOH HOH A . 
C 3 HOH 31 233 32 HOH HOH A . 
C 3 HOH 32 234 33 HOH HOH A . 
C 3 HOH 33 235 34 HOH HOH A . 
C 3 HOH 34 236 35 HOH HOH A . 
C 3 HOH 35 237 36 HOH HOH A . 
C 3 HOH 36 238 37 HOH HOH A . 
C 3 HOH 37 239 38 HOH HOH A . 
C 3 HOH 38 240 39 HOH HOH A . 
C 3 HOH 39 241 40 HOH HOH A . 
C 3 HOH 40 242 41 HOH HOH A . 
C 3 HOH 41 243 42 HOH HOH A . 
C 3 HOH 42 244 43 HOH HOH A . 
C 3 HOH 43 245 44 HOH HOH A . 
C 3 HOH 44 246 45 HOH HOH A . 
C 3 HOH 45 247 46 HOH HOH A . 
C 3 HOH 46 248 47 HOH HOH A . 
C 3 HOH 47 249 48 HOH HOH A . 
C 3 HOH 48 250 49 HOH HOH A . 
C 3 HOH 49 251 50 HOH HOH A . 
C 3 HOH 50 252 51 HOH HOH A . 
C 3 HOH 51 253 52 HOH HOH A . 
C 3 HOH 52 254 53 HOH HOH A . 
C 3 HOH 53 255 54 HOH HOH A . 
C 3 HOH 54 256 55 HOH HOH A . 
C 3 HOH 55 257 56 HOH HOH A . 
C 3 HOH 56 258 57 HOH HOH A . 
C 3 HOH 57 259 58 HOH HOH A . 
C 3 HOH 58 260 59 HOH HOH A . 
C 3 HOH 59 261 60 HOH HOH A . 
C 3 HOH 60 262 61 HOH HOH A . 
C 3 HOH 61 263 62 HOH HOH A . 
C 3 HOH 62 264 63 HOH HOH A . 
C 3 HOH 63 265 64 HOH HOH A . 
C 3 HOH 64 266 65 HOH HOH A . 
C 3 HOH 65 267 66 HOH HOH A . 
# 
loop_
_pdbx_unobs_or_zero_occ_atoms.id 
_pdbx_unobs_or_zero_occ_atoms.PDB_model_num 
_pdbx_unobs_or_zero_occ_atoms.polymer_flag 
_pdbx_unobs_or_zero_occ_atoms.occupancy_flag 
_pdbx_unobs_or_zero_occ_atoms.auth_asym_id 
_pdbx_unobs_or_zero_occ_atoms.auth_comp_id 
_pdbx_unobs_or_zero_occ_atoms.auth_seq_id 
_pdbx_unobs_or_zero_occ_atoms.PDB_ins_code 
_pdbx_unobs_or_zero_occ_atoms.auth_atom_id 
_pdbx_unobs_or_zero_occ_atoms.label_alt_id 
_pdbx_unobs_or_zero_occ_atoms.label_asym_id 
_pdbx_unobs_or_zero_occ_atoms.label_comp_id 
_pdbx_unobs_or_zero_occ_atoms.label_seq_id 
_pdbx_unobs_or_zero_occ_atoms.label_atom_id 
1  1 Y 1 A GLN 8   ? CG  ? A GLN 9   CG  
2  1 Y 1 A GLN 8   ? CD  ? A GLN 9   CD  
3  1 Y 1 A GLN 8   ? OE1 ? A GLN 9   OE1 
4  1 Y 1 A GLN 8   ? NE2 ? A GLN 9   NE2 
5  1 Y 1 A LYS 10  ? CG  ? A LYS 11  CG  
6  1 Y 1 A LYS 10  ? CD  ? A LYS 11  CD  
7  1 Y 1 A LYS 10  ? CE  ? A LYS 11  CE  
8  1 Y 1 A LYS 10  ? NZ  ? A LYS 11  NZ  
9  1 Y 1 A ARG 35  ? CG  ? A ARG 36  CG  
10 1 Y 1 A ARG 35  ? CD  ? A ARG 36  CD  
11 1 Y 1 A ARG 35  ? NE  ? A ARG 36  NE  
12 1 Y 1 A ARG 35  ? CZ  ? A ARG 36  CZ  
13 1 Y 1 A ARG 35  ? NH1 ? A ARG 36  NH1 
14 1 Y 1 A ARG 35  ? NH2 ? A ARG 36  NH2 
15 1 Y 1 A GLU 132 ? CD  ? A GLU 133 CD  
16 1 Y 1 A GLU 132 ? OE1 ? A GLU 133 OE1 
17 1 Y 1 A GLU 132 ? OE2 ? A GLU 133 OE2 
18 1 Y 1 A GLU 183 ? CD  ? A GLU 184 CD  
19 1 Y 1 A GLU 183 ? OE1 ? A GLU 184 OE1 
20 1 Y 1 A GLU 183 ? OE2 ? A GLU 184 OE2 
# 
loop_
_software.name 
_software.version 
_software.date 
_software.type 
_software.contact_author 
_software.contact_author_email 
_software.classification 
_software.location 
_software.language 
_software.citation_id 
_software.pdbx_ordinal 
REFMAC      5.5.0102 ?               program 'Garib N. Murshudov'         garib@ysbl.york.ac.uk                refinement        
http://www.ccp4.ac.uk/dist/html/refmac5.html                                Fortran_77 ? 1 
PHENIX      .        ?               package 'P.D. Adams'                 PDAdams@lbl.gov                      refinement        
http://www.phenix-online.org/                                               C++        ? 2 
SHELX       .        ?               package 'George M. Sheldrick'        gsheldr@shelx.uni-ac.gwdg.de         phasing           
http://shelx.uni-ac.gwdg.de/SHELX/                                          Fortran_77 ? 3 
MolProbity  3beta29  ?               package 'D.C. & J.S. Richardson lab' molprobity@kinemage.biochem.duke.edu 'model building'  
http://kinemage.biochem.duke.edu/molprobity/                                ?          ? 4 
XSCALE      .        ?               package 'Wolfgang Kabsch'            ?                                    'data scaling'    
http://www.mpimf-heidelberg.mpg.de/~kabsch/xds/html_doc/xscale_program.html ?          ? 5 
PDB_EXTRACT 3.006    'June 11, 2008' package PDB                          help@deposit.rcsb.org                'data extraction' 
http://sw-tools.pdb.org/apps/PDB_EXTRACT/                                   C++        ? 6 
XDS         .        ?               ?       ?                            ?                                    'data reduction'  ? 
?          ? 7 
SHELXD      .        ?               ?       ?                            ?                                    phasing           ? 
?          ? 8 
autoSHARP   .        ?               ?       ?                            ?                                    phasing           ? 
?          ? 9 
# 
_cell.entry_id           3LWJ 
_cell.length_a           68.184 
_cell.length_b           68.184 
_cell.length_c           75.710 
_cell.angle_alpha        90.000 
_cell.angle_beta         90.000 
_cell.angle_gamma        120.000 
_cell.pdbx_unique_axis   ? 
_cell.Z_PDB              6 
_cell.length_a_esd       ? 
_cell.length_b_esd       ? 
_cell.length_c_esd       ? 
_cell.angle_alpha_esd    ? 
_cell.angle_beta_esd     ? 
_cell.angle_gamma_esd    ? 
# 
_symmetry.entry_id                         3LWJ 
_symmetry.Int_Tables_number                154 
_symmetry.space_group_name_H-M             'P 32 2 1' 
_symmetry.pdbx_full_space_group_name_H-M   ? 
_symmetry.cell_setting                     ? 
_symmetry.space_group_name_Hall            ? 
# 
_exptl.crystals_number   1 
_exptl.method            'X-RAY DIFFRACTION' 
_exptl.entry_id          3LWJ 
# 
_exptl_crystal.id                    1 
_exptl_crystal.density_Matthews      2.15 
_exptl_crystal.density_meas          ? 
_exptl_crystal.density_percent_sol   42.78 
_exptl_crystal.description           ? 
_exptl_crystal.F_000                 ? 
_exptl_crystal.preparation           ? 
# 
_exptl_crystal_grow.crystal_id      1 
_exptl_crystal_grow.method          'VAPOR DIFFUSION, SITTING DROP' 
_exptl_crystal_grow.pH              4.3 
_exptl_crystal_grow.temp            277 
_exptl_crystal_grow.pdbx_details    
'25.0000% Ethylene-Glycol, No Buffer pH 4.3, NANODROP, VAPOR DIFFUSION, SITTING DROP, temperature 277K' 
_exptl_crystal_grow.temp_details    ? 
_exptl_crystal_grow.pdbx_pH_range   ? 
# 
_diffrn.id                     1 
_diffrn.ambient_temp           100 
_diffrn.ambient_temp_details   ? 
_diffrn.crystal_id             1 
# 
_diffrn_detector.diffrn_id              1 
_diffrn_detector.detector               CCD 
_diffrn_detector.type                   'MARMOSAIC 325 mm CCD' 
_diffrn_detector.details                'Flat collimating mirror, toroid focusing mirror' 
_diffrn_detector.pdbx_collection_date   2010-01-25 
# 
_diffrn_radiation.diffrn_id                        1 
_diffrn_radiation.pdbx_monochromatic_or_laue_m_l   M 
_diffrn_radiation.monochromator                    'Double crystal monochromator' 
_diffrn_radiation.pdbx_diffrn_protocol             'SINGLE WAVELENGTH' 
_diffrn_radiation.wavelength_id                    1 
_diffrn_radiation.pdbx_scattering_type             x-ray 
# 
_diffrn_radiation_wavelength.id           1 
_diffrn_radiation_wavelength.wavelength   0.97898 
_diffrn_radiation_wavelength.wt           1.0 
# 
_diffrn_source.diffrn_id                   1 
_diffrn_source.source                      SYNCHROTRON 
_diffrn_source.pdbx_synchrotron_beamline   BL9-2 
_diffrn_source.type                        'SSRL BEAMLINE BL9-2' 
_diffrn_source.pdbx_wavelength             0.97898 
_diffrn_source.pdbx_wavelength_list        ? 
_diffrn_source.pdbx_synchrotron_site       SSRL 
# 
_reflns.entry_id                     3LWJ 
_reflns.d_resolution_high            2.07 
_reflns.number_obs                   12714 
_reflns.pdbx_Rmerge_I_obs            0.078 
_reflns.pdbx_netI_over_sigmaI        17.450 
_reflns.percent_possible_obs         99.000 
_reflns.B_iso_Wilson_estimate        42.439 
_reflns.observed_criterion_sigma_I   -3.00 
_reflns.observed_criterion_sigma_F   ? 
_reflns.d_resolution_low             59.05 
_reflns.number_all                   ? 
_reflns.pdbx_Rsym_value              ? 
_reflns.pdbx_redundancy              ? 
_reflns.R_free_details               ? 
_reflns.limit_h_max                  ? 
_reflns.limit_h_min                  ? 
_reflns.limit_k_max                  ? 
_reflns.limit_k_min                  ? 
_reflns.limit_l_max                  ? 
_reflns.limit_l_min                  ? 
_reflns.observed_criterion_F_max     ? 
_reflns.observed_criterion_F_min     ? 
_reflns.pdbx_chi_squared             ? 
_reflns.pdbx_scaling_rejects         ? 
_reflns.pdbx_ordinal                 1 
_reflns.pdbx_diffrn_id               1 
# 
loop_
_reflns_shell.d_res_high 
_reflns_shell.d_res_low 
_reflns_shell.number_measured_obs 
_reflns_shell.number_measured_all 
_reflns_shell.number_unique_obs 
_reflns_shell.Rmerge_I_obs 
_reflns_shell.meanI_over_sigI_obs 
_reflns_shell.pdbx_Rsym_value 
_reflns_shell.pdbx_chi_squared 
_reflns_shell.pdbx_redundancy 
_reflns_shell.percent_possible_obs 
_reflns_shell.number_unique_all 
_reflns_shell.percent_possible_all 
_reflns_shell.pdbx_ordinal 
_reflns_shell.pdbx_diffrn_id 
2.07 2.14  9698  ? 1150 0.013 2.3  ? ? ? ? ? 96.30  1  1 
2.14 2.23  11906 ? 1320 0.013 4.0  ? ? ? ? ? 99.90  2  1 
2.23 2.33  9309  ? 1196 0.013 5.2  ? ? ? ? ? 96.20  3  1 
2.33 2.45  11323 ? 1237 0.013 7.3  ? ? ? ? ? 100.00 4  1 
2.45 2.61  12099 ? 1328 0.013 10.1 ? ? ? ? ? 100.00 5  1 
2.61 2.81  12527 ? 1251 0.013 13.6 ? ? ? ? ? 99.20  6  1 
2.81 3.09  15601 ? 1265 0.013 20.6 ? ? ? ? ? 100.00 7  1 
3.09 3.53  17059 ? 1267 0.013 27.7 ? ? ? ? ? 99.50  8  1 
3.53 4.44  15938 ? 1287 0.013 36.3 ? ? ? ? ? 98.50  9  1 
4.44 59.05 18428 ? 1400 0.013 43.0 ? ? ? ? ? 99.60  10 1 
# 
_refine.entry_id                                 3LWJ 
_refine.ls_d_res_high                            2.070 
_refine.ls_d_res_low                             59.050 
_refine.pdbx_ls_sigma_F                          0.00 
_refine.pdbx_data_cutoff_high_absF               ? 
_refine.pdbx_data_cutoff_low_absF                ? 
_refine.ls_percent_reflns_obs                    99.240 
_refine.ls_number_reflns_obs                     12714 
_refine.ls_number_reflns_all                     ? 
_refine.pdbx_ls_cross_valid_method               THROUGHOUT 
_refine.pdbx_R_Free_selection_details            RANDOM 
_refine.details                                  ? 
_refine.ls_R_factor_all                          ? 
_refine.ls_R_factor_obs                          0.190 
_refine.ls_R_factor_R_work                       0.188 
_refine.ls_wR_factor_R_work                      ? 
_refine.ls_R_factor_R_free                       0.234 
_refine.ls_wR_factor_R_free                      ? 
_refine.ls_percent_reflns_R_free                 4.900 
_refine.ls_number_reflns_R_free                  620 
_refine.ls_R_factor_R_free_error                 ? 
_refine.B_iso_mean                               29.327 
_refine.solvent_model_param_bsol                 ? 
_refine.solvent_model_param_ksol                 ? 
_refine.pdbx_isotropic_thermal_model             ? 
_refine.aniso_B[1][1]                            0.350 
_refine.aniso_B[2][2]                            0.350 
_refine.aniso_B[3][3]                            -0.530 
_refine.aniso_B[1][2]                            0.180 
_refine.aniso_B[1][3]                            0.000 
_refine.aniso_B[2][3]                            0.000 
_refine.correlation_coeff_Fo_to_Fc               0.959 
_refine.correlation_coeff_Fo_to_Fc_free          0.940 
_refine.overall_SU_R_Cruickshank_DPI             ? 
_refine.overall_SU_R_free                        ? 
_refine.pdbx_overall_ESU_R                       0.221 
_refine.pdbx_overall_ESU_R_Free                  0.184 
_refine.overall_SU_ML                            0.143 
_refine.overall_SU_B                             12.122 
_refine.solvent_model_details                    MASK 
_refine.pdbx_solvent_vdw_probe_radii             1.200 
_refine.pdbx_solvent_ion_probe_radii             0.800 
_refine.pdbx_solvent_shrinkage_radii             0.800 
_refine.ls_number_parameters                     ? 
_refine.ls_number_restraints                     ? 
_refine.pdbx_method_to_determine_struct          SAD 
_refine.pdbx_stereochemistry_target_values       'MAXIMUM LIKELIHOOD WITH PHASES' 
_refine.pdbx_stereochem_target_val_spec_case     ? 
_refine.overall_FOM_work_R_set                   ? 
_refine.B_iso_max                                65.79 
_refine.B_iso_min                                8.41 
_refine.occupancy_max                            1.00 
_refine.occupancy_min                            0.30 
_refine.pdbx_ls_sigma_I                          ? 
_refine.ls_redundancy_reflns_obs                 ? 
_refine.ls_R_factor_R_free_error_details         ? 
_refine.pdbx_starting_model                      ? 
_refine.pdbx_data_cutoff_high_rms_absF           ? 
_refine.overall_FOM_free_R_set                   ? 
_refine.pdbx_overall_phase_error                 ? 
_refine.pdbx_refine_id                           'X-RAY DIFFRACTION' 
_refine.pdbx_TLS_residual_ADP_flag               'LIKELY RESIDUAL' 
_refine.pdbx_diffrn_id                           1 
_refine.pdbx_overall_SU_R_free_Cruickshank_DPI   ? 
_refine.pdbx_overall_SU_R_Blow_DPI               ? 
_refine.pdbx_overall_SU_R_free_Blow_DPI          ? 
# 
_refine_hist.pdbx_refine_id                   'X-RAY DIFFRACTION' 
_refine_hist.cycle_id                         LAST 
_refine_hist.pdbx_number_atoms_protein        1562 
_refine_hist.pdbx_number_atoms_nucleic_acid   0 
_refine_hist.pdbx_number_atoms_ligand         4 
_refine_hist.number_atoms_solvent             65 
_refine_hist.number_atoms_total               1631 
_refine_hist.d_res_high                       2.070 
_refine_hist.d_res_low                        59.050 
# 
loop_
_refine_ls_restr.type 
_refine_ls_restr.pdbx_refine_id 
_refine_ls_restr.number 
_refine_ls_restr.dev_ideal 
_refine_ls_restr.dev_ideal_target 
_refine_ls_restr.weight 
_refine_ls_restr.pdbx_restraint_function 
r_bond_refined_d       'X-RAY DIFFRACTION' 1647 0.016  0.022  ? ? 
r_bond_other_d         'X-RAY DIFFRACTION' 1127 0.001  0.020  ? ? 
r_angle_refined_deg    'X-RAY DIFFRACTION' 2236 1.434  1.975  ? ? 
r_angle_other_deg      'X-RAY DIFFRACTION' 2771 0.928  3.000  ? ? 
r_dihedral_angle_1_deg 'X-RAY DIFFRACTION' 210  4.741  5.000  ? ? 
r_dihedral_angle_2_deg 'X-RAY DIFFRACTION' 74   38.894 24.459 ? ? 
r_dihedral_angle_3_deg 'X-RAY DIFFRACTION' 315  14.091 15.000 ? ? 
r_dihedral_angle_4_deg 'X-RAY DIFFRACTION' 8    21.194 15.000 ? ? 
r_chiral_restr         'X-RAY DIFFRACTION' 262  0.078  0.200  ? ? 
r_gen_planes_refined   'X-RAY DIFFRACTION' 1801 0.006  0.020  ? ? 
r_gen_planes_other     'X-RAY DIFFRACTION' 338  0.001  0.020  ? ? 
r_mcbond_it            'X-RAY DIFFRACTION' 987  1.806  3.000  ? ? 
r_mcbond_other         'X-RAY DIFFRACTION' 398  0.518  3.000  ? ? 
r_mcangle_it           'X-RAY DIFFRACTION' 1616 2.946  5.000  ? ? 
r_scbond_it            'X-RAY DIFFRACTION' 660  5.179  8.000  ? ? 
r_scangle_it           'X-RAY DIFFRACTION' 611  7.134  11.000 ? ? 
# 
_refine_ls_shell.d_res_high                       2.070 
_refine_ls_shell.d_res_low                        2.124 
_refine_ls_shell.pdbx_total_number_of_bins_used   20 
_refine_ls_shell.percent_reflns_obs               97.440 
_refine_ls_shell.number_reflns_R_work             869 
_refine_ls_shell.R_factor_all                     ? 
_refine_ls_shell.R_factor_R_work                  0.328 
_refine_ls_shell.R_factor_R_free                  0.372 
_refine_ls_shell.percent_reflns_R_free            ? 
_refine_ls_shell.number_reflns_R_free             43 
_refine_ls_shell.R_factor_R_free_error            ? 
_refine_ls_shell.number_reflns_all                912 
_refine_ls_shell.number_reflns_obs                ? 
_refine_ls_shell.redundancy_reflns_obs            ? 
_refine_ls_shell.pdbx_refine_id                   'X-RAY DIFFRACTION' 
# 
_struct.entry_id                  3LWJ 
_struct.title                     
;Crystal structure of Putative TetR-family transcriptional regulator (YP_752756.1) from Syntrophomonas wolfei str. Goettingen at 2.07 A resolution
;
_struct.pdbx_model_details        ? 
_struct.pdbx_CASP_flag            ? 
_struct.pdbx_model_type_details   ? 
# 
_struct_keywords.text            
;Putative TetR-family transcriptional regulator, Structural Genomics, Joint Center for Structural Genomics, JCSG, Protein Structure Initiative, PSI-2, DNA-binding, Transcription, Transcription regulation, Bacterial regulatory proteins, tetR family, Transcription regulator
;
_struct_keywords.pdbx_keywords   'Transcription regulator' 
_struct_keywords.entry_id        3LWJ 
# 
loop_
_struct_asym.id 
_struct_asym.pdbx_blank_PDB_chainid_flag 
_struct_asym.pdbx_modified 
_struct_asym.entity_id 
_struct_asym.details 
A N N 1 ? 
B N N 2 ? 
C N N 3 ? 
# 
_struct_ref.id                         1 
_struct_ref.db_name                    UNP 
_struct_ref.db_code                    Q0B0W9_SYNWW 
_struct_ref.pdbx_db_accession          Q0B0W9 
_struct_ref.entity_id                  1 
_struct_ref.pdbx_seq_one_letter_code   
;MPIPLEKQNKERRQKILTCSLDLFIEKGYYNTSIRDIIALSEVGTGTFYNYFVDKEDILKNLLEDFAKQIISSISEYYLV
EKDLYERFIETKRLTMEVFAQNETLSEIYSRVAGSSAPIDQCLKQFEDRLLEFYSRNIEYGIKKGVFKNVPVSPIAHSIL
AIEKFSLYKWVVLKAITKEEMIEMVLSFHKTLAVGLLVVND
;
_struct_ref.pdbx_align_begin           1 
_struct_ref.pdbx_db_isoform            ? 
# 
_struct_ref_seq.align_id                      1 
_struct_ref_seq.ref_id                        1 
_struct_ref_seq.pdbx_PDB_id_code              3LWJ 
_struct_ref_seq.pdbx_strand_id                A 
_struct_ref_seq.seq_align_beg                 2 
_struct_ref_seq.pdbx_seq_align_beg_ins_code   ? 
_struct_ref_seq.seq_align_end                 202 
_struct_ref_seq.pdbx_seq_align_end_ins_code   ? 
_struct_ref_seq.pdbx_db_accession             Q0B0W9 
_struct_ref_seq.db_align_beg                  1 
_struct_ref_seq.pdbx_db_align_beg_ins_code    ? 
_struct_ref_seq.db_align_end                  201 
_struct_ref_seq.pdbx_db_align_end_ins_code    ? 
_struct_ref_seq.pdbx_auth_seq_align_beg       1 
_struct_ref_seq.pdbx_auth_seq_align_end       201 
# 
_struct_ref_seq_dif.align_id                     1 
_struct_ref_seq_dif.pdbx_pdb_id_code             3LWJ 
_struct_ref_seq_dif.mon_id                       GLY 
_struct_ref_seq_dif.pdbx_pdb_strand_id           A 
_struct_ref_seq_dif.seq_num                      1 
_struct_ref_seq_dif.pdbx_pdb_ins_code            ? 
_struct_ref_seq_dif.pdbx_seq_db_name             UNP 
_struct_ref_seq_dif.pdbx_seq_db_accession_code   Q0B0W9 
_struct_ref_seq_dif.db_mon_id                    ? 
_struct_ref_seq_dif.pdbx_seq_db_seq_num          ? 
_struct_ref_seq_dif.details                      'expression tag' 
_struct_ref_seq_dif.pdbx_auth_seq_num            0 
_struct_ref_seq_dif.pdbx_ordinal                 1 
# 
_pdbx_struct_assembly.id                   1 
_pdbx_struct_assembly.details              author_and_software_defined_assembly 
_pdbx_struct_assembly.method_details       PISA 
_pdbx_struct_assembly.oligomeric_details   dimeric 
_pdbx_struct_assembly.oligomeric_count     2 
# 
loop_
_pdbx_struct_assembly_prop.biol_id 
_pdbx_struct_assembly_prop.type 
_pdbx_struct_assembly_prop.value 
_pdbx_struct_assembly_prop.details 
1 'ABSA (A^2)' 4640  ? 
1 MORE         -22   ? 
1 'SSA (A^2)'  16630 ? 
# 
_pdbx_struct_assembly_gen.assembly_id       1 
_pdbx_struct_assembly_gen.oper_expression   1,2 
_pdbx_struct_assembly_gen.asym_id_list      A,B,C 
# 
loop_
_pdbx_struct_oper_list.id 
_pdbx_struct_oper_list.type 
_pdbx_struct_oper_list.name 
_pdbx_struct_oper_list.symmetry_operation 
_pdbx_struct_oper_list.matrix[1][1] 
_pdbx_struct_oper_list.matrix[1][2] 
_pdbx_struct_oper_list.matrix[1][3] 
_pdbx_struct_oper_list.vector[1] 
_pdbx_struct_oper_list.matrix[2][1] 
_pdbx_struct_oper_list.matrix[2][2] 
_pdbx_struct_oper_list.matrix[2][3] 
_pdbx_struct_oper_list.vector[2] 
_pdbx_struct_oper_list.matrix[3][1] 
_pdbx_struct_oper_list.matrix[3][2] 
_pdbx_struct_oper_list.matrix[3][3] 
_pdbx_struct_oper_list.vector[3] 
1 'identity operation'         1_555 x,y,z  1.0000000000  0.0000000000  0.0000000000 0.0000000000   0.0000000000  1.0000000000  0.0000000000  0.0000000000   0.0000000000 0.0000000000  1.0000000000 0.0000000000 
2 'crystal symmetry operation' 4_555 y,x,-z -0.3311264017 -0.3264200938 0.8853277520 -16.3480735539 -0.3264200938 -0.8407022225 -0.4320528850 -18.2428229962 0.8853277520 -0.4320528850 0.1718286242 5.6250024665 
# 
_struct_biol.id        1 
_struct_biol.details   ? 
# 
loop_
_struct_conf.conf_type_id 
_struct_conf.id 
_struct_conf.pdbx_PDB_helix_id 
_struct_conf.beg_label_comp_id 
_struct_conf.beg_label_asym_id 
_struct_conf.beg_label_seq_id 
_struct_conf.pdbx_beg_PDB_ins_code 
_struct_conf.end_label_comp_id 
_struct_conf.end_label_asym_id 
_struct_conf.end_label_seq_id 
_struct_conf.pdbx_end_PDB_ins_code 
_struct_conf.beg_auth_comp_id 
_struct_conf.beg_auth_asym_id 
_struct_conf.beg_auth_seq_id 
_struct_conf.end_auth_comp_id 
_struct_conf.end_auth_asym_id 
_struct_conf.end_auth_seq_id 
_struct_conf.pdbx_PDB_helix_class 
_struct_conf.details 
_struct_conf.pdbx_PDB_helix_length 
HELX_P HELX_P1 1 GLN A 9   ? GLY A 29  ? GLN A 8   GLY A 28  1 ? 21 
HELX_P HELX_P2 2 SER A 34  ? GLU A 43  ? SER A 33  GLU A 42  1 ? 10 
HELX_P HELX_P3 3 GLY A 45  ? PHE A 53  ? GLY A 44  PHE A 52  1 ? 9  
HELX_P HELX_P4 4 ASP A 55  ? LEU A 80  ? ASP A 54  LEU A 79  1 ? 26 
HELX_P HELX_P5 5 ASP A 84  ? ASN A 103 ? ASP A 83  ASN A 102 1 ? 20 
HELX_P HELX_P6 6 ASN A 103 ? ALA A 114 ? ASN A 102 ALA A 113 1 ? 12 
HELX_P HELX_P7 7 SER A 117 ? LYS A 145 ? SER A 116 LYS A 144 1 ? 29 
HELX_P HELX_P8 8 PRO A 152 ? VAL A 173 ? PRO A 151 VAL A 172 1 ? 22 
HELX_P HELX_P9 9 THR A 178 ? GLY A 196 ? THR A 177 GLY A 195 1 ? 19 
# 
_struct_conf_type.id          HELX_P 
_struct_conf_type.criteria    ? 
_struct_conf_type.reference   ? 
# 
loop_
_struct_conn.id 
_struct_conn.conn_type_id 
_struct_conn.pdbx_leaving_atom_flag 
_struct_conn.pdbx_PDB_id 
_struct_conn.ptnr1_label_asym_id 
_struct_conn.ptnr1_label_comp_id 
_struct_conn.ptnr1_label_seq_id 
_struct_conn.ptnr1_label_atom_id 
_struct_conn.pdbx_ptnr1_label_alt_id 
_struct_conn.pdbx_ptnr1_PDB_ins_code 
_struct_conn.pdbx_ptnr1_standard_comp_id 
_struct_conn.ptnr1_symmetry 
_struct_conn.ptnr2_label_asym_id 
_struct_conn.ptnr2_label_comp_id 
_struct_conn.ptnr2_label_seq_id 
_struct_conn.ptnr2_label_atom_id 
_struct_conn.pdbx_ptnr2_label_alt_id 
_struct_conn.pdbx_ptnr2_PDB_ins_code 
_struct_conn.ptnr1_auth_asym_id 
_struct_conn.ptnr1_auth_comp_id 
_struct_conn.ptnr1_auth_seq_id 
_struct_conn.ptnr2_auth_asym_id 
_struct_conn.ptnr2_auth_comp_id 
_struct_conn.ptnr2_auth_seq_id 
_struct_conn.ptnr2_symmetry 
_struct_conn.pdbx_ptnr3_label_atom_id 
_struct_conn.pdbx_ptnr3_label_seq_id 
_struct_conn.pdbx_ptnr3_label_comp_id 
_struct_conn.pdbx_ptnr3_label_asym_id 
_struct_conn.pdbx_ptnr3_label_alt_id 
_struct_conn.pdbx_ptnr3_PDB_ins_code 
_struct_conn.details 
_struct_conn.pdbx_dist_value 
_struct_conn.pdbx_value_order 
_struct_conn.pdbx_role 
covale1 covale both ? A THR 96  C ? ? ? 1_555 A MSE 97  N ? ? A THR 95  A MSE 96  1_555 ? ? ? ? ? ? ? 1.328 ? ? 
covale2 covale both ? A MSE 97  C ? ? ? 1_555 A GLU 98  N ? ? A MSE 96  A GLU 97  1_555 ? ? ? ? ? ? ? 1.332 ? ? 
covale3 covale both ? A GLU 181 C ? ? ? 1_555 A MSE 182 N ? ? A GLU 180 A MSE 181 1_555 ? ? ? ? ? ? ? 1.333 ? ? 
covale4 covale both ? A MSE 182 C ? ? ? 1_555 A ILE 183 N ? ? A MSE 181 A ILE 182 1_555 ? ? ? ? ? ? ? 1.327 ? ? 
covale5 covale both ? A GLU 184 C ? ? ? 1_555 A MSE 185 N ? ? A GLU 183 A MSE 184 1_555 ? ? ? ? ? ? ? 1.331 ? ? 
covale6 covale both ? A MSE 185 C ? ? ? 1_555 A VAL 186 N ? ? A MSE 184 A VAL 185 1_555 ? ? ? ? ? ? ? 1.330 ? ? 
# 
_struct_conn_type.id          covale 
_struct_conn_type.criteria    ? 
_struct_conn_type.reference   ? 
# 
loop_
_pdbx_modification_feature.ordinal 
_pdbx_modification_feature.label_comp_id 
_pdbx_modification_feature.label_asym_id 
_pdbx_modification_feature.label_seq_id 
_pdbx_modification_feature.label_alt_id 
_pdbx_modification_feature.modified_residue_label_comp_id 
_pdbx_modification_feature.modified_residue_label_asym_id 
_pdbx_modification_feature.modified_residue_label_seq_id 
_pdbx_modification_feature.modified_residue_label_alt_id 
_pdbx_modification_feature.auth_comp_id 
_pdbx_modification_feature.auth_asym_id 
_pdbx_modification_feature.auth_seq_id 
_pdbx_modification_feature.PDB_ins_code 
_pdbx_modification_feature.symmetry 
_pdbx_modification_feature.modified_residue_auth_comp_id 
_pdbx_modification_feature.modified_residue_auth_asym_id 
_pdbx_modification_feature.modified_residue_auth_seq_id 
_pdbx_modification_feature.modified_residue_PDB_ins_code 
_pdbx_modification_feature.modified_residue_symmetry 
_pdbx_modification_feature.comp_id_linking_atom 
_pdbx_modification_feature.modified_residue_id_linking_atom 
_pdbx_modification_feature.modified_residue_id 
_pdbx_modification_feature.ref_pcm_id 
_pdbx_modification_feature.ref_comp_id 
_pdbx_modification_feature.type 
_pdbx_modification_feature.category 
1 MSE A 97  ? . . . . MSE A 96  ? 1_555 . . . . . . . MET 1 MSE Selenomethionine 'Named protein modification' 
2 MSE A 182 ? . . . . MSE A 181 ? 1_555 . . . . . . . MET 1 MSE Selenomethionine 'Named protein modification' 
3 MSE A 185 ? . . . . MSE A 184 ? 1_555 . . . . . . . MET 1 MSE Selenomethionine 'Named protein modification' 
# 
_struct_site.id                   AC1 
_struct_site.pdbx_evidence_code   Software 
_struct_site.pdbx_auth_asym_id    A 
_struct_site.pdbx_auth_comp_id    EDO 
_struct_site.pdbx_auth_seq_id     202 
_struct_site.pdbx_auth_ins_code   ? 
_struct_site.pdbx_num_residues    7 
_struct_site.details              'BINDING SITE FOR RESIDUE EDO A 202' 
# 
loop_
_struct_site_gen.id 
_struct_site_gen.site_id 
_struct_site_gen.pdbx_num_res 
_struct_site_gen.label_comp_id 
_struct_site_gen.label_asym_id 
_struct_site_gen.label_seq_id 
_struct_site_gen.pdbx_auth_ins_code 
_struct_site_gen.auth_comp_id 
_struct_site_gen.auth_asym_id 
_struct_site_gen.auth_seq_id 
_struct_site_gen.label_atom_id 
_struct_site_gen.label_alt_id 
_struct_site_gen.symmetry 
_struct_site_gen.details 
1 AC1 7 TYR A 79  ? TYR A 78  . ? 1_555 ? 
2 AC1 7 PHE A 89  ? PHE A 88  . ? 1_555 ? 
3 AC1 7 LYS A 93  ? LYS A 92  . ? 1_555 ? 
4 AC1 7 TYR A 135 ? TYR A 134 . ? 1_555 ? 
5 AC1 7 ASN A 138 ? ASN A 137 . ? 1_555 ? 
6 AC1 7 ILE A 160 ? ILE A 159 . ? 1_555 ? 
7 AC1 7 HOH C .   ? HOH A 230 . ? 1_555 ? 
# 
_pdbx_entry_details.entry_id                   3LWJ 
_pdbx_entry_details.compound_details           ? 
_pdbx_entry_details.source_details             ? 
_pdbx_entry_details.nonpolymer_details         ? 
_pdbx_entry_details.sequence_details           
;THE CONSTRUCT WAS EXPRESSED WITH A PURIFICATION TAG MGSDKIHHHHHHENLYFQG. THE TAG WAS REMOVED WITH TEV PROTEASE LEAVING ONLY A GLYCINE (0) FOLLOWED BY THE TARGET SEQUENCE.
;
_pdbx_entry_details.has_ligand_of_interest     ? 
_pdbx_entry_details.has_protein_modification   Y 
# 
_pdbx_validate_symm_contact.id                1 
_pdbx_validate_symm_contact.PDB_model_num     1 
_pdbx_validate_symm_contact.auth_atom_id_1    OD1 
_pdbx_validate_symm_contact.auth_asym_id_1    A 
_pdbx_validate_symm_contact.auth_comp_id_1    ASN 
_pdbx_validate_symm_contact.auth_seq_id_1     200 
_pdbx_validate_symm_contact.PDB_ins_code_1    ? 
_pdbx_validate_symm_contact.label_alt_id_1    ? 
_pdbx_validate_symm_contact.site_symmetry_1   1_555 
_pdbx_validate_symm_contact.auth_atom_id_2    O 
_pdbx_validate_symm_contact.auth_asym_id_2    A 
_pdbx_validate_symm_contact.auth_comp_id_2    HOH 
_pdbx_validate_symm_contact.auth_seq_id_2     245 
_pdbx_validate_symm_contact.PDB_ins_code_2    ? 
_pdbx_validate_symm_contact.label_alt_id_2    ? 
_pdbx_validate_symm_contact.site_symmetry_2   4_555 
_pdbx_validate_symm_contact.dist              2.19 
# 
_pdbx_validate_torsion.id              1 
_pdbx_validate_torsion.PDB_model_num   1 
_pdbx_validate_torsion.auth_comp_id    ASN 
_pdbx_validate_torsion.auth_asym_id    A 
_pdbx_validate_torsion.auth_seq_id     102 
_pdbx_validate_torsion.PDB_ins_code    ? 
_pdbx_validate_torsion.label_alt_id    ? 
_pdbx_validate_torsion.phi             -116.51 
_pdbx_validate_torsion.psi             60.09 
# 
_pdbx_SG_project.project_name          'PSI, Protein Structure Initiative' 
_pdbx_SG_project.full_name_of_center   'Joint Center for Structural Genomics' 
_pdbx_SG_project.id                    1 
_pdbx_SG_project.initial_of_center     JCSG 
# 
loop_
_pdbx_struct_mod_residue.id 
_pdbx_struct_mod_residue.label_asym_id 
_pdbx_struct_mod_residue.label_comp_id 
_pdbx_struct_mod_residue.label_seq_id 
_pdbx_struct_mod_residue.auth_asym_id 
_pdbx_struct_mod_residue.auth_comp_id 
_pdbx_struct_mod_residue.auth_seq_id 
_pdbx_struct_mod_residue.PDB_ins_code 
_pdbx_struct_mod_residue.parent_comp_id 
_pdbx_struct_mod_residue.details 
1 A MSE 97  A MSE 96  ? MET SELENOMETHIONINE 
2 A MSE 182 A MSE 181 ? MET SELENOMETHIONINE 
3 A MSE 185 A MSE 184 ? MET SELENOMETHIONINE 
# 
loop_
_pdbx_struct_special_symmetry.id 
_pdbx_struct_special_symmetry.PDB_model_num 
_pdbx_struct_special_symmetry.auth_asym_id 
_pdbx_struct_special_symmetry.auth_comp_id 
_pdbx_struct_special_symmetry.auth_seq_id 
_pdbx_struct_special_symmetry.PDB_ins_code 
_pdbx_struct_special_symmetry.label_asym_id 
_pdbx_struct_special_symmetry.label_comp_id 
_pdbx_struct_special_symmetry.label_seq_id 
1 1 A HOH 215 ? C HOH . 
2 1 A HOH 265 ? C HOH . 
# 
_pdbx_refine_tls.pdbx_refine_id   'X-RAY DIFFRACTION' 
_pdbx_refine_tls.id               1 
_pdbx_refine_tls.details          ? 
_pdbx_refine_tls.method           refined 
_pdbx_refine_tls.origin_x         -0.3929 
_pdbx_refine_tls.origin_y         -0.0263 
_pdbx_refine_tls.origin_z         -0.6050 
_pdbx_refine_tls.T[1][1]          0.0945 
_pdbx_refine_tls.T[2][2]          0.0382 
_pdbx_refine_tls.T[3][3]          0.0948 
_pdbx_refine_tls.T[1][2]          -0.0431 
_pdbx_refine_tls.T[1][3]          0.0415 
_pdbx_refine_tls.T[2][3]          -0.0127 
_pdbx_refine_tls.L[1][1]          1.1678 
_pdbx_refine_tls.L[2][2]          0.9748 
_pdbx_refine_tls.L[3][3]          1.9583 
_pdbx_refine_tls.L[1][2]          -0.3286 
_pdbx_refine_tls.L[1][3]          0.2915 
_pdbx_refine_tls.L[2][3]          0.0433 
_pdbx_refine_tls.S[1][1]          0.0551 
_pdbx_refine_tls.S[2][2]          -0.0095 
_pdbx_refine_tls.S[3][3]          -0.0457 
_pdbx_refine_tls.S[1][2]          0.0917 
_pdbx_refine_tls.S[1][3]          0.1709 
_pdbx_refine_tls.S[2][3]          -0.1760 
_pdbx_refine_tls.S[2][1]          0.0763 
_pdbx_refine_tls.S[3][1]          -0.2892 
_pdbx_refine_tls.S[3][2]          0.2434 
# 
_pdbx_refine_tls_group.pdbx_refine_id      'X-RAY DIFFRACTION' 
_pdbx_refine_tls_group.id                  1 
_pdbx_refine_tls_group.refine_tls_id       1 
_pdbx_refine_tls_group.beg_auth_asym_id    A 
_pdbx_refine_tls_group.beg_auth_seq_id     8 
_pdbx_refine_tls_group.end_auth_asym_id    A 
_pdbx_refine_tls_group.end_auth_seq_id     200 
_pdbx_refine_tls_group.selection_details   ? 
_pdbx_refine_tls_group.beg_label_asym_id   . 
_pdbx_refine_tls_group.beg_label_seq_id    . 
_pdbx_refine_tls_group.end_label_asym_id   . 
_pdbx_refine_tls_group.end_label_seq_id    . 
_pdbx_refine_tls_group.selection           ? 
# 
_phasing.method   SAD 
# 
loop_
_pdbx_unobs_or_zero_occ_residues.id 
_pdbx_unobs_or_zero_occ_residues.PDB_model_num 
_pdbx_unobs_or_zero_occ_residues.polymer_flag 
_pdbx_unobs_or_zero_occ_residues.occupancy_flag 
_pdbx_unobs_or_zero_occ_residues.auth_asym_id 
_pdbx_unobs_or_zero_occ_residues.auth_comp_id 
_pdbx_unobs_or_zero_occ_residues.auth_seq_id 
_pdbx_unobs_or_zero_occ_residues.PDB_ins_code 
_pdbx_unobs_or_zero_occ_residues.label_asym_id 
_pdbx_unobs_or_zero_occ_residues.label_comp_id 
_pdbx_unobs_or_zero_occ_residues.label_seq_id 
1 1 Y 1 A GLY 0   ? A GLY 1   
2 1 Y 1 A MSE 1   ? A MSE 2   
3 1 Y 1 A PRO 2   ? A PRO 3   
4 1 Y 1 A ILE 3   ? A ILE 4   
5 1 Y 1 A PRO 4   ? A PRO 5   
6 1 Y 1 A LEU 5   ? A LEU 6   
7 1 Y 1 A GLU 6   ? A GLU 7   
8 1 Y 1 A LYS 7   ? A LYS 8   
9 1 Y 1 A ASP 201 ? A ASP 202 
# 
loop_
_chem_comp_atom.comp_id 
_chem_comp_atom.atom_id 
_chem_comp_atom.type_symbol 
_chem_comp_atom.pdbx_aromatic_flag 
_chem_comp_atom.pdbx_stereo_config 
_chem_comp_atom.pdbx_ordinal 
ALA N    N  N N 1   
ALA CA   C  N S 2   
ALA C    C  N N 3   
ALA O    O  N N 4   
ALA CB   C  N N 5   
ALA OXT  O  N N 6   
ALA H    H  N N 7   
ALA H2   H  N N 8   
ALA HA   H  N N 9   
ALA HB1  H  N N 10  
ALA HB2  H  N N 11  
ALA HB3  H  N N 12  
ALA HXT  H  N N 13  
ARG N    N  N N 14  
ARG CA   C  N S 15  
ARG C    C  N N 16  
ARG O    O  N N 17  
ARG CB   C  N N 18  
ARG CG   C  N N 19  
ARG CD   C  N N 20  
ARG NE   N  N N 21  
ARG CZ   C  N N 22  
ARG NH1  N  N N 23  
ARG NH2  N  N N 24  
ARG OXT  O  N N 25  
ARG H    H  N N 26  
ARG H2   H  N N 27  
ARG HA   H  N N 28  
ARG HB2  H  N N 29  
ARG HB3  H  N N 30  
ARG HG2  H  N N 31  
ARG HG3  H  N N 32  
ARG HD2  H  N N 33  
ARG HD3  H  N N 34  
ARG HE   H  N N 35  
ARG HH11 H  N N 36  
ARG HH12 H  N N 37  
ARG HH21 H  N N 38  
ARG HH22 H  N N 39  
ARG HXT  H  N N 40  
ASN N    N  N N 41  
ASN CA   C  N S 42  
ASN C    C  N N 43  
ASN O    O  N N 44  
ASN CB   C  N N 45  
ASN CG   C  N N 46  
ASN OD1  O  N N 47  
ASN ND2  N  N N 48  
ASN OXT  O  N N 49  
ASN H    H  N N 50  
ASN H2   H  N N 51  
ASN HA   H  N N 52  
ASN HB2  H  N N 53  
ASN HB3  H  N N 54  
ASN HD21 H  N N 55  
ASN HD22 H  N N 56  
ASN HXT  H  N N 57  
ASP N    N  N N 58  
ASP CA   C  N S 59  
ASP C    C  N N 60  
ASP O    O  N N 61  
ASP CB   C  N N 62  
ASP CG   C  N N 63  
ASP OD1  O  N N 64  
ASP OD2  O  N N 65  
ASP OXT  O  N N 66  
ASP H    H  N N 67  
ASP H2   H  N N 68  
ASP HA   H  N N 69  
ASP HB2  H  N N 70  
ASP HB3  H  N N 71  
ASP HD2  H  N N 72  
ASP HXT  H  N N 73  
CYS N    N  N N 74  
CYS CA   C  N R 75  
CYS C    C  N N 76  
CYS O    O  N N 77  
CYS CB   C  N N 78  
CYS SG   S  N N 79  
CYS OXT  O  N N 80  
CYS H    H  N N 81  
CYS H2   H  N N 82  
CYS HA   H  N N 83  
CYS HB2  H  N N 84  
CYS HB3  H  N N 85  
CYS HG   H  N N 86  
CYS HXT  H  N N 87  
EDO C1   C  N N 88  
EDO O1   O  N N 89  
EDO C2   C  N N 90  
EDO O2   O  N N 91  
EDO H11  H  N N 92  
EDO H12  H  N N 93  
EDO HO1  H  N N 94  
EDO H21  H  N N 95  
EDO H22  H  N N 96  
EDO HO2  H  N N 97  
GLN N    N  N N 98  
GLN CA   C  N S 99  
GLN C    C  N N 100 
GLN O    O  N N 101 
GLN CB   C  N N 102 
GLN CG   C  N N 103 
GLN CD   C  N N 104 
GLN OE1  O  N N 105 
GLN NE2  N  N N 106 
GLN OXT  O  N N 107 
GLN H    H  N N 108 
GLN H2   H  N N 109 
GLN HA   H  N N 110 
GLN HB2  H  N N 111 
GLN HB3  H  N N 112 
GLN HG2  H  N N 113 
GLN HG3  H  N N 114 
GLN HE21 H  N N 115 
GLN HE22 H  N N 116 
GLN HXT  H  N N 117 
GLU N    N  N N 118 
GLU CA   C  N S 119 
GLU C    C  N N 120 
GLU O    O  N N 121 
GLU CB   C  N N 122 
GLU CG   C  N N 123 
GLU CD   C  N N 124 
GLU OE1  O  N N 125 
GLU OE2  O  N N 126 
GLU OXT  O  N N 127 
GLU H    H  N N 128 
GLU H2   H  N N 129 
GLU HA   H  N N 130 
GLU HB2  H  N N 131 
GLU HB3  H  N N 132 
GLU HG2  H  N N 133 
GLU HG3  H  N N 134 
GLU HE2  H  N N 135 
GLU HXT  H  N N 136 
GLY N    N  N N 137 
GLY CA   C  N N 138 
GLY C    C  N N 139 
GLY O    O  N N 140 
GLY OXT  O  N N 141 
GLY H    H  N N 142 
GLY H2   H  N N 143 
GLY HA2  H  N N 144 
GLY HA3  H  N N 145 
GLY HXT  H  N N 146 
HIS N    N  N N 147 
HIS CA   C  N S 148 
HIS C    C  N N 149 
HIS O    O  N N 150 
HIS CB   C  N N 151 
HIS CG   C  Y N 152 
HIS ND1  N  Y N 153 
HIS CD2  C  Y N 154 
HIS CE1  C  Y N 155 
HIS NE2  N  Y N 156 
HIS OXT  O  N N 157 
HIS H    H  N N 158 
HIS H2   H  N N 159 
HIS HA   H  N N 160 
HIS HB2  H  N N 161 
HIS HB3  H  N N 162 
HIS HD1  H  N N 163 
HIS HD2  H  N N 164 
HIS HE1  H  N N 165 
HIS HE2  H  N N 166 
HIS HXT  H  N N 167 
HOH O    O  N N 168 
HOH H1   H  N N 169 
HOH H2   H  N N 170 
ILE N    N  N N 171 
ILE CA   C  N S 172 
ILE C    C  N N 173 
ILE O    O  N N 174 
ILE CB   C  N S 175 
ILE CG1  C  N N 176 
ILE CG2  C  N N 177 
ILE CD1  C  N N 178 
ILE OXT  O  N N 179 
ILE H    H  N N 180 
ILE H2   H  N N 181 
ILE HA   H  N N 182 
ILE HB   H  N N 183 
ILE HG12 H  N N 184 
ILE HG13 H  N N 185 
ILE HG21 H  N N 186 
ILE HG22 H  N N 187 
ILE HG23 H  N N 188 
ILE HD11 H  N N 189 
ILE HD12 H  N N 190 
ILE HD13 H  N N 191 
ILE HXT  H  N N 192 
LEU N    N  N N 193 
LEU CA   C  N S 194 
LEU C    C  N N 195 
LEU O    O  N N 196 
LEU CB   C  N N 197 
LEU CG   C  N N 198 
LEU CD1  C  N N 199 
LEU CD2  C  N N 200 
LEU OXT  O  N N 201 
LEU H    H  N N 202 
LEU H2   H  N N 203 
LEU HA   H  N N 204 
LEU HB2  H  N N 205 
LEU HB3  H  N N 206 
LEU HG   H  N N 207 
LEU HD11 H  N N 208 
LEU HD12 H  N N 209 
LEU HD13 H  N N 210 
LEU HD21 H  N N 211 
LEU HD22 H  N N 212 
LEU HD23 H  N N 213 
LEU HXT  H  N N 214 
LYS N    N  N N 215 
LYS CA   C  N S 216 
LYS C    C  N N 217 
LYS O    O  N N 218 
LYS CB   C  N N 219 
LYS CG   C  N N 220 
LYS CD   C  N N 221 
LYS CE   C  N N 222 
LYS NZ   N  N N 223 
LYS OXT  O  N N 224 
LYS H    H  N N 225 
LYS H2   H  N N 226 
LYS HA   H  N N 227 
LYS HB2  H  N N 228 
LYS HB3  H  N N 229 
LYS HG2  H  N N 230 
LYS HG3  H  N N 231 
LYS HD2  H  N N 232 
LYS HD3  H  N N 233 
LYS HE2  H  N N 234 
LYS HE3  H  N N 235 
LYS HZ1  H  N N 236 
LYS HZ2  H  N N 237 
LYS HZ3  H  N N 238 
LYS HXT  H  N N 239 
MSE N    N  N N 240 
MSE CA   C  N S 241 
MSE C    C  N N 242 
MSE O    O  N N 243 
MSE OXT  O  N N 244 
MSE CB   C  N N 245 
MSE CG   C  N N 246 
MSE SE   SE N N 247 
MSE CE   C  N N 248 
MSE H    H  N N 249 
MSE H2   H  N N 250 
MSE HA   H  N N 251 
MSE HXT  H  N N 252 
MSE HB2  H  N N 253 
MSE HB3  H  N N 254 
MSE HG2  H  N N 255 
MSE HG3  H  N N 256 
MSE HE1  H  N N 257 
MSE HE2  H  N N 258 
MSE HE3  H  N N 259 
PHE N    N  N N 260 
PHE CA   C  N S 261 
PHE C    C  N N 262 
PHE O    O  N N 263 
PHE CB   C  N N 264 
PHE CG   C  Y N 265 
PHE CD1  C  Y N 266 
PHE CD2  C  Y N 267 
PHE CE1  C  Y N 268 
PHE CE2  C  Y N 269 
PHE CZ   C  Y N 270 
PHE OXT  O  N N 271 
PHE H    H  N N 272 
PHE H2   H  N N 273 
PHE HA   H  N N 274 
PHE HB2  H  N N 275 
PHE HB3  H  N N 276 
PHE HD1  H  N N 277 
PHE HD2  H  N N 278 
PHE HE1  H  N N 279 
PHE HE2  H  N N 280 
PHE HZ   H  N N 281 
PHE HXT  H  N N 282 
PRO N    N  N N 283 
PRO CA   C  N S 284 
PRO C    C  N N 285 
PRO O    O  N N 286 
PRO CB   C  N N 287 
PRO CG   C  N N 288 
PRO CD   C  N N 289 
PRO OXT  O  N N 290 
PRO H    H  N N 291 
PRO HA   H  N N 292 
PRO HB2  H  N N 293 
PRO HB3  H  N N 294 
PRO HG2  H  N N 295 
PRO HG3  H  N N 296 
PRO HD2  H  N N 297 
PRO HD3  H  N N 298 
PRO HXT  H  N N 299 
SER N    N  N N 300 
SER CA   C  N S 301 
SER C    C  N N 302 
SER O    O  N N 303 
SER CB   C  N N 304 
SER OG   O  N N 305 
SER OXT  O  N N 306 
SER H    H  N N 307 
SER H2   H  N N 308 
SER HA   H  N N 309 
SER HB2  H  N N 310 
SER HB3  H  N N 311 
SER HG   H  N N 312 
SER HXT  H  N N 313 
THR N    N  N N 314 
THR CA   C  N S 315 
THR C    C  N N 316 
THR O    O  N N 317 
THR CB   C  N R 318 
THR OG1  O  N N 319 
THR CG2  C  N N 320 
THR OXT  O  N N 321 
THR H    H  N N 322 
THR H2   H  N N 323 
THR HA   H  N N 324 
THR HB   H  N N 325 
THR HG1  H  N N 326 
THR HG21 H  N N 327 
THR HG22 H  N N 328 
THR HG23 H  N N 329 
THR HXT  H  N N 330 
TRP N    N  N N 331 
TRP CA   C  N S 332 
TRP C    C  N N 333 
TRP O    O  N N 334 
TRP CB   C  N N 335 
TRP CG   C  Y N 336 
TRP CD1  C  Y N 337 
TRP CD2  C  Y N 338 
TRP NE1  N  Y N 339 
TRP CE2  C  Y N 340 
TRP CE3  C  Y N 341 
TRP CZ2  C  Y N 342 
TRP CZ3  C  Y N 343 
TRP CH2  C  Y N 344 
TRP OXT  O  N N 345 
TRP H    H  N N 346 
TRP H2   H  N N 347 
TRP HA   H  N N 348 
TRP HB2  H  N N 349 
TRP HB3  H  N N 350 
TRP HD1  H  N N 351 
TRP HE1  H  N N 352 
TRP HE3  H  N N 353 
TRP HZ2  H  N N 354 
TRP HZ3  H  N N 355 
TRP HH2  H  N N 356 
TRP HXT  H  N N 357 
TYR N    N  N N 358 
TYR CA   C  N S 359 
TYR C    C  N N 360 
TYR O    O  N N 361 
TYR CB   C  N N 362 
TYR CG   C  Y N 363 
TYR CD1  C  Y N 364 
TYR CD2  C  Y N 365 
TYR CE1  C  Y N 366 
TYR CE2  C  Y N 367 
TYR CZ   C  Y N 368 
TYR OH   O  N N 369 
TYR OXT  O  N N 370 
TYR H    H  N N 371 
TYR H2   H  N N 372 
TYR HA   H  N N 373 
TYR HB2  H  N N 374 
TYR HB3  H  N N 375 
TYR HD1  H  N N 376 
TYR HD2  H  N N 377 
TYR HE1  H  N N 378 
TYR HE2  H  N N 379 
TYR HH   H  N N 380 
TYR HXT  H  N N 381 
VAL N    N  N N 382 
VAL CA   C  N S 383 
VAL C    C  N N 384 
VAL O    O  N N 385 
VAL CB   C  N N 386 
VAL CG1  C  N N 387 
VAL CG2  C  N N 388 
VAL OXT  O  N N 389 
VAL H    H  N N 390 
VAL H2   H  N N 391 
VAL HA   H  N N 392 
VAL HB   H  N N 393 
VAL HG11 H  N N 394 
VAL HG12 H  N N 395 
VAL HG13 H  N N 396 
VAL HG21 H  N N 397 
VAL HG22 H  N N 398 
VAL HG23 H  N N 399 
VAL HXT  H  N N 400 
# 
loop_
_chem_comp_bond.comp_id 
_chem_comp_bond.atom_id_1 
_chem_comp_bond.atom_id_2 
_chem_comp_bond.value_order 
_chem_comp_bond.pdbx_aromatic_flag 
_chem_comp_bond.pdbx_stereo_config 
_chem_comp_bond.pdbx_ordinal 
ALA N   CA   sing N N 1   
ALA N   H    sing N N 2   
ALA N   H2   sing N N 3   
ALA CA  C    sing N N 4   
ALA CA  CB   sing N N 5   
ALA CA  HA   sing N N 6   
ALA C   O    doub N N 7   
ALA C   OXT  sing N N 8   
ALA CB  HB1  sing N N 9   
ALA CB  HB2  sing N N 10  
ALA CB  HB3  sing N N 11  
ALA OXT HXT  sing N N 12  
ARG N   CA   sing N N 13  
ARG N   H    sing N N 14  
ARG N   H2   sing N N 15  
ARG CA  C    sing N N 16  
ARG CA  CB   sing N N 17  
ARG CA  HA   sing N N 18  
ARG C   O    doub N N 19  
ARG C   OXT  sing N N 20  
ARG CB  CG   sing N N 21  
ARG CB  HB2  sing N N 22  
ARG CB  HB3  sing N N 23  
ARG CG  CD   sing N N 24  
ARG CG  HG2  sing N N 25  
ARG CG  HG3  sing N N 26  
ARG CD  NE   sing N N 27  
ARG CD  HD2  sing N N 28  
ARG CD  HD3  sing N N 29  
ARG NE  CZ   sing N N 30  
ARG NE  HE   sing N N 31  
ARG CZ  NH1  sing N N 32  
ARG CZ  NH2  doub N N 33  
ARG NH1 HH11 sing N N 34  
ARG NH1 HH12 sing N N 35  
ARG NH2 HH21 sing N N 36  
ARG NH2 HH22 sing N N 37  
ARG OXT HXT  sing N N 38  
ASN N   CA   sing N N 39  
ASN N   H    sing N N 40  
ASN N   H2   sing N N 41  
ASN CA  C    sing N N 42  
ASN CA  CB   sing N N 43  
ASN CA  HA   sing N N 44  
ASN C   O    doub N N 45  
ASN C   OXT  sing N N 46  
ASN CB  CG   sing N N 47  
ASN CB  HB2  sing N N 48  
ASN CB  HB3  sing N N 49  
ASN CG  OD1  doub N N 50  
ASN CG  ND2  sing N N 51  
ASN ND2 HD21 sing N N 52  
ASN ND2 HD22 sing N N 53  
ASN OXT HXT  sing N N 54  
ASP N   CA   sing N N 55  
ASP N   H    sing N N 56  
ASP N   H2   sing N N 57  
ASP CA  C    sing N N 58  
ASP CA  CB   sing N N 59  
ASP CA  HA   sing N N 60  
ASP C   O    doub N N 61  
ASP C   OXT  sing N N 62  
ASP CB  CG   sing N N 63  
ASP CB  HB2  sing N N 64  
ASP CB  HB3  sing N N 65  
ASP CG  OD1  doub N N 66  
ASP CG  OD2  sing N N 67  
ASP OD2 HD2  sing N N 68  
ASP OXT HXT  sing N N 69  
CYS N   CA   sing N N 70  
CYS N   H    sing N N 71  
CYS N   H2   sing N N 72  
CYS CA  C    sing N N 73  
CYS CA  CB   sing N N 74  
CYS CA  HA   sing N N 75  
CYS C   O    doub N N 76  
CYS C   OXT  sing N N 77  
CYS CB  SG   sing N N 78  
CYS CB  HB2  sing N N 79  
CYS CB  HB3  sing N N 80  
CYS SG  HG   sing N N 81  
CYS OXT HXT  sing N N 82  
EDO C1  O1   sing N N 83  
EDO C1  C2   sing N N 84  
EDO C1  H11  sing N N 85  
EDO C1  H12  sing N N 86  
EDO O1  HO1  sing N N 87  
EDO C2  O2   sing N N 88  
EDO C2  H21  sing N N 89  
EDO C2  H22  sing N N 90  
EDO O2  HO2  sing N N 91  
GLN N   CA   sing N N 92  
GLN N   H    sing N N 93  
GLN N   H2   sing N N 94  
GLN CA  C    sing N N 95  
GLN CA  CB   sing N N 96  
GLN CA  HA   sing N N 97  
GLN C   O    doub N N 98  
GLN C   OXT  sing N N 99  
GLN CB  CG   sing N N 100 
GLN CB  HB2  sing N N 101 
GLN CB  HB3  sing N N 102 
GLN CG  CD   sing N N 103 
GLN CG  HG2  sing N N 104 
GLN CG  HG3  sing N N 105 
GLN CD  OE1  doub N N 106 
GLN CD  NE2  sing N N 107 
GLN NE2 HE21 sing N N 108 
GLN NE2 HE22 sing N N 109 
GLN OXT HXT  sing N N 110 
GLU N   CA   sing N N 111 
GLU N   H    sing N N 112 
GLU N   H2   sing N N 113 
GLU CA  C    sing N N 114 
GLU CA  CB   sing N N 115 
GLU CA  HA   sing N N 116 
GLU C   O    doub N N 117 
GLU C   OXT  sing N N 118 
GLU CB  CG   sing N N 119 
GLU CB  HB2  sing N N 120 
GLU CB  HB3  sing N N 121 
GLU CG  CD   sing N N 122 
GLU CG  HG2  sing N N 123 
GLU CG  HG3  sing N N 124 
GLU CD  OE1  doub N N 125 
GLU CD  OE2  sing N N 126 
GLU OE2 HE2  sing N N 127 
GLU OXT HXT  sing N N 128 
GLY N   CA   sing N N 129 
GLY N   H    sing N N 130 
GLY N   H2   sing N N 131 
GLY CA  C    sing N N 132 
GLY CA  HA2  sing N N 133 
GLY CA  HA3  sing N N 134 
GLY C   O    doub N N 135 
GLY C   OXT  sing N N 136 
GLY OXT HXT  sing N N 137 
HIS N   CA   sing N N 138 
HIS N   H    sing N N 139 
HIS N   H2   sing N N 140 
HIS CA  C    sing N N 141 
HIS CA  CB   sing N N 142 
HIS CA  HA   sing N N 143 
HIS C   O    doub N N 144 
HIS C   OXT  sing N N 145 
HIS CB  CG   sing N N 146 
HIS CB  HB2  sing N N 147 
HIS CB  HB3  sing N N 148 
HIS CG  ND1  sing Y N 149 
HIS CG  CD2  doub Y N 150 
HIS ND1 CE1  doub Y N 151 
HIS ND1 HD1  sing N N 152 
HIS CD2 NE2  sing Y N 153 
HIS CD2 HD2  sing N N 154 
HIS CE1 NE2  sing Y N 155 
HIS CE1 HE1  sing N N 156 
HIS NE2 HE2  sing N N 157 
HIS OXT HXT  sing N N 158 
HOH O   H1   sing N N 159 
HOH O   H2   sing N N 160 
ILE N   CA   sing N N 161 
ILE N   H    sing N N 162 
ILE N   H2   sing N N 163 
ILE CA  C    sing N N 164 
ILE CA  CB   sing N N 165 
ILE CA  HA   sing N N 166 
ILE C   O    doub N N 167 
ILE C   OXT  sing N N 168 
ILE CB  CG1  sing N N 169 
ILE CB  CG2  sing N N 170 
ILE CB  HB   sing N N 171 
ILE CG1 CD1  sing N N 172 
ILE CG1 HG12 sing N N 173 
ILE CG1 HG13 sing N N 174 
ILE CG2 HG21 sing N N 175 
ILE CG2 HG22 sing N N 176 
ILE CG2 HG23 sing N N 177 
ILE CD1 HD11 sing N N 178 
ILE CD1 HD12 sing N N 179 
ILE CD1 HD13 sing N N 180 
ILE OXT HXT  sing N N 181 
LEU N   CA   sing N N 182 
LEU N   H    sing N N 183 
LEU N   H2   sing N N 184 
LEU CA  C    sing N N 185 
LEU CA  CB   sing N N 186 
LEU CA  HA   sing N N 187 
LEU C   O    doub N N 188 
LEU C   OXT  sing N N 189 
LEU CB  CG   sing N N 190 
LEU CB  HB2  sing N N 191 
LEU CB  HB3  sing N N 192 
LEU CG  CD1  sing N N 193 
LEU CG  CD2  sing N N 194 
LEU CG  HG   sing N N 195 
LEU CD1 HD11 sing N N 196 
LEU CD1 HD12 sing N N 197 
LEU CD1 HD13 sing N N 198 
LEU CD2 HD21 sing N N 199 
LEU CD2 HD22 sing N N 200 
LEU CD2 HD23 sing N N 201 
LEU OXT HXT  sing N N 202 
LYS N   CA   sing N N 203 
LYS N   H    sing N N 204 
LYS N   H2   sing N N 205 
LYS CA  C    sing N N 206 
LYS CA  CB   sing N N 207 
LYS CA  HA   sing N N 208 
LYS C   O    doub N N 209 
LYS C   OXT  sing N N 210 
LYS CB  CG   sing N N 211 
LYS CB  HB2  sing N N 212 
LYS CB  HB3  sing N N 213 
LYS CG  CD   sing N N 214 
LYS CG  HG2  sing N N 215 
LYS CG  HG3  sing N N 216 
LYS CD  CE   sing N N 217 
LYS CD  HD2  sing N N 218 
LYS CD  HD3  sing N N 219 
LYS CE  NZ   sing N N 220 
LYS CE  HE2  sing N N 221 
LYS CE  HE3  sing N N 222 
LYS NZ  HZ1  sing N N 223 
LYS NZ  HZ2  sing N N 224 
LYS NZ  HZ3  sing N N 225 
LYS OXT HXT  sing N N 226 
MSE N   CA   sing N N 227 
MSE N   H    sing N N 228 
MSE N   H2   sing N N 229 
MSE CA  C    sing N N 230 
MSE CA  CB   sing N N 231 
MSE CA  HA   sing N N 232 
MSE C   O    doub N N 233 
MSE C   OXT  sing N N 234 
MSE OXT HXT  sing N N 235 
MSE CB  CG   sing N N 236 
MSE CB  HB2  sing N N 237 
MSE CB  HB3  sing N N 238 
MSE CG  SE   sing N N 239 
MSE CG  HG2  sing N N 240 
MSE CG  HG3  sing N N 241 
MSE SE  CE   sing N N 242 
MSE CE  HE1  sing N N 243 
MSE CE  HE2  sing N N 244 
MSE CE  HE3  sing N N 245 
PHE N   CA   sing N N 246 
PHE N   H    sing N N 247 
PHE N   H2   sing N N 248 
PHE CA  C    sing N N 249 
PHE CA  CB   sing N N 250 
PHE CA  HA   sing N N 251 
PHE C   O    doub N N 252 
PHE C   OXT  sing N N 253 
PHE CB  CG   sing N N 254 
PHE CB  HB2  sing N N 255 
PHE CB  HB3  sing N N 256 
PHE CG  CD1  doub Y N 257 
PHE CG  CD2  sing Y N 258 
PHE CD1 CE1  sing Y N 259 
PHE CD1 HD1  sing N N 260 
PHE CD2 CE2  doub Y N 261 
PHE CD2 HD2  sing N N 262 
PHE CE1 CZ   doub Y N 263 
PHE CE1 HE1  sing N N 264 
PHE CE2 CZ   sing Y N 265 
PHE CE2 HE2  sing N N 266 
PHE CZ  HZ   sing N N 267 
PHE OXT HXT  sing N N 268 
PRO N   CA   sing N N 269 
PRO N   CD   sing N N 270 
PRO N   H    sing N N 271 
PRO CA  C    sing N N 272 
PRO CA  CB   sing N N 273 
PRO CA  HA   sing N N 274 
PRO C   O    doub N N 275 
PRO C   OXT  sing N N 276 
PRO CB  CG   sing N N 277 
PRO CB  HB2  sing N N 278 
PRO CB  HB3  sing N N 279 
PRO CG  CD   sing N N 280 
PRO CG  HG2  sing N N 281 
PRO CG  HG3  sing N N 282 
PRO CD  HD2  sing N N 283 
PRO CD  HD3  sing N N 284 
PRO OXT HXT  sing N N 285 
SER N   CA   sing N N 286 
SER N   H    sing N N 287 
SER N   H2   sing N N 288 
SER CA  C    sing N N 289 
SER CA  CB   sing N N 290 
SER CA  HA   sing N N 291 
SER C   O    doub N N 292 
SER C   OXT  sing N N 293 
SER CB  OG   sing N N 294 
SER CB  HB2  sing N N 295 
SER CB  HB3  sing N N 296 
SER OG  HG   sing N N 297 
SER OXT HXT  sing N N 298 
THR N   CA   sing N N 299 
THR N   H    sing N N 300 
THR N   H2   sing N N 301 
THR CA  C    sing N N 302 
THR CA  CB   sing N N 303 
THR CA  HA   sing N N 304 
THR C   O    doub N N 305 
THR C   OXT  sing N N 306 
THR CB  OG1  sing N N 307 
THR CB  CG2  sing N N 308 
THR CB  HB   sing N N 309 
THR OG1 HG1  sing N N 310 
THR CG2 HG21 sing N N 311 
THR CG2 HG22 sing N N 312 
THR CG2 HG23 sing N N 313 
THR OXT HXT  sing N N 314 
TRP N   CA   sing N N 315 
TRP N   H    sing N N 316 
TRP N   H2   sing N N 317 
TRP CA  C    sing N N 318 
TRP CA  CB   sing N N 319 
TRP CA  HA   sing N N 320 
TRP C   O    doub N N 321 
TRP C   OXT  sing N N 322 
TRP CB  CG   sing N N 323 
TRP CB  HB2  sing N N 324 
TRP CB  HB3  sing N N 325 
TRP CG  CD1  doub Y N 326 
TRP CG  CD2  sing Y N 327 
TRP CD1 NE1  sing Y N 328 
TRP CD1 HD1  sing N N 329 
TRP CD2 CE2  doub Y N 330 
TRP CD2 CE3  sing Y N 331 
TRP NE1 CE2  sing Y N 332 
TRP NE1 HE1  sing N N 333 
TRP CE2 CZ2  sing Y N 334 
TRP CE3 CZ3  doub Y N 335 
TRP CE3 HE3  sing N N 336 
TRP CZ2 CH2  doub Y N 337 
TRP CZ2 HZ2  sing N N 338 
TRP CZ3 CH2  sing Y N 339 
TRP CZ3 HZ3  sing N N 340 
TRP CH2 HH2  sing N N 341 
TRP OXT HXT  sing N N 342 
TYR N   CA   sing N N 343 
TYR N   H    sing N N 344 
TYR N   H2   sing N N 345 
TYR CA  C    sing N N 346 
TYR CA  CB   sing N N 347 
TYR CA  HA   sing N N 348 
TYR C   O    doub N N 349 
TYR C   OXT  sing N N 350 
TYR CB  CG   sing N N 351 
TYR CB  HB2  sing N N 352 
TYR CB  HB3  sing N N 353 
TYR CG  CD1  doub Y N 354 
TYR CG  CD2  sing Y N 355 
TYR CD1 CE1  sing Y N 356 
TYR CD1 HD1  sing N N 357 
TYR CD2 CE2  doub Y N 358 
TYR CD2 HD2  sing N N 359 
TYR CE1 CZ   doub Y N 360 
TYR CE1 HE1  sing N N 361 
TYR CE2 CZ   sing Y N 362 
TYR CE2 HE2  sing N N 363 
TYR CZ  OH   sing N N 364 
TYR OH  HH   sing N N 365 
TYR OXT HXT  sing N N 366 
VAL N   CA   sing N N 367 
VAL N   H    sing N N 368 
VAL N   H2   sing N N 369 
VAL CA  C    sing N N 370 
VAL CA  CB   sing N N 371 
VAL CA  HA   sing N N 372 
VAL C   O    doub N N 373 
VAL C   OXT  sing N N 374 
VAL CB  CG1  sing N N 375 
VAL CB  CG2  sing N N 376 
VAL CB  HB   sing N N 377 
VAL CG1 HG11 sing N N 378 
VAL CG1 HG12 sing N N 379 
VAL CG1 HG13 sing N N 380 
VAL CG2 HG21 sing N N 381 
VAL CG2 HG22 sing N N 382 
VAL CG2 HG23 sing N N 383 
VAL OXT HXT  sing N N 384 
# 
_atom_sites.entry_id                    3LWJ 
_atom_sites.fract_transf_matrix[1][1]   -0.00251936 
_atom_sites.fract_transf_matrix[1][2]   0.00158983 
_atom_sites.fract_transf_matrix[1][3]   -0.01667105 
_atom_sites.fract_transf_matrix[2][1]   -0.01444412 
_atom_sites.fract_transf_matrix[2][2]   0.00668858 
_atom_sites.fract_transf_matrix[2][3]   -0.00578140 
_atom_sites.fract_transf_matrix[3][1]   0.00544097 
_atom_sites.fract_transf_matrix[3][2]   0.01203085 
_atom_sites.fract_transf_matrix[3][3]   0.00032507 
_atom_sites.fract_transf_vector[1]      0.581812 
_atom_sites.fract_transf_vector[2]      0.500206 
_atom_sites.fract_transf_vector[3]      0.153299 
# 
loop_
_atom_type.symbol 
C  
N  
O  
S  
SE 
# 
loop_
_atom_site.group_PDB 
_atom_site.id 
_atom_site.type_symbol 
_atom_site.label_atom_id 
_atom_site.label_alt_id 
_atom_site.label_comp_id 
_atom_site.label_asym_id 
_atom_site.label_entity_id 
_atom_site.label_seq_id 
_atom_site.pdbx_PDB_ins_code 
_atom_site.Cartn_x 
_atom_site.Cartn_y 
_atom_site.Cartn_z 
_atom_site.occupancy 
_atom_site.B_iso_or_equiv 
_atom_site.pdbx_formal_charge 
_atom_site.auth_seq_id 
_atom_site.auth_comp_id 
_atom_site.auth_asym_id 
_atom_site.auth_atom_id 
_atom_site.pdbx_PDB_model_num 
ATOM   1    N  N   . GLN A 1 9   ? 20.906  13.880  4.602   1.00 43.21 ? 8   GLN A N   1 
ATOM   2    C  CA  . GLN A 1 9   ? 21.736  13.164  5.616   1.00 43.92 ? 8   GLN A CA  1 
ATOM   3    C  C   . GLN A 1 9   ? 20.817  12.559  6.689   1.00 44.59 ? 8   GLN A C   1 
ATOM   4    O  O   . GLN A 1 9   ? 20.975  11.394  7.085   1.00 43.56 ? 8   GLN A O   1 
ATOM   5    C  CB  . GLN A 1 9   ? 22.770  14.107  6.244   1.00 42.61 ? 8   GLN A CB  1 
ATOM   6    N  N   . ASN A 1 10  ? 19.863  13.361  7.158   1.00 44.93 ? 9   ASN A N   1 
ATOM   7    C  CA  . ASN A 1 10  ? 18.704  12.840  7.880   1.00 46.01 ? 9   ASN A CA  1 
ATOM   8    C  C   . ASN A 1 10  ? 17.987  11.782  7.035   1.00 45.08 ? 9   ASN A C   1 
ATOM   9    O  O   . ASN A 1 10  ? 17.488  10.796  7.582   1.00 45.42 ? 9   ASN A O   1 
ATOM   10   C  CB  . ASN A 1 10  ? 17.692  13.953  8.208   1.00 47.04 ? 9   ASN A CB  1 
ATOM   11   C  CG  . ASN A 1 10  ? 18.167  14.888  9.306   1.00 47.39 ? 9   ASN A CG  1 
ATOM   12   O  OD1 . ASN A 1 10  ? 18.963  15.792  9.064   1.00 50.63 ? 9   ASN A OD1 1 
ATOM   13   N  ND2 . ASN A 1 10  ? 17.648  14.693  10.514  1.00 46.64 ? 9   ASN A ND2 1 
ATOM   14   N  N   . LYS A 1 11  ? 17.936  12.013  5.715   1.00 43.92 ? 10  LYS A N   1 
ATOM   15   C  CA  . LYS A 1 11  ? 17.326  11.086  4.747   1.00 43.45 ? 10  LYS A CA  1 
ATOM   16   C  C   . LYS A 1 11  ? 18.020  9.724   4.717   1.00 42.51 ? 10  LYS A C   1 
ATOM   17   O  O   . LYS A 1 11  ? 17.358  8.696   4.828   1.00 41.26 ? 10  LYS A O   1 
ATOM   18   C  CB  . LYS A 1 11  ? 17.345  11.690  3.334   1.00 43.27 ? 10  LYS A CB  1 
ATOM   19   N  N   . GLU A 1 12  ? 19.345  9.731   4.556   1.00 42.70 ? 11  GLU A N   1 
ATOM   20   C  CA  . GLU A 1 12  ? 20.161  8.499   4.536   1.00 42.63 ? 11  GLU A CA  1 
ATOM   21   C  C   . GLU A 1 12  ? 19.946  7.627   5.761   1.00 41.43 ? 11  GLU A C   1 
ATOM   22   O  O   . GLU A 1 12  ? 19.663  6.436   5.645   1.00 41.63 ? 11  GLU A O   1 
ATOM   23   C  CB  . GLU A 1 12  ? 21.652  8.838   4.470   1.00 42.80 ? 11  GLU A CB  1 
ATOM   24   C  CG  . GLU A 1 12  ? 22.217  8.885   3.065   1.00 46.93 ? 11  GLU A CG  1 
ATOM   25   C  CD  . GLU A 1 12  ? 23.260  9.973   2.879   1.00 50.39 ? 11  GLU A CD  1 
ATOM   26   O  OE1 . GLU A 1 12  ? 23.670  10.609  3.875   1.00 52.85 ? 11  GLU A OE1 1 
ATOM   27   O  OE2 . GLU A 1 12  ? 23.664  10.208  1.722   1.00 54.20 ? 11  GLU A OE2 1 
ATOM   28   N  N   . ARG A 1 13  ? 20.115  8.235   6.933   1.00 39.81 ? 12  ARG A N   1 
ATOM   29   C  CA  . ARG A 1 13  ? 19.937  7.544   8.205   1.00 38.92 ? 12  ARG A CA  1 
ATOM   30   C  C   . ARG A 1 13  ? 18.536  7.017   8.447   1.00 35.86 ? 12  ARG A C   1 
ATOM   31   O  O   . ARG A 1 13  ? 18.396  5.876   8.886   1.00 35.73 ? 12  ARG A O   1 
ATOM   32   C  CB  . ARG A 1 13  ? 20.238  8.471   9.348   1.00 38.09 ? 12  ARG A CB  1 
ATOM   33   C  CG  . ARG A 1 13  ? 21.663  8.718   9.544   1.00 44.15 ? 12  ARG A CG  1 
ATOM   34   C  CD  . ARG A 1 13  ? 21.753  9.637   10.700  1.00 48.68 ? 12  ARG A CD  1 
ATOM   35   N  NE  . ARG A 1 13  ? 23.111  9.936   11.071  1.00 49.44 ? 12  ARG A NE  1 
ATOM   36   C  CZ  . ARG A 1 13  ? 23.426  10.711  12.095  1.00 50.88 ? 12  ARG A CZ  1 
ATOM   37   N  NH1 . ARG A 1 13  ? 22.488  11.265  12.857  1.00 53.53 ? 12  ARG A NH1 1 
ATOM   38   N  NH2 . ARG A 1 13  ? 24.688  10.927  12.354  1.00 52.67 ? 12  ARG A NH2 1 
ATOM   39   N  N   . ARG A 1 14  ? 17.522  7.869   8.238   1.00 33.45 ? 13  ARG A N   1 
ATOM   40   C  CA  A ARG A 1 14  ? 16.118  7.442   8.306   0.70 33.69 ? 13  ARG A CA  1 
ATOM   41   C  CA  B ARG A 1 14  ? 16.125  7.426   8.332   0.30 33.01 ? 13  ARG A CA  1 
ATOM   42   C  C   . ARG A 1 14  ? 15.940  6.212   7.417   1.00 33.16 ? 13  ARG A C   1 
ATOM   43   O  O   . ARG A 1 14  ? 15.386  5.195   7.841   1.00 31.83 ? 13  ARG A O   1 
ATOM   44   C  CB  A ARG A 1 14  ? 15.168  8.570   7.860   0.70 32.82 ? 13  ARG A CB  1 
ATOM   45   C  CB  B ARG A 1 14  ? 15.116  8.551   7.998   0.30 32.08 ? 13  ARG A CB  1 
ATOM   46   C  CG  A ARG A 1 14  ? 13.662  8.293   8.063   0.70 34.12 ? 13  ARG A CG  1 
ATOM   47   C  CG  B ARG A 1 14  ? 13.628  8.134   8.157   0.30 30.21 ? 13  ARG A CG  1 
ATOM   48   C  CD  A ARG A 1 14  ? 12.812  9.328   7.324   0.70 33.63 ? 13  ARG A CD  1 
ATOM   49   C  CD  B ARG A 1 14  ? 12.614  9.304   8.224   0.30 24.57 ? 13  ARG A CD  1 
ATOM   50   N  NE  A ARG A 1 14  ? 11.393  8.981   7.212   0.70 31.09 ? 13  ARG A NE  1 
ATOM   51   N  NE  B ARG A 1 14  ? 12.351  9.732   9.598   0.30 23.97 ? 13  ARG A NE  1 
ATOM   52   C  CZ  A ARG A 1 14  ? 10.799  8.397   6.162   0.70 28.69 ? 13  ARG A CZ  1 
ATOM   53   C  CZ  B ARG A 1 14  ? 11.167  10.127  10.066  0.30 20.41 ? 13  ARG A CZ  1 
ATOM   54   N  NH1 A ARG A 1 14  ? 11.450  8.044   5.067   0.70 17.84 ? 13  ARG A NH1 1 
ATOM   55   N  NH1 B ARG A 1 14  ? 10.083  10.135  9.297   0.30 14.99 ? 13  ARG A NH1 1 
ATOM   56   N  NH2 A ARG A 1 14  ? 9.500   8.166   6.207   0.70 29.15 ? 13  ARG A NH2 1 
ATOM   57   N  NH2 B ARG A 1 14  ? 11.063  10.492  11.333  0.30 18.28 ? 13  ARG A NH2 1 
ATOM   58   N  N   . GLN A 1 15  ? 16.439  6.311   6.189   1.00 33.35 ? 14  GLN A N   1 
ATOM   59   C  CA  . GLN A 1 15  ? 16.384  5.199   5.240   1.00 34.56 ? 14  GLN A CA  1 
ATOM   60   C  C   . GLN A 1 15  ? 17.144  3.950   5.694   1.00 34.66 ? 14  GLN A C   1 
ATOM   61   O  O   . GLN A 1 15  ? 16.692  2.821   5.457   1.00 35.78 ? 14  GLN A O   1 
ATOM   62   C  CB  . GLN A 1 15  ? 16.937  5.609   3.863   1.00 35.76 ? 14  GLN A CB  1 
ATOM   63   C  CG  . GLN A 1 15  ? 16.620  4.576   2.766   1.00 36.35 ? 14  GLN A CG  1 
ATOM   64   C  CD  . GLN A 1 15  ? 15.144  4.346   2.648   1.00 42.68 ? 14  GLN A CD  1 
ATOM   65   O  OE1 . GLN A 1 15  ? 14.384  5.304   2.538   1.00 48.79 ? 14  GLN A OE1 1 
ATOM   66   N  NE2 . GLN A 1 15  ? 14.712  3.083   2.720   1.00 41.75 ? 14  GLN A NE2 1 
ATOM   67   N  N   . LYS A 1 16  ? 18.319  4.126   6.283   1.00 32.76 ? 15  LYS A N   1 
ATOM   68   C  CA  . LYS A 1 16  ? 19.056  2.956   6.721   1.00 31.34 ? 15  LYS A CA  1 
ATOM   69   C  C   . LYS A 1 16  ? 18.235  2.213   7.769   1.00 29.16 ? 15  LYS A C   1 
ATOM   70   O  O   . LYS A 1 16  ? 18.174  0.989   7.735   1.00 29.90 ? 15  LYS A O   1 
ATOM   71   C  CB  . LYS A 1 16  ? 20.434  3.306   7.292   1.00 33.57 ? 15  LYS A CB  1 
ATOM   72   C  CG  . LYS A 1 16  ? 21.353  2.079   7.319   1.00 36.56 ? 15  LYS A CG  1 
ATOM   73   C  CD  . LYS A 1 16  ? 22.646  2.300   8.077   1.00 41.93 ? 15  LYS A CD  1 
ATOM   74   C  CE  . LYS A 1 16  ? 23.508  1.037   8.020   1.00 41.76 ? 15  LYS A CE  1 
ATOM   75   N  NZ  . LYS A 1 16  ? 24.533  0.997   9.097   1.00 44.55 ? 15  LYS A NZ  1 
ATOM   76   N  N   . ILE A 1 17  ? 17.620  2.945   8.701   1.00 28.04 ? 16  ILE A N   1 
ATOM   77   C  CA  . ILE A 1 17  ? 16.870  2.301   9.806   1.00 29.23 ? 16  ILE A CA  1 
ATOM   78   C  C   . ILE A 1 17  ? 15.654  1.530   9.232   1.00 28.54 ? 16  ILE A C   1 
ATOM   79   O  O   . ILE A 1 17  ? 15.387  0.401   9.639   1.00 27.53 ? 16  ILE A O   1 
ATOM   80   C  CB  . ILE A 1 17  ? 16.447  3.297   10.927  1.00 28.11 ? 16  ILE A CB  1 
ATOM   81   C  CG1 . ILE A 1 17  ? 17.661  3.982   11.571  1.00 27.35 ? 16  ILE A CG1 1 
ATOM   82   C  CG2 . ILE A 1 17  ? 15.685  2.585   12.029  1.00 28.35 ? 16  ILE A CG2 1 
ATOM   83   C  CD1 . ILE A 1 17  ? 17.308  5.285   12.314  1.00 24.21 ? 16  ILE A CD1 1 
ATOM   84   N  N   . LEU A 1 18  ? 14.965  2.139   8.264   1.00 29.69 ? 17  LEU A N   1 
ATOM   85   C  CA  . LEU A 1 18  ? 13.817  1.514   7.590   1.00 31.76 ? 17  LEU A CA  1 
ATOM   86   C  C   . LEU A 1 18  ? 14.190  0.252   6.798   1.00 32.52 ? 17  LEU A C   1 
ATOM   87   O  O   . LEU A 1 18  ? 13.487  -0.747  6.882   1.00 32.78 ? 17  LEU A O   1 
ATOM   88   C  CB  . LEU A 1 18  ? 13.095  2.528   6.688   1.00 31.53 ? 17  LEU A CB  1 
ATOM   89   C  CG  . LEU A 1 18  ? 12.510  3.767   7.384   1.00 31.40 ? 17  LEU A CG  1 
ATOM   90   C  CD1 . LEU A 1 18  ? 11.899  4.722   6.362   1.00 29.24 ? 17  LEU A CD1 1 
ATOM   91   C  CD2 . LEU A 1 18  ? 11.487  3.400   8.475   1.00 30.65 ? 17  LEU A CD2 1 
ATOM   92   N  N   . THR A 1 19  ? 15.290  0.275   6.047   1.00 34.86 ? 18  THR A N   1 
ATOM   93   C  CA  . THR A 1 19  ? 15.690  -0.913  5.269   1.00 34.98 ? 18  THR A CA  1 
ATOM   94   C  C   . THR A 1 19  ? 16.039  -2.067  6.205   1.00 34.30 ? 18  THR A C   1 
ATOM   95   O  O   . THR A 1 19  ? 15.544  -3.197  6.021   1.00 32.36 ? 18  THR A O   1 
ATOM   96   C  CB  . THR A 1 19  ? 16.893  -0.643  4.322   1.00 37.21 ? 18  THR A CB  1 
ATOM   97   O  OG1 . THR A 1 19  ? 16.736  0.635   3.700   1.00 39.22 ? 18  THR A OG1 1 
ATOM   98   C  CG2 . THR A 1 19  ? 16.970  -1.721  3.235   1.00 33.77 ? 18  THR A CG2 1 
ATOM   99   N  N   . CYS A 1 20  ? 16.862  -1.773  7.217   1.00 31.90 ? 19  CYS A N   1 
ATOM   100  C  CA  . CYS A 1 20  ? 17.245  -2.779  8.230   1.00 33.21 ? 19  CYS A CA  1 
ATOM   101  C  C   . CYS A 1 20  ? 16.044  -3.366  8.985   1.00 30.25 ? 19  CYS A C   1 
ATOM   102  O  O   . CYS A 1 20  ? 16.018  -4.559  9.291   1.00 26.30 ? 19  CYS A O   1 
ATOM   103  C  CB  . CYS A 1 20  ? 18.225  -2.190  9.261   1.00 34.16 ? 19  CYS A CB  1 
ATOM   104  S  SG  . CYS A 1 20  ? 19.833  -1.715  8.591   1.00 43.07 ? 19  CYS A SG  1 
ATOM   105  N  N   . SER A 1 21  ? 15.081  -2.507  9.304   1.00 29.11 ? 20  SER A N   1 
ATOM   106  C  CA  . SER A 1 21  ? 13.873  -2.916  10.016  1.00 29.55 ? 20  SER A CA  1 
ATOM   107  C  C   . SER A 1 21  ? 13.053  -3.874  9.145   1.00 29.19 ? 20  SER A C   1 
ATOM   108  O  O   . SER A 1 21  ? 12.599  -4.930  9.599   1.00 27.04 ? 20  SER A O   1 
ATOM   109  C  CB  . SER A 1 21  ? 13.019  -1.682  10.395  1.00 29.08 ? 20  SER A CB  1 
ATOM   110  O  OG  . SER A 1 21  ? 13.671  -0.848  11.326  1.00 29.63 ? 20  SER A OG  1 
ATOM   111  N  N   . LEU A 1 22  ? 12.884  -3.495  7.885   1.00 30.01 ? 21  LEU A N   1 
ATOM   112  C  CA  . LEU A 1 22  ? 12.215  -4.344  6.913   1.00 30.03 ? 21  LEU A CA  1 
ATOM   113  C  C   . LEU A 1 22  ? 12.919  -5.700  6.869   1.00 28.55 ? 21  LEU A C   1 
ATOM   114  O  O   . LEU A 1 22  ? 12.271  -6.739  7.023   1.00 29.62 ? 21  LEU A O   1 
ATOM   115  C  CB  . LEU A 1 22  ? 12.198  -3.657  5.537   1.00 27.93 ? 21  LEU A CB  1 
ATOM   116  C  CG  . LEU A 1 22  ? 11.045  -3.811  4.562   1.00 35.23 ? 21  LEU A CG  1 
ATOM   117  C  CD1 . LEU A 1 22  ? 9.691   -3.949  5.252   1.00 29.82 ? 21  LEU A CD1 1 
ATOM   118  C  CD2 . LEU A 1 22  ? 11.069  -2.590  3.597   1.00 33.35 ? 21  LEU A CD2 1 
ATOM   119  N  N   . ASP A 1 23  ? 14.239  -5.711  6.707   1.00 29.74 ? 22  ASP A N   1 
ATOM   120  C  CA  . ASP A 1 23  ? 14.972  -6.993  6.600   1.00 28.83 ? 22  ASP A CA  1 
ATOM   121  C  C   . ASP A 1 23  ? 14.773  -7.886  7.819   1.00 26.31 ? 22  ASP A C   1 
ATOM   122  O  O   . ASP A 1 23  ? 14.588  -9.097  7.681   1.00 23.17 ? 22  ASP A O   1 
ATOM   123  C  CB  . ASP A 1 23  ? 16.487  -6.783  6.386   1.00 33.99 ? 22  ASP A CB  1 
ATOM   124  C  CG  . ASP A 1 23  ? 16.816  -6.076  5.055   1.00 33.86 ? 22  ASP A CG  1 
ATOM   125  O  OD1 . ASP A 1 23  ? 15.934  -5.939  4.189   1.00 34.62 ? 22  ASP A OD1 1 
ATOM   126  O  OD2 . ASP A 1 23  ? 17.964  -5.626  4.897   1.00 49.13 ? 22  ASP A OD2 1 
ATOM   127  N  N   . LEU A 1 24  ? 14.854  -7.295  9.014   1.00 25.78 ? 23  LEU A N   1 
ATOM   128  C  CA  . LEU A 1 24  ? 14.668  -8.038  10.268  1.00 25.24 ? 23  LEU A CA  1 
ATOM   129  C  C   . LEU A 1 24  ? 13.211  -8.554  10.428  1.00 26.16 ? 23  LEU A C   1 
ATOM   130  O  O   . LEU A 1 24  ? 12.973  -9.670  10.938  1.00 24.11 ? 23  LEU A O   1 
ATOM   131  C  CB  . LEU A 1 24  ? 15.075  -7.179  11.484  1.00 26.43 ? 23  LEU A CB  1 
ATOM   132  C  CG  . LEU A 1 24  ? 16.562  -7.025  11.838  1.00 25.92 ? 23  LEU A CG  1 
ATOM   133  C  CD1 . LEU A 1 24  ? 16.724  -5.881  12.829  1.00 26.19 ? 23  LEU A CD1 1 
ATOM   134  C  CD2 . LEU A 1 24  ? 17.142  -8.309  12.433  1.00 27.50 ? 23  LEU A CD2 1 
ATOM   135  N  N   . PHE A 1 25  ? 12.240  -7.748  9.994   1.00 26.55 ? 24  PHE A N   1 
ATOM   136  C  CA  . PHE A 1 25  ? 10.839  -8.155  10.042  1.00 28.12 ? 24  PHE A CA  1 
ATOM   137  C  C   . PHE A 1 25  ? 10.637  -9.422  9.178   1.00 27.50 ? 24  PHE A C   1 
ATOM   138  O  O   . PHE A 1 25  ? 10.038  -10.398 9.636   1.00 29.38 ? 24  PHE A O   1 
ATOM   139  C  CB  . PHE A 1 25  ? 9.897   -7.025  9.546   1.00 29.73 ? 24  PHE A CB  1 
ATOM   140  C  CG  . PHE A 1 25  ? 9.833   -5.801  10.445  1.00 24.24 ? 24  PHE A CG  1 
ATOM   141  C  CD1 . PHE A 1 25  ? 10.283  -5.819  11.740  1.00 21.72 ? 24  PHE A CD1 1 
ATOM   142  C  CD2 . PHE A 1 25  ? 9.229   -4.645  9.975   1.00 26.75 ? 24  PHE A CD2 1 
ATOM   143  C  CE1 . PHE A 1 25  ? 10.195  -4.707  12.525  1.00 23.59 ? 24  PHE A CE1 1 
ATOM   144  C  CE2 . PHE A 1 25  ? 9.137   -3.524  10.761  1.00 24.08 ? 24  PHE A CE2 1 
ATOM   145  C  CZ  . PHE A 1 25  ? 9.631   -3.543  12.022  1.00 22.82 ? 24  PHE A CZ  1 
ATOM   146  N  N   . ILE A 1 26  ? 11.161  -9.393  7.954   1.00 29.11 ? 25  ILE A N   1 
ATOM   147  C  CA  . ILE A 1 26  ? 11.147  -10.554 7.041   1.00 30.51 ? 25  ILE A CA  1 
ATOM   148  C  C   . ILE A 1 26  ? 11.874  -11.778 7.624   1.00 32.25 ? 25  ILE A C   1 
ATOM   149  O  O   . ILE A 1 26  ? 11.379  -12.888 7.543   1.00 32.46 ? 25  ILE A O   1 
ATOM   150  C  CB  . ILE A 1 26  ? 11.827  -10.213 5.686   1.00 32.30 ? 25  ILE A CB  1 
ATOM   151  C  CG1 . ILE A 1 26  ? 10.972  -9.226  4.895   1.00 33.14 ? 25  ILE A CG1 1 
ATOM   152  C  CG2 . ILE A 1 26  ? 12.090  -11.494 4.876   1.00 26.73 ? 25  ILE A CG2 1 
ATOM   153  C  CD1 . ILE A 1 26  ? 9.633   -9.766  4.502   1.00 27.25 ? 25  ILE A CD1 1 
ATOM   154  N  N   . GLU A 1 27  ? 13.032  -11.560 8.236   1.00 34.18 ? 26  GLU A N   1 
ATOM   155  C  CA  . GLU A 1 27  ? 13.896  -12.659 8.693   1.00 33.56 ? 26  GLU A CA  1 
ATOM   156  C  C   . GLU A 1 27  ? 13.453  -13.317 10.012  1.00 34.13 ? 26  GLU A C   1 
ATOM   157  O  O   . GLU A 1 27  ? 13.514  -14.546 10.148  1.00 34.01 ? 26  GLU A O   1 
ATOM   158  C  CB  . GLU A 1 27  ? 15.310  -12.133 8.837   1.00 32.91 ? 26  GLU A CB  1 
ATOM   159  C  CG  . GLU A 1 27  ? 16.301  -13.151 9.325   1.00 43.22 ? 26  GLU A CG  1 
ATOM   160  C  CD  . GLU A 1 27  ? 17.638  -12.530 9.652   1.00 50.79 ? 26  GLU A CD  1 
ATOM   161  O  OE1 . GLU A 1 27  ? 18.135  -11.746 8.818   1.00 57.31 ? 26  GLU A OE1 1 
ATOM   162  O  OE2 . GLU A 1 27  ? 18.184  -12.829 10.737  1.00 50.39 ? 26  GLU A OE2 1 
ATOM   163  N  N   . LYS A 1 28  ? 13.054  -12.496 10.989  1.00 33.95 ? 27  LYS A N   1 
ATOM   164  C  CA  . LYS A 1 28  ? 12.701  -12.980 12.342  1.00 32.84 ? 27  LYS A CA  1 
ATOM   165  C  C   . LYS A 1 28  ? 11.202  -12.949 12.640  1.00 29.96 ? 27  LYS A C   1 
ATOM   166  O  O   . LYS A 1 28  ? 10.756  -13.578 13.620  1.00 29.39 ? 27  LYS A O   1 
ATOM   167  C  CB  . LYS A 1 28  ? 13.399  -12.134 13.424  1.00 34.45 ? 27  LYS A CB  1 
ATOM   168  C  CG  . LYS A 1 28  ? 14.919  -11.998 13.305  1.00 38.03 ? 27  LYS A CG  1 
ATOM   169  C  CD  . LYS A 1 28  ? 15.497  -11.160 14.455  1.00 43.45 ? 27  LYS A CD  1 
ATOM   170  C  CE  . LYS A 1 28  ? 15.024  -11.653 15.832  1.00 46.02 ? 27  LYS A CE  1 
ATOM   171  N  NZ  . LYS A 1 28  ? 15.853  -11.150 16.979  1.00 49.48 ? 27  LYS A NZ  1 
ATOM   172  N  N   . GLY A 1 29  ? 10.440  -12.214 11.822  1.00 28.42 ? 28  GLY A N   1 
ATOM   173  C  CA  . GLY A 1 29  ? 9.027   -11.911 12.115  1.00 28.08 ? 28  GLY A CA  1 
ATOM   174  C  C   . GLY A 1 29  ? 8.861   -10.587 12.891  1.00 27.71 ? 28  GLY A C   1 
ATOM   175  O  O   . GLY A 1 29  ? 9.620   -10.304 13.823  1.00 26.45 ? 28  GLY A O   1 
ATOM   176  N  N   . TYR A 1 30  ? 7.864   -9.794  12.499  1.00 24.15 ? 29  TYR A N   1 
ATOM   177  C  CA  . TYR A 1 30  ? 7.613   -8.453  13.054  1.00 26.85 ? 29  TYR A CA  1 
ATOM   178  C  C   . TYR A 1 30  ? 7.581   -8.409  14.594  1.00 26.41 ? 29  TYR A C   1 
ATOM   179  O  O   . TYR A 1 30  ? 8.186   -7.531  15.207  1.00 27.64 ? 29  TYR A O   1 
ATOM   180  C  CB  . TYR A 1 30  ? 6.297   -7.875  12.478  1.00 26.17 ? 29  TYR A CB  1 
ATOM   181  C  CG  . TYR A 1 30  ? 5.983   -6.507  13.030  1.00 23.21 ? 29  TYR A CG  1 
ATOM   182  C  CD1 . TYR A 1 30  ? 6.433   -5.362  12.384  1.00 20.96 ? 29  TYR A CD1 1 
ATOM   183  C  CD2 . TYR A 1 30  ? 5.301   -6.356  14.246  1.00 24.45 ? 29  TYR A CD2 1 
ATOM   184  C  CE1 . TYR A 1 30  ? 6.195   -4.097  12.914  1.00 27.51 ? 29  TYR A CE1 1 
ATOM   185  C  CE2 . TYR A 1 30  ? 5.048   -5.091  14.776  1.00 25.59 ? 29  TYR A CE2 1 
ATOM   186  C  CZ  . TYR A 1 30  ? 5.515   -3.969  14.110  1.00 24.78 ? 29  TYR A CZ  1 
ATOM   187  O  OH  . TYR A 1 30  ? 5.274   -2.689  14.600  1.00 35.50 ? 29  TYR A OH  1 
ATOM   188  N  N   . TYR A 1 31  ? 6.901   -9.365  15.214  1.00 25.34 ? 30  TYR A N   1 
ATOM   189  C  CA  . TYR A 1 31  ? 6.756   -9.385  16.675  1.00 27.43 ? 30  TYR A CA  1 
ATOM   190  C  C   . TYR A 1 31  ? 8.000   -9.857  17.411  1.00 30.96 ? 30  TYR A C   1 
ATOM   191  O  O   . TYR A 1 31  ? 8.319   -9.333  18.513  1.00 32.53 ? 30  TYR A O   1 
ATOM   192  C  CB  . TYR A 1 31  ? 5.538   -10.217 17.069  1.00 27.87 ? 30  TYR A CB  1 
ATOM   193  C  CG  . TYR A 1 31  ? 4.280   -9.481  16.693  1.00 28.43 ? 30  TYR A CG  1 
ATOM   194  C  CD1 . TYR A 1 31  ? 3.907   -8.322  17.387  1.00 23.46 ? 30  TYR A CD1 1 
ATOM   195  C  CD2 . TYR A 1 31  ? 3.509   -9.883  15.622  1.00 25.37 ? 30  TYR A CD2 1 
ATOM   196  C  CE1 . TYR A 1 31  ? 2.776   -7.627  17.063  1.00 21.26 ? 30  TYR A CE1 1 
ATOM   197  C  CE2 . TYR A 1 31  ? 2.374   -9.179  15.257  1.00 23.19 ? 30  TYR A CE2 1 
ATOM   198  C  CZ  . TYR A 1 31  ? 2.005   -8.049  15.986  1.00 24.59 ? 30  TYR A CZ  1 
ATOM   199  O  OH  . TYR A 1 31  ? 0.873   -7.348  15.647  1.00 21.07 ? 30  TYR A OH  1 
ATOM   200  N  N   . ASN A 1 32  ? 8.708   -10.806 16.797  1.00 29.41 ? 31  ASN A N   1 
ATOM   201  C  CA  . ASN A 1 32  ? 10.007  -11.287 17.311  1.00 28.36 ? 31  ASN A CA  1 
ATOM   202  C  C   . ASN A 1 32  ? 11.156  -10.293 17.152  1.00 25.78 ? 31  ASN A C   1 
ATOM   203  O  O   . ASN A 1 32  ? 12.187  -10.487 17.758  1.00 25.52 ? 31  ASN A O   1 
ATOM   204  C  CB  . ASN A 1 32  ? 10.434  -12.588 16.606  1.00 27.71 ? 31  ASN A CB  1 
ATOM   205  C  CG  . ASN A 1 32  ? 9.440   -13.738 16.800  1.00 27.82 ? 31  ASN A CG  1 
ATOM   206  O  OD1 . ASN A 1 32  ? 8.954   -13.974 17.897  1.00 25.60 ? 31  ASN A OD1 1 
ATOM   207  N  ND2 . ASN A 1 32  ? 9.158   -14.472 15.724  1.00 24.22 ? 31  ASN A ND2 1 
ATOM   208  N  N   . THR A 1 33  ? 11.019  -9.282  16.293  1.00 26.69 ? 32  THR A N   1 
ATOM   209  C  CA  . THR A 1 33  ? 12.063  -8.238  16.153  1.00 27.49 ? 32  THR A CA  1 
ATOM   210  C  C   . THR A 1 33  ? 11.945  -7.166  17.258  1.00 29.28 ? 32  THR A C   1 
ATOM   211  O  O   . THR A 1 33  ? 10.866  -6.604  17.454  1.00 25.59 ? 32  THR A O   1 
ATOM   212  C  CB  . THR A 1 33  ? 11.970  -7.518  14.809  1.00 27.70 ? 32  THR A CB  1 
ATOM   213  O  OG1 . THR A 1 33  ? 12.013  -8.478  13.755  1.00 28.18 ? 32  THR A OG1 1 
ATOM   214  C  CG2 . THR A 1 33  ? 13.117  -6.462  14.640  1.00 24.41 ? 32  THR A CG2 1 
ATOM   215  N  N   . SER A 1 34  ? 13.047  -6.870  17.953  1.00 29.63 ? 33  SER A N   1 
ATOM   216  C  CA  . SER A 1 34  ? 13.070  -5.752  18.919  1.00 29.90 ? 33  SER A CA  1 
ATOM   217  C  C   . SER A 1 34  ? 13.759  -4.466  18.396  1.00 31.80 ? 33  SER A C   1 
ATOM   218  O  O   . SER A 1 34  ? 14.551  -4.507  17.434  1.00 28.52 ? 33  SER A O   1 
ATOM   219  C  CB  . SER A 1 34  ? 13.787  -6.185  20.189  1.00 30.40 ? 33  SER A CB  1 
ATOM   220  O  OG  . SER A 1 34  ? 15.158  -6.434  19.923  1.00 27.07 ? 33  SER A OG  1 
ATOM   221  N  N   . ILE A 1 35  ? 13.475  -3.339  19.069  1.00 31.92 ? 34  ILE A N   1 
ATOM   222  C  CA  A ILE A 1 35  ? 14.136  -2.070  18.760  0.50 33.05 ? 34  ILE A CA  1 
ATOM   223  C  CA  B ILE A 1 35  ? 14.142  -2.067  18.784  0.50 32.78 ? 34  ILE A CA  1 
ATOM   224  C  C   . ILE A 1 35  ? 15.643  -2.264  18.918  1.00 32.66 ? 34  ILE A C   1 
ATOM   225  O  O   . ILE A 1 35  ? 16.409  -1.690  18.159  1.00 33.26 ? 34  ILE A O   1 
ATOM   226  C  CB  A ILE A 1 35  ? 13.668  -0.903  19.685  0.50 34.23 ? 34  ILE A CB  1 
ATOM   227  C  CB  B ILE A 1 35  ? 13.692  -0.933  19.753  0.50 33.52 ? 34  ILE A CB  1 
ATOM   228  C  CG1 A ILE A 1 35  ? 12.178  -0.628  19.507  0.50 36.79 ? 34  ILE A CG1 1 
ATOM   229  C  CG1 B ILE A 1 35  ? 12.287  -0.478  19.401  0.50 34.75 ? 34  ILE A CG1 1 
ATOM   230  C  CG2 A ILE A 1 35  ? 14.427  0.383   19.367  0.50 33.31 ? 34  ILE A CG2 1 
ATOM   231  C  CG2 B ILE A 1 35  ? 14.600  0.282   19.646  0.50 33.11 ? 34  ILE A CG2 1 
ATOM   232  C  CD1 A ILE A 1 35  ? 11.489  -0.265  20.801  0.50 35.52 ? 34  ILE A CD1 1 
ATOM   233  C  CD1 B ILE A 1 35  ? 12.201  0.055   17.999  0.50 28.05 ? 34  ILE A CD1 1 
ATOM   234  N  N   . ARG A 1 36  ? 16.039  -3.088  19.900  1.00 32.38 ? 35  ARG A N   1 
ATOM   235  C  CA  . ARG A 1 36  ? 17.441  -3.488  20.124  1.00 33.46 ? 35  ARG A CA  1 
ATOM   236  C  C   . ARG A 1 36  ? 18.106  -4.080  18.874  1.00 34.31 ? 35  ARG A C   1 
ATOM   237  O  O   . ARG A 1 36  ? 19.201  -3.661  18.502  1.00 35.91 ? 35  ARG A O   1 
ATOM   238  C  CB  . ARG A 1 36  ? 17.535  -4.492  21.280  1.00 32.02 ? 35  ARG A CB  1 
ATOM   239  N  N   . ASP A 1 37  ? 17.448  -5.065  18.250  1.00 33.74 ? 36  ASP A N   1 
ATOM   240  C  CA  . ASP A 1 37  ? 17.938  -5.735  17.027  1.00 32.41 ? 36  ASP A CA  1 
ATOM   241  C  C   . ASP A 1 37  ? 18.132  -4.738  15.904  1.00 32.57 ? 36  ASP A C   1 
ATOM   242  O  O   . ASP A 1 37  ? 19.141  -4.767  15.198  1.00 33.61 ? 36  ASP A O   1 
ATOM   243  C  CB  . ASP A 1 37  ? 16.935  -6.799  16.519  1.00 33.40 ? 36  ASP A CB  1 
ATOM   244  C  CG  . ASP A 1 37  ? 16.608  -7.871  17.564  1.00 35.25 ? 36  ASP A CG  1 
ATOM   245  O  OD1 . ASP A 1 37  ? 17.441  -8.068  18.488  1.00 32.72 ? 36  ASP A OD1 1 
ATOM   246  O  OD2 . ASP A 1 37  ? 15.518  -8.508  17.460  1.00 32.11 ? 36  ASP A OD2 1 
ATOM   247  N  N   . ILE A 1 38  ? 17.133  -3.873  15.730  1.00 31.20 ? 37  ILE A N   1 
ATOM   248  C  CA  . ILE A 1 38  ? 17.158  -2.854  14.693  1.00 30.90 ? 37  ILE A CA  1 
ATOM   249  C  C   . ILE A 1 38  ? 18.261  -1.831  14.930  1.00 32.89 ? 37  ILE A C   1 
ATOM   250  O  O   . ILE A 1 38  ? 19.018  -1.541  14.007  1.00 30.92 ? 37  ILE A O   1 
ATOM   251  C  CB  . ILE A 1 38  ? 15.822  -2.110  14.599  1.00 31.80 ? 37  ILE A CB  1 
ATOM   252  C  CG1 . ILE A 1 38  ? 14.692  -3.088  14.229  1.00 24.20 ? 37  ILE A CG1 1 
ATOM   253  C  CG2 . ILE A 1 38  ? 15.963  -0.948  13.596  1.00 33.04 ? 37  ILE A CG2 1 
ATOM   254  C  CD1 . ILE A 1 38  ? 13.250  -2.494  14.342  1.00 18.36 ? 37  ILE A CD1 1 
ATOM   255  N  N   . ILE A 1 39  ? 18.364  -1.301  16.159  1.00 34.90 ? 38  ILE A N   1 
ATOM   256  C  CA  . ILE A 1 39  ? 19.427  -0.331  16.485  1.00 36.13 ? 38  ILE A CA  1 
ATOM   257  C  C   . ILE A 1 39  ? 20.802  -0.982  16.248  1.00 35.34 ? 38  ILE A C   1 
ATOM   258  O  O   . ILE A 1 39  ? 21.629  -0.400  15.564  1.00 34.91 ? 38  ILE A O   1 
ATOM   259  C  CB  . ILE A 1 39  ? 19.310  0.347   17.924  1.00 38.09 ? 38  ILE A CB  1 
ATOM   260  C  CG1 . ILE A 1 39  ? 19.480  -0.656  19.066  1.00 43.83 ? 38  ILE A CG1 1 
ATOM   261  C  CG2 . ILE A 1 39  ? 17.988  1.099   18.100  1.00 34.33 ? 38  ILE A CG2 1 
ATOM   262  C  CD1 . ILE A 1 39  ? 19.666  -0.019  20.437  1.00 43.81 ? 38  ILE A CD1 1 
ATOM   263  N  N   . ALA A 1 40  ? 21.007  -2.214  16.730  1.00 35.54 ? 39  ALA A N   1 
ATOM   264  C  CA  . ALA A 1 40  ? 22.262  -2.957  16.507  1.00 34.53 ? 39  ALA A CA  1 
ATOM   265  C  C   . ALA A 1 40  ? 22.591  -3.164  15.024  1.00 34.47 ? 39  ALA A C   1 
ATOM   266  O  O   . ALA A 1 40  ? 23.703  -2.915  14.599  1.00 35.00 ? 39  ALA A O   1 
ATOM   267  C  CB  . ALA A 1 40  ? 22.245  -4.300  17.246  1.00 32.73 ? 39  ALA A CB  1 
ATOM   268  N  N   . LEU A 1 41  ? 21.630  -3.612  14.230  1.00 38.78 ? 40  LEU A N   1 
ATOM   269  C  CA  . LEU A 1 41  ? 21.871  -3.828  12.792  1.00 39.79 ? 40  LEU A CA  1 
ATOM   270  C  C   . LEU A 1 41  ? 21.970  -2.510  11.989  1.00 41.04 ? 40  LEU A C   1 
ATOM   271  O  O   . LEU A 1 41  ? 22.639  -2.453  10.957  1.00 40.32 ? 40  LEU A O   1 
ATOM   272  C  CB  . LEU A 1 41  ? 20.763  -4.702  12.202  1.00 40.58 ? 40  LEU A CB  1 
ATOM   273  C  CG  . LEU A 1 41  ? 20.992  -5.315  10.816  1.00 38.65 ? 40  LEU A CG  1 
ATOM   274  C  CD1 . LEU A 1 41  ? 22.016  -6.463  10.901  1.00 35.16 ? 40  LEU A CD1 1 
ATOM   275  C  CD2 . LEU A 1 41  ? 19.648  -5.781  10.247  1.00 28.07 ? 40  LEU A CD2 1 
ATOM   276  N  N   . SER A 1 42  ? 21.284  -1.467  12.458  1.00 42.43 ? 41  SER A N   1 
ATOM   277  C  CA  . SER A 1 42  ? 21.344  -0.145  11.824  1.00 42.75 ? 41  SER A CA  1 
ATOM   278  C  C   . SER A 1 42  ? 22.655  0.601   12.143  1.00 43.16 ? 41  SER A C   1 
ATOM   279  O  O   . SER A 1 42  ? 23.150  1.364   11.312  1.00 43.02 ? 41  SER A O   1 
ATOM   280  C  CB  . SER A 1 42  ? 20.160  0.701   12.271  1.00 41.88 ? 41  SER A CB  1 
ATOM   281  O  OG  . SER A 1 42  ? 19.802  1.628   11.270  1.00 50.50 ? 41  SER A OG  1 
ATOM   282  N  N   . GLU A 1 43  ? 23.185  0.380   13.352  1.00 43.55 ? 42  GLU A N   1 
ATOM   283  C  CA  . GLU A 1 43  ? 24.414  1.027   13.862  1.00 44.24 ? 42  GLU A CA  1 
ATOM   284  C  C   . GLU A 1 43  ? 24.355  2.542   14.036  1.00 44.86 ? 42  GLU A C   1 
ATOM   285  O  O   . GLU A 1 43  ? 25.390  3.161   14.214  1.00 44.12 ? 42  GLU A O   1 
ATOM   286  C  CB  . GLU A 1 43  ? 25.631  0.685   12.992  1.00 44.23 ? 42  GLU A CB  1 
ATOM   287  C  CG  . GLU A 1 43  ? 26.181  -0.716  13.192  1.00 45.42 ? 42  GLU A CG  1 
ATOM   288  C  CD  . GLU A 1 43  ? 26.926  -1.207  11.967  1.00 48.04 ? 42  GLU A CD  1 
ATOM   289  O  OE1 . GLU A 1 43  ? 26.377  -1.067  10.856  1.00 51.81 ? 42  GLU A OE1 1 
ATOM   290  O  OE2 . GLU A 1 43  ? 28.055  -1.723  12.102  1.00 49.45 ? 42  GLU A OE2 1 
ATOM   291  N  N   . VAL A 1 44  ? 23.166  3.144   14.001  1.00 47.16 ? 43  VAL A N   1 
ATOM   292  C  CA  . VAL A 1 44  ? 23.058  4.606   14.155  1.00 48.85 ? 43  VAL A CA  1 
ATOM   293  C  C   . VAL A 1 44  ? 23.205  5.097   15.615  1.00 49.24 ? 43  VAL A C   1 
ATOM   294  O  O   . VAL A 1 44  ? 23.345  6.301   15.849  1.00 47.94 ? 43  VAL A O   1 
ATOM   295  C  CB  . VAL A 1 44  ? 21.744  5.165   13.543  1.00 49.51 ? 43  VAL A CB  1 
ATOM   296  C  CG1 . VAL A 1 44  ? 21.683  4.874   12.027  1.00 49.81 ? 43  VAL A CG1 1 
ATOM   297  C  CG2 . VAL A 1 44  ? 20.518  4.610   14.279  1.00 51.34 ? 43  VAL A CG2 1 
ATOM   298  N  N   . GLY A 1 45  ? 23.191  4.172   16.580  1.00 50.95 ? 44  GLY A N   1 
ATOM   299  C  CA  . GLY A 1 45  ? 23.270  4.515   18.015  1.00 51.54 ? 44  GLY A CA  1 
ATOM   300  C  C   . GLY A 1 45  ? 21.874  4.630   18.619  1.00 52.54 ? 44  GLY A C   1 
ATOM   301  O  O   . GLY A 1 45  ? 20.906  4.983   17.923  1.00 52.93 ? 44  GLY A O   1 
ATOM   302  N  N   . THR A 1 46  ? 21.751  4.322   19.908  1.00 52.48 ? 45  THR A N   1 
ATOM   303  C  CA  . THR A 1 46  ? 20.432  4.316   20.565  1.00 52.55 ? 45  THR A CA  1 
ATOM   304  C  C   . THR A 1 46  ? 19.813  5.729   20.579  1.00 51.96 ? 45  THR A C   1 
ATOM   305  O  O   . THR A 1 46  ? 18.636  5.897   20.217  1.00 50.11 ? 45  THR A O   1 
ATOM   306  C  CB  . THR A 1 46  ? 20.499  3.736   22.016  1.00 52.54 ? 45  THR A CB  1 
ATOM   307  O  OG1 . THR A 1 46  ? 21.417  4.506   22.807  1.00 56.13 ? 45  THR A OG1 1 
ATOM   308  C  CG2 . THR A 1 46  ? 20.937  2.264   22.004  1.00 49.94 ? 45  THR A CG2 1 
ATOM   309  N  N   . GLY A 1 47  ? 20.628  6.721   20.968  1.00 51.20 ? 46  GLY A N   1 
ATOM   310  C  CA  . GLY A 1 47  ? 20.232  8.139   21.020  1.00 51.33 ? 46  GLY A CA  1 
ATOM   311  C  C   . GLY A 1 47  ? 19.766  8.767   19.703  1.00 51.60 ? 46  GLY A C   1 
ATOM   312  O  O   . GLY A 1 47  ? 18.767  9.491   19.692  1.00 51.69 ? 46  GLY A O   1 
ATOM   313  N  N   . THR A 1 48  ? 20.486  8.511   18.603  1.00 50.94 ? 47  THR A N   1 
ATOM   314  C  CA  . THR A 1 48  ? 20.095  9.013   17.263  1.00 50.03 ? 47  THR A CA  1 
ATOM   315  C  C   . THR A 1 48  ? 18.832  8.326   16.731  1.00 48.85 ? 47  THR A C   1 
ATOM   316  O  O   . THR A 1 48  ? 17.963  8.970   16.131  1.00 46.04 ? 47  THR A O   1 
ATOM   317  C  CB  . THR A 1 48  ? 21.192  8.783   16.203  1.00 49.54 ? 47  THR A CB  1 
ATOM   318  O  OG1 . THR A 1 48  ? 22.458  9.204   16.722  1.00 51.50 ? 47  THR A OG1 1 
ATOM   319  C  CG2 . THR A 1 48  ? 20.869  9.555   14.926  1.00 47.64 ? 47  THR A CG2 1 
ATOM   320  N  N   . PHE A 1 49  ? 18.759  7.011   16.922  1.00 48.21 ? 48  PHE A N   1 
ATOM   321  C  CA  . PHE A 1 49  ? 17.553  6.257   16.580  1.00 47.13 ? 48  PHE A CA  1 
ATOM   322  C  C   . PHE A 1 49  ? 16.285  6.973   17.089  1.00 46.27 ? 48  PHE A C   1 
ATOM   323  O  O   . PHE A 1 49  ? 15.300  7.109   16.349  1.00 46.71 ? 48  PHE A O   1 
ATOM   324  C  CB  . PHE A 1 49  ? 17.619  4.839   17.162  1.00 46.79 ? 48  PHE A CB  1 
ATOM   325  C  CG  . PHE A 1 49  ? 16.385  4.028   16.900  1.00 45.04 ? 48  PHE A CG  1 
ATOM   326  C  CD1 . PHE A 1 49  ? 16.264  3.297   15.728  1.00 39.38 ? 48  PHE A CD1 1 
ATOM   327  C  CD2 . PHE A 1 49  ? 15.337  4.013   17.820  1.00 45.78 ? 48  PHE A CD2 1 
ATOM   328  C  CE1 . PHE A 1 49  ? 15.122  2.555   15.474  1.00 43.71 ? 48  PHE A CE1 1 
ATOM   329  C  CE2 . PHE A 1 49  ? 14.178  3.268   17.576  1.00 50.13 ? 48  PHE A CE2 1 
ATOM   330  C  CZ  . PHE A 1 49  ? 14.071  2.538   16.398  1.00 46.66 ? 48  PHE A CZ  1 
ATOM   331  N  N   . TYR A 1 50  ? 16.327  7.427   18.345  1.00 44.68 ? 49  TYR A N   1 
ATOM   332  C  CA  . TYR A 1 50  ? 15.177  8.083   18.982  1.00 43.84 ? 49  TYR A CA  1 
ATOM   333  C  C   . TYR A 1 50  ? 14.867  9.512   18.488  1.00 42.23 ? 49  TYR A C   1 
ATOM   334  O  O   . TYR A 1 50  ? 13.788  10.051  18.785  1.00 40.80 ? 49  TYR A O   1 
ATOM   335  C  CB  . TYR A 1 50  ? 15.338  8.080   20.502  1.00 44.61 ? 49  TYR A CB  1 
ATOM   336  C  CG  . TYR A 1 50  ? 15.071  6.737   21.145  1.00 47.74 ? 49  TYR A CG  1 
ATOM   337  C  CD1 . TYR A 1 50  ? 13.788  6.192   21.154  1.00 42.52 ? 49  TYR A CD1 1 
ATOM   338  C  CD2 . TYR A 1 50  ? 16.094  6.030   21.775  1.00 51.39 ? 49  TYR A CD2 1 
ATOM   339  C  CE1 . TYR A 1 50  ? 13.540  4.969   21.753  1.00 46.70 ? 49  TYR A CE1 1 
ATOM   340  C  CE2 . TYR A 1 50  ? 15.851  4.811   22.382  1.00 49.75 ? 49  TYR A CE2 1 
ATOM   341  C  CZ  . TYR A 1 50  ? 14.577  4.287   22.367  1.00 47.04 ? 49  TYR A CZ  1 
ATOM   342  O  OH  . TYR A 1 50  ? 14.342  3.078   22.969  1.00 48.50 ? 49  TYR A OH  1 
ATOM   343  N  N   . ASN A 1 51  ? 15.794  10.116  17.741  1.00 40.54 ? 50  ASN A N   1 
ATOM   344  C  CA  . ASN A 1 51  ? 15.505  11.359  17.026  1.00 39.16 ? 50  ASN A CA  1 
ATOM   345  C  C   . ASN A 1 51  ? 14.489  11.110  15.924  1.00 38.48 ? 50  ASN A C   1 
ATOM   346  O  O   . ASN A 1 51  ? 13.784  12.034  15.537  1.00 38.58 ? 50  ASN A O   1 
ATOM   347  C  CB  . ASN A 1 51  ? 16.781  11.992  16.429  1.00 39.28 ? 50  ASN A CB  1 
ATOM   348  C  CG  . ASN A 1 51  ? 17.704  12.589  17.490  1.00 41.57 ? 50  ASN A CG  1 
ATOM   349  O  OD1 . ASN A 1 51  ? 17.270  12.948  18.587  1.00 33.91 ? 50  ASN A OD1 1 
ATOM   350  N  ND2 . ASN A 1 51  ? 18.985  12.716  17.151  1.00 45.40 ? 50  ASN A ND2 1 
ATOM   351  N  N   . TYR A 1 52  ? 14.415  9.862   15.442  1.00 37.92 ? 51  TYR A N   1 
ATOM   352  C  CA  . TYR A 1 52  ? 13.498  9.453   14.354  1.00 38.84 ? 51  TYR A CA  1 
ATOM   353  C  C   . TYR A 1 52  ? 12.271  8.623   14.818  1.00 38.04 ? 51  TYR A C   1 
ATOM   354  O  O   . TYR A 1 52  ? 11.143  8.860   14.354  1.00 35.18 ? 51  TYR A O   1 
ATOM   355  C  CB  . TYR A 1 52  ? 14.263  8.643   13.278  1.00 38.56 ? 51  TYR A CB  1 
ATOM   356  C  CG  . TYR A 1 52  ? 15.485  9.340   12.707  1.00 40.68 ? 51  TYR A CG  1 
ATOM   357  C  CD1 . TYR A 1 52  ? 15.386  10.194  11.602  1.00 41.28 ? 51  TYR A CD1 1 
ATOM   358  C  CD2 . TYR A 1 52  ? 16.742  9.141   13.277  1.00 43.88 ? 51  TYR A CD2 1 
ATOM   359  C  CE1 . TYR A 1 52  ? 16.511  10.834  11.090  1.00 44.51 ? 51  TYR A CE1 1 
ATOM   360  C  CE2 . TYR A 1 52  ? 17.866  9.773   12.782  1.00 47.02 ? 51  TYR A CE2 1 
ATOM   361  C  CZ  . TYR A 1 52  ? 17.749  10.617  11.692  1.00 46.32 ? 51  TYR A CZ  1 
ATOM   362  O  OH  . TYR A 1 52  ? 18.881  11.221  11.214  1.00 45.39 ? 51  TYR A OH  1 
ATOM   363  N  N   . PHE A 1 53  ? 12.505  7.646   15.706  1.00 37.81 ? 52  PHE A N   1 
ATOM   364  C  CA  . PHE A 1 53  ? 11.476  6.660   16.085  1.00 36.68 ? 52  PHE A CA  1 
ATOM   365  C  C   . PHE A 1 53  ? 11.474  6.346   17.583  1.00 36.91 ? 52  PHE A C   1 
ATOM   366  O  O   . PHE A 1 53  ? 12.535  6.259   18.225  1.00 35.24 ? 52  PHE A O   1 
ATOM   367  C  CB  . PHE A 1 53  ? 11.656  5.343   15.306  1.00 36.53 ? 52  PHE A CB  1 
ATOM   368  C  CG  . PHE A 1 53  ? 11.847  5.532   13.818  1.00 31.58 ? 52  PHE A CG  1 
ATOM   369  C  CD1 . PHE A 1 53  ? 10.801  5.990   13.026  1.00 27.17 ? 52  PHE A CD1 1 
ATOM   370  C  CD2 . PHE A 1 53  ? 13.069  5.246   13.214  1.00 29.55 ? 52  PHE A CD2 1 
ATOM   371  C  CE1 . PHE A 1 53  ? 10.980  6.154   11.655  1.00 26.40 ? 52  PHE A CE1 1 
ATOM   372  C  CE2 . PHE A 1 53  ? 13.259  5.421   11.846  1.00 31.64 ? 52  PHE A CE2 1 
ATOM   373  C  CZ  . PHE A 1 53  ? 12.210  5.870   11.061  1.00 25.26 ? 52  PHE A CZ  1 
ATOM   374  N  N   . VAL A 1 54  ? 10.269  6.142   18.116  1.00 35.59 ? 53  VAL A N   1 
ATOM   375  C  CA  A VAL A 1 54  ? 10.109  5.845   19.539  0.50 36.03 ? 53  VAL A CA  1 
ATOM   376  C  CA  B VAL A 1 54  ? 10.075  5.854   19.531  0.50 34.76 ? 53  VAL A CA  1 
ATOM   377  C  C   . VAL A 1 54  ? 10.005  4.321   19.769  1.00 34.39 ? 53  VAL A C   1 
ATOM   378  O  O   . VAL A 1 54  ? 10.401  3.822   20.833  1.00 35.39 ? 53  VAL A O   1 
ATOM   379  C  CB  A VAL A 1 54  ? 8.898   6.604   20.171  0.50 37.17 ? 53  VAL A CB  1 
ATOM   380  C  CB  B VAL A 1 54  ? 8.817   6.636   20.061  0.50 35.57 ? 53  VAL A CB  1 
ATOM   381  C  CG1 A VAL A 1 54  ? 9.068   6.703   21.681  0.50 36.59 ? 53  VAL A CG1 1 
ATOM   382  C  CG1 B VAL A 1 54  ? 7.501   5.881   19.781  0.50 27.08 ? 53  VAL A CG1 1 
ATOM   383  C  CG2 A VAL A 1 54  ? 8.753   8.014   19.587  0.50 36.88 ? 53  VAL A CG2 1 
ATOM   384  C  CG2 B VAL A 1 54  ? 8.976   6.998   21.546  0.50 32.74 ? 53  VAL A CG2 1 
ATOM   385  N  N   . ASP A 1 55  ? 9.526   3.581   18.763  1.00 30.34 ? 54  ASP A N   1 
ATOM   386  C  CA  . ASP A 1 55  ? 9.361   2.108   18.830  1.00 27.95 ? 54  ASP A CA  1 
ATOM   387  C  C   . ASP A 1 55  ? 9.145   1.450   17.424  1.00 28.05 ? 54  ASP A C   1 
ATOM   388  O  O   . ASP A 1 55  ? 9.283   2.135   16.413  1.00 29.18 ? 54  ASP A O   1 
ATOM   389  C  CB  . ASP A 1 55  ? 8.241   1.732   19.834  1.00 25.32 ? 54  ASP A CB  1 
ATOM   390  C  CG  . ASP A 1 55  ? 6.847   2.026   19.339  1.00 26.37 ? 54  ASP A CG  1 
ATOM   391  O  OD1 . ASP A 1 55  ? 6.634   2.264   18.131  1.00 24.66 ? 54  ASP A OD1 1 
ATOM   392  O  OD2 . ASP A 1 55  ? 5.919   1.970   20.183  1.00 25.32 ? 54  ASP A OD2 1 
ATOM   393  N  N   . LYS A 1 56  ? 8.834   0.147   17.359  1.00 24.79 ? 55  LYS A N   1 
ATOM   394  C  CA  . LYS A 1 56  ? 8.603   -0.539  16.059  1.00 25.26 ? 55  LYS A CA  1 
ATOM   395  C  C   . LYS A 1 56  ? 7.406   0.011   15.273  1.00 24.54 ? 55  LYS A C   1 
ATOM   396  O  O   . LYS A 1 56  ? 7.418   0.057   14.034  1.00 21.11 ? 55  LYS A O   1 
ATOM   397  C  CB  . LYS A 1 56  ? 8.369   -2.038  16.226  1.00 23.74 ? 55  LYS A CB  1 
ATOM   398  C  CG  . LYS A 1 56  ? 9.580   -2.900  16.361  1.00 28.08 ? 55  LYS A CG  1 
ATOM   399  C  CD  . LYS A 1 56  ? 9.170   -4.376  16.319  1.00 33.90 ? 55  LYS A CD  1 
ATOM   400  C  CE  . LYS A 1 56  ? 8.366   -4.794  17.556  1.00 32.08 ? 55  LYS A CE  1 
ATOM   401  N  NZ  . LYS A 1 56  ? 8.025   -6.228  17.609  1.00 23.66 ? 55  LYS A NZ  1 
ATOM   402  N  N   . GLU A 1 57  ? 6.356   0.376   15.996  1.00 22.27 ? 56  GLU A N   1 
ATOM   403  C  CA  . GLU A 1 57  ? 5.152   0.839   15.357  1.00 22.18 ? 56  GLU A CA  1 
ATOM   404  C  C   . GLU A 1 57  ? 5.391   2.176   14.660  1.00 25.32 ? 56  GLU A C   1 
ATOM   405  O  O   . GLU A 1 57  ? 4.770   2.460   13.638  1.00 24.27 ? 56  GLU A O   1 
ATOM   406  C  CB  . GLU A 1 57  ? 4.002   0.939   16.357  1.00 23.05 ? 56  GLU A CB  1 
ATOM   407  C  CG  . GLU A 1 57  ? 3.424   -0.421  16.730  1.00 22.42 ? 56  GLU A CG  1 
ATOM   408  C  CD  . GLU A 1 57  ? 4.408   -1.291  17.512  1.00 23.27 ? 56  GLU A CD  1 
ATOM   409  O  OE1 . GLU A 1 57  ? 4.988   -0.790  18.498  1.00 30.17 ? 56  GLU A OE1 1 
ATOM   410  O  OE2 . GLU A 1 57  ? 4.624   -2.472  17.137  1.00 21.53 ? 56  GLU A OE2 1 
ATOM   411  N  N   . ASP A 1 58  ? 6.276   3.000   15.212  1.00 25.16 ? 57  ASP A N   1 
ATOM   412  C  CA  A ASP A 1 58  ? 6.675   4.232   14.544  0.50 25.78 ? 57  ASP A CA  1 
ATOM   413  C  CA  B ASP A 1 58  ? 6.663   4.227   14.532  0.50 25.26 ? 57  ASP A CA  1 
ATOM   414  C  C   . ASP A 1 58  ? 7.377   3.879   13.233  1.00 26.02 ? 57  ASP A C   1 
ATOM   415  O  O   . ASP A 1 58  ? 7.220   4.574   12.237  1.00 24.80 ? 57  ASP A O   1 
ATOM   416  C  CB  A ASP A 1 58  ? 7.582   5.084   15.445  0.50 27.17 ? 57  ASP A CB  1 
ATOM   417  C  CB  B ASP A 1 58  ? 7.561   5.105   15.402  0.50 26.43 ? 57  ASP A CB  1 
ATOM   418  C  CG  A ASP A 1 58  ? 6.807   5.800   16.551  0.50 28.69 ? 57  ASP A CG  1 
ATOM   419  C  CG  B ASP A 1 58  ? 7.480   6.564   15.012  0.50 24.51 ? 57  ASP A CG  1 
ATOM   420  O  OD1 A ASP A 1 58  ? 5.722   6.349   16.269  0.50 33.13 ? 57  ASP A OD1 1 
ATOM   421  O  OD1 B ASP A 1 58  ? 6.671   6.890   14.116  0.50 33.71 ? 57  ASP A OD1 1 
ATOM   422  O  OD2 A ASP A 1 58  ? 7.287   5.827   17.700  0.50 37.70 ? 57  ASP A OD2 1 
ATOM   423  O  OD2 B ASP A 1 58  ? 8.202   7.382   15.603  0.50 30.09 ? 57  ASP A OD2 1 
ATOM   424  N  N   . ILE A 1 59  ? 8.147   2.787   13.238  1.00 24.18 ? 58  ILE A N   1 
ATOM   425  C  CA  . ILE A 1 59  ? 8.868   2.382   12.021  1.00 26.66 ? 58  ILE A CA  1 
ATOM   426  C  C   . ILE A 1 59  ? 7.875   1.892   10.951  1.00 26.59 ? 58  ILE A C   1 
ATOM   427  O  O   . ILE A 1 59  ? 7.915   2.350   9.804   1.00 23.51 ? 58  ILE A O   1 
ATOM   428  C  CB  . ILE A 1 59  ? 9.988   1.348   12.301  1.00 25.95 ? 58  ILE A CB  1 
ATOM   429  C  CG1 . ILE A 1 59  ? 11.169  2.049   12.988  1.00 25.75 ? 58  ILE A CG1 1 
ATOM   430  C  CG2 . ILE A 1 59  ? 10.470  0.721   11.006  1.00 21.78 ? 58  ILE A CG2 1 
ATOM   431  C  CD1 . ILE A 1 59  ? 12.103  1.143   13.704  1.00 22.47 ? 58  ILE A CD1 1 
ATOM   432  N  N   . LEU A 1 60  ? 6.944   1.030   11.363  1.00 25.78 ? 59  LEU A N   1 
ATOM   433  C  CA  . LEU A 1 60  ? 5.907   0.517   10.490  1.00 26.14 ? 59  LEU A CA  1 
ATOM   434  C  C   . LEU A 1 60  ? 5.092   1.680   9.905   1.00 27.69 ? 59  LEU A C   1 
ATOM   435  O  O   . LEU A 1 60  ? 4.885   1.697   8.701   1.00 28.21 ? 59  LEU A O   1 
ATOM   436  C  CB  . LEU A 1 60  ? 5.017   -0.509  11.241  1.00 26.66 ? 59  LEU A CB  1 
ATOM   437  C  CG  . LEU A 1 60  ? 3.927   -1.233  10.432  1.00 31.19 ? 59  LEU A CG  1 
ATOM   438  C  CD1 . LEU A 1 60  ? 4.549   -2.044  9.321   1.00 23.84 ? 59  LEU A CD1 1 
ATOM   439  C  CD2 . LEU A 1 60  ? 2.983   -2.121  11.266  1.00 18.81 ? 59  LEU A CD2 1 
ATOM   440  N  N   . LYS A 1 61  ? 4.648   2.656   10.723  1.00 26.50 ? 60  LYS A N   1 
ATOM   441  C  CA  . LYS A 1 61  ? 3.885   3.817   10.174  1.00 28.03 ? 60  LYS A CA  1 
ATOM   442  C  C   . LYS A 1 61  ? 4.682   4.552   9.097   1.00 25.33 ? 60  LYS A C   1 
ATOM   443  O  O   . LYS A 1 61  ? 4.126   4.990   8.083   1.00 26.35 ? 60  LYS A O   1 
ATOM   444  C  CB  . LYS A 1 61  ? 3.457   4.856   11.253  1.00 27.95 ? 60  LYS A CB  1 
ATOM   445  C  CG  . LYS A 1 61  ? 2.274   4.436   12.179  1.00 39.11 ? 60  LYS A CG  1 
ATOM   446  C  CD  . LYS A 1 61  ? 1.838   5.568   13.180  1.00 45.19 ? 60  LYS A CD  1 
ATOM   447  C  CE  . LYS A 1 61  ? 1.419   5.044   14.602  1.00 46.70 ? 60  LYS A CE  1 
ATOM   448  N  NZ  . LYS A 1 61  ? -0.073  4.760   14.874  1.00 38.52 ? 60  LYS A NZ  1 
ATOM   449  N  N   . ASN A 1 62  ? 5.974   4.727   9.357   1.00 25.95 ? 61  ASN A N   1 
ATOM   450  C  CA  A ASN A 1 62  ? 6.854   5.436   8.438   0.50 24.11 ? 61  ASN A CA  1 
ATOM   451  C  CA  B ASN A 1 62  ? 6.876   5.403   8.440   0.50 24.61 ? 61  ASN A CA  1 
ATOM   452  C  C   . ASN A 1 62  ? 7.078   4.639   7.127   1.00 24.40 ? 61  ASN A C   1 
ATOM   453  O  O   . ASN A 1 62  ? 7.071   5.214   6.046   1.00 23.65 ? 61  ASN A O   1 
ATOM   454  C  CB  A ASN A 1 62  ? 8.170   5.825   9.131   0.50 24.66 ? 61  ASN A CB  1 
ATOM   455  C  CB  B ASN A 1 62  ? 8.217   5.633   9.110   0.50 25.34 ? 61  ASN A CB  1 
ATOM   456  C  CG  A ASN A 1 62  ? 8.040   7.101   10.007  0.50 22.94 ? 61  ASN A CG  1 
ATOM   457  C  CG  B ASN A 1 62  ? 8.945   6.783   8.510   0.50 27.21 ? 61  ASN A CG  1 
ATOM   458  O  OD1 A ASN A 1 62  ? 8.482   8.167   9.609   0.50 16.82 ? 61  ASN A OD1 1 
ATOM   459  O  OD1 B ASN A 1 62  ? 8.432   7.422   7.599   0.50 32.18 ? 61  ASN A OD1 1 
ATOM   460  N  ND2 A ASN A 1 62  ? 7.423   6.981   11.190  0.50 20.96 ? 61  ASN A ND2 1 
ATOM   461  N  ND2 B ASN A 1 62  ? 10.133  7.067   8.995   0.50 17.48 ? 61  ASN A ND2 1 
ATOM   462  N  N   . LEU A 1 63  ? 7.263   3.328   7.223   1.00 23.99 ? 62  LEU A N   1 
ATOM   463  C  CA  . LEU A 1 63  ? 7.338   2.459   6.034   1.00 26.20 ? 62  LEU A CA  1 
ATOM   464  C  C   . LEU A 1 63  ? 6.061   2.573   5.193   1.00 23.70 ? 62  LEU A C   1 
ATOM   465  O  O   . LEU A 1 63  ? 6.127   2.697   3.990   1.00 24.12 ? 62  LEU A O   1 
ATOM   466  C  CB  . LEU A 1 63  ? 7.548   0.996   6.446   1.00 24.34 ? 62  LEU A CB  1 
ATOM   467  C  CG  . LEU A 1 63  ? 8.938   0.624   6.957   1.00 25.81 ? 62  LEU A CG  1 
ATOM   468  C  CD1 . LEU A 1 63  ? 8.900   -0.706  7.685   1.00 20.15 ? 62  LEU A CD1 1 
ATOM   469  C  CD2 . LEU A 1 63  ? 9.943   0.600   5.821   1.00 14.47 ? 62  LEU A CD2 1 
ATOM   470  N  N   . LEU A 1 64  ? 4.898   2.568   5.841   1.00 23.35 ? 63  LEU A N   1 
ATOM   471  C  CA  . LEU A 1 64  ? 3.637   2.608   5.115   1.00 23.59 ? 63  LEU A CA  1 
ATOM   472  C  C   . LEU A 1 64  ? 3.265   4.002   4.580   1.00 24.78 ? 63  LEU A C   1 
ATOM   473  O  O   . LEU A 1 64  ? 2.604   4.118   3.531   1.00 26.41 ? 63  LEU A O   1 
ATOM   474  C  CB  . LEU A 1 64  ? 2.503   2.067   5.974   1.00 22.48 ? 63  LEU A CB  1 
ATOM   475  C  CG  . LEU A 1 64  ? 2.576   0.594   6.401   1.00 28.46 ? 63  LEU A CG  1 
ATOM   476  C  CD1 . LEU A 1 64  ? 1.558   0.295   7.530   1.00 27.68 ? 63  LEU A CD1 1 
ATOM   477  C  CD2 . LEU A 1 64  ? 2.351   -0.329  5.214   1.00 20.04 ? 63  LEU A CD2 1 
ATOM   478  N  N   . GLU A 1 65  ? 3.669   5.045   5.282   1.00 22.03 ? 64  GLU A N   1 
ATOM   479  C  CA  . GLU A 1 65  ? 3.530   6.420   4.776   1.00 26.52 ? 64  GLU A CA  1 
ATOM   480  C  C   . GLU A 1 65  ? 4.268   6.631   3.452   1.00 24.70 ? 64  GLU A C   1 
ATOM   481  O  O   . GLU A 1 65  ? 3.737   7.225   2.523   1.00 24.61 ? 64  GLU A O   1 
ATOM   482  C  CB  . GLU A 1 65  ? 4.114   7.429   5.766   1.00 27.57 ? 64  GLU A CB  1 
ATOM   483  C  CG  . GLU A 1 65  ? 3.172   7.792   6.891   1.00 38.38 ? 64  GLU A CG  1 
ATOM   484  C  CD  . GLU A 1 65  ? 3.862   8.527   8.057   1.00 47.95 ? 64  GLU A CD  1 
ATOM   485  O  OE1 . GLU A 1 65  ? 5.059   8.918   7.934   1.00 49.00 ? 64  GLU A OE1 1 
ATOM   486  O  OE2 . GLU A 1 65  ? 3.189   8.701   9.101   1.00 46.90 ? 64  GLU A OE2 1 
ATOM   487  N  N   . ASP A 1 66  ? 5.512   6.180   3.408   1.00 23.99 ? 65  ASP A N   1 
ATOM   488  C  CA  . ASP A 1 66  ? 6.322   6.248   2.201   1.00 22.69 ? 65  ASP A CA  1 
ATOM   489  C  C   . ASP A 1 66  ? 5.652   5.452   1.092   1.00 23.97 ? 65  ASP A C   1 
ATOM   490  O  O   . ASP A 1 66  ? 5.637   5.875   -0.045  1.00 27.59 ? 65  ASP A O   1 
ATOM   491  C  CB  . ASP A 1 66  ? 7.691   5.664   2.484   1.00 20.43 ? 65  ASP A CB  1 
ATOM   492  C  CG  . ASP A 1 66  ? 8.564   6.601   3.349   1.00 29.02 ? 65  ASP A CG  1 
ATOM   493  O  OD1 . ASP A 1 66  ? 8.062   7.666   3.759   1.00 26.92 ? 65  ASP A OD1 1 
ATOM   494  O  OD2 . ASP A 1 66  ? 9.738   6.275   3.634   1.00 27.06 ? 65  ASP A OD2 1 
ATOM   495  N  N   . PHE A 1 67  ? 5.089   4.303   1.451   1.00 22.60 ? 66  PHE A N   1 
ATOM   496  C  CA  . PHE A 1 67  ? 4.438   3.392   0.503   1.00 22.99 ? 66  PHE A CA  1 
ATOM   497  C  C   . PHE A 1 67  ? 3.199   4.049   -0.110  1.00 22.68 ? 66  PHE A C   1 
ATOM   498  O  O   . PHE A 1 67  ? 3.044   4.086   -1.326  1.00 23.05 ? 66  PHE A O   1 
ATOM   499  C  CB  . PHE A 1 67  ? 4.073   2.122   1.266   1.00 23.16 ? 66  PHE A CB  1 
ATOM   500  C  CG  . PHE A 1 67  ? 3.848   0.863   0.435   1.00 25.21 ? 66  PHE A CG  1 
ATOM   501  C  CD1 . PHE A 1 67  ? 4.327   0.707   -0.872  1.00 24.23 ? 66  PHE A CD1 1 
ATOM   502  C  CD2 . PHE A 1 67  ? 3.193   -0.210  1.035   1.00 24.26 ? 66  PHE A CD2 1 
ATOM   503  C  CE1 . PHE A 1 67  ? 4.129   -0.486  -1.557  1.00 27.44 ? 66  PHE A CE1 1 
ATOM   504  C  CE2 . PHE A 1 67  ? 2.995   -1.405  0.358   1.00 29.97 ? 66  PHE A CE2 1 
ATOM   505  C  CZ  . PHE A 1 67  ? 3.474   -1.546  -0.948  1.00 31.43 ? 66  PHE A CZ  1 
ATOM   506  N  N   . ALA A 1 68  ? 2.318   4.566   0.744   1.00 23.99 ? 67  ALA A N   1 
ATOM   507  C  CA  . ALA A 1 68  ? 1.114   5.296   0.284   1.00 24.82 ? 67  ALA A CA  1 
ATOM   508  C  C   . ALA A 1 68  ? 1.521   6.453   -0.616  1.00 23.46 ? 67  ALA A C   1 
ATOM   509  O  O   . ALA A 1 68  ? 0.895   6.715   -1.627  1.00 26.38 ? 67  ALA A O   1 
ATOM   510  C  CB  . ALA A 1 68  ? 0.287   5.840   1.499   1.00 19.28 ? 67  ALA A CB  1 
ATOM   511  N  N   . LYS A 1 69  ? 2.566   7.151   -0.213  1.00 24.95 ? 68  LYS A N   1 
ATOM   512  C  CA  . LYS A 1 69  ? 3.028   8.303   -0.918  1.00 26.63 ? 68  LYS A CA  1 
ATOM   513  C  C   . LYS A 1 69  ? 3.496   7.935   -2.332  1.00 27.09 ? 68  LYS A C   1 
ATOM   514  O  O   . LYS A 1 69  ? 3.237   8.665   -3.292  1.00 27.31 ? 68  LYS A O   1 
ATOM   515  C  CB  . LYS A 1 69  ? 4.159   8.975   -0.138  1.00 27.36 ? 68  LYS A CB  1 
ATOM   516  C  CG  . LYS A 1 69  ? 4.561   10.291  -0.742  1.00 32.44 ? 68  LYS A CG  1 
ATOM   517  C  CD  . LYS A 1 69  ? 5.701   10.967  -0.016  1.00 39.66 ? 68  LYS A CD  1 
ATOM   518  C  CE  . LYS A 1 69  ? 5.977   12.308  -0.690  1.00 44.49 ? 68  LYS A CE  1 
ATOM   519  N  NZ  . LYS A 1 69  ? 7.217   12.915  -0.189  1.00 53.37 ? 68  LYS A NZ  1 
ATOM   520  N  N   . GLN A 1 70  ? 4.196   6.819   -2.452  1.00 27.53 ? 69  GLN A N   1 
ATOM   521  C  CA  . GLN A 1 70  ? 4.677   6.350   -3.759  1.00 29.85 ? 69  GLN A CA  1 
ATOM   522  C  C   . GLN A 1 70  ? 3.522   5.886   -4.692  1.00 26.91 ? 69  GLN A C   1 
ATOM   523  O  O   . GLN A 1 70  ? 3.514   6.197   -5.893  1.00 25.11 ? 69  GLN A O   1 
ATOM   524  C  CB  . GLN A 1 70  ? 5.701   5.239   -3.546  1.00 31.42 ? 69  GLN A CB  1 
ATOM   525  C  CG  . GLN A 1 70  ? 6.444   4.749   -4.794  1.00 39.48 ? 69  GLN A CG  1 
ATOM   526  C  CD  . GLN A 1 70  ? 7.261   3.487   -4.498  1.00 44.81 ? 69  GLN A CD  1 
ATOM   527  O  OE1 . GLN A 1 70  ? 7.476   3.137   -3.325  1.00 44.12 ? 69  GLN A OE1 1 
ATOM   528  N  NE2 . GLN A 1 70  ? 7.690   2.784   -5.555  1.00 35.68 ? 69  GLN A NE2 1 
ATOM   529  N  N   . ILE A 1 71  ? 2.540   5.175   -4.122  1.00 25.54 ? 70  ILE A N   1 
ATOM   530  C  CA  . ILE A 1 71  ? 1.315   4.781   -4.840  1.00 22.43 ? 70  ILE A CA  1 
ATOM   531  C  C   . ILE A 1 71  ? 0.561   6.036   -5.351  1.00 24.79 ? 70  ILE A C   1 
ATOM   532  O  O   . ILE A 1 71  ? 0.254   6.153   -6.545  1.00 23.61 ? 70  ILE A O   1 
ATOM   533  C  CB  . ILE A 1 71  ? 0.367   3.917   -3.918  1.00 21.61 ? 70  ILE A CB  1 
ATOM   534  C  CG1 . ILE A 1 71  ? 1.035   2.576   -3.537  1.00 20.62 ? 70  ILE A CG1 1 
ATOM   535  C  CG2 . ILE A 1 71  ? -0.991  3.659   -4.584  1.00 22.50 ? 70  ILE A CG2 1 
ATOM   536  C  CD1 . ILE A 1 71  ? 0.264   1.773   -2.475  1.00 12.77 ? 70  ILE A CD1 1 
ATOM   537  N  N   . ILE A 1 72  ? 0.303   6.981   -4.448  1.00 19.79 ? 71  ILE A N   1 
ATOM   538  C  CA  . ILE A 1 72  ? -0.508  8.161   -4.779  1.00 22.43 ? 71  ILE A CA  1 
ATOM   539  C  C   . ILE A 1 72  ? 0.184   9.080   -5.787  1.00 20.94 ? 71  ILE A C   1 
ATOM   540  O  O   . ILE A 1 72  ? -0.472  9.624   -6.650  1.00 22.93 ? 71  ILE A O   1 
ATOM   541  C  CB  . ILE A 1 72  ? -0.919  8.953   -3.500  1.00 22.09 ? 71  ILE A CB  1 
ATOM   542  C  CG1 . ILE A 1 72  ? -1.858  8.092   -2.642  1.00 20.90 ? 71  ILE A CG1 1 
ATOM   543  C  CG2 . ILE A 1 72  ? -1.575  10.352  -3.844  1.00 17.33 ? 71  ILE A CG2 1 
ATOM   544  C  CD1 . ILE A 1 72  ? -2.187  8.753   -1.336  1.00 25.00 ? 71  ILE A CD1 1 
ATOM   545  N  N   . SER A 1 73  ? 1.501   9.225   -5.684  1.00 22.19 ? 72  SER A N   1 
ATOM   546  C  CA  . SER A 1 73  ? 2.264   10.093  -6.606  1.00 24.18 ? 72  SER A CA  1 
ATOM   547  C  C   . SER A 1 73  ? 2.466   9.457   -7.990  1.00 24.02 ? 72  SER A C   1 
ATOM   548  O  O   . SER A 1 73  ? 2.433   10.157  -9.014  1.00 19.70 ? 72  SER A O   1 
ATOM   549  C  CB  . SER A 1 73  ? 3.614   10.510  -6.005  1.00 25.43 ? 72  SER A CB  1 
ATOM   550  O  OG  . SER A 1 73  ? 4.457   9.393   -5.829  1.00 33.41 ? 72  SER A OG  1 
ATOM   551  N  N   . SER A 1 74  ? 2.640   8.149   -8.050  1.00 21.72 ? 73  SER A N   1 
ATOM   552  C  CA  A SER A 1 74  ? 2.677   7.470   -9.348  0.50 22.79 ? 73  SER A CA  1 
ATOM   553  C  CA  B SER A 1 74  ? 2.677   7.462   -9.346  0.50 23.03 ? 73  SER A CA  1 
ATOM   554  C  C   . SER A 1 74  ? 1.374   7.688   -10.128 1.00 21.63 ? 73  SER A C   1 
ATOM   555  O  O   . SER A 1 74  ? 1.389   7.996   -11.309 1.00 21.86 ? 73  SER A O   1 
ATOM   556  C  CB  A SER A 1 74  ? 2.923   5.982   -9.155  0.50 22.80 ? 73  SER A CB  1 
ATOM   557  C  CB  B SER A 1 74  ? 2.908   5.965   -9.150  0.50 23.12 ? 73  SER A CB  1 
ATOM   558  O  OG  A SER A 1 74  ? 4.135   5.782   -8.458  0.50 30.41 ? 73  SER A OG  1 
ATOM   559  O  OG  B SER A 1 74  ? 2.911   5.284   -10.392 0.50 32.35 ? 73  SER A OG  1 
ATOM   560  N  N   . ILE A 1 75  ? 0.244   7.537   -9.451  1.00 20.23 ? 74  ILE A N   1 
ATOM   561  C  CA  . ILE A 1 75  ? -1.063  7.705   -10.070 1.00 19.11 ? 74  ILE A CA  1 
ATOM   562  C  C   . ILE A 1 75  ? -1.246  9.186   -10.499 1.00 21.95 ? 74  ILE A C   1 
ATOM   563  O  O   . ILE A 1 75  ? -1.614  9.488   -11.654 1.00 19.53 ? 74  ILE A O   1 
ATOM   564  C  CB  . ILE A 1 75  ? -2.179  7.272   -9.097  1.00 20.05 ? 74  ILE A CB  1 
ATOM   565  C  CG1 . ILE A 1 75  ? -2.115  5.748   -8.843  1.00 19.03 ? 74  ILE A CG1 1 
ATOM   566  C  CG2 . ILE A 1 75  ? -3.566  7.607   -9.647  1.00 17.98 ? 74  ILE A CG2 1 
ATOM   567  C  CD1 . ILE A 1 75  ? -3.103  5.234   -7.796  1.00 17.18 ? 74  ILE A CD1 1 
ATOM   568  N  N   . SER A 1 76  ? -0.974  10.096  -9.566  1.00 23.87 ? 75  SER A N   1 
ATOM   569  C  CA  . SER A 1 76  ? -1.116  11.556  -9.811  1.00 23.47 ? 75  SER A CA  1 
ATOM   570  C  C   . SER A 1 76  ? -0.231  12.039  -10.949 1.00 21.71 ? 75  SER A C   1 
ATOM   571  O  O   . SER A 1 76  ? -0.654  12.861  -11.764 1.00 23.36 ? 75  SER A O   1 
ATOM   572  C  CB  . SER A 1 76  ? -0.815  12.352  -8.538  1.00 22.98 ? 75  SER A CB  1 
ATOM   573  O  OG  . SER A 1 76  ? -1.633  11.895  -7.485  1.00 29.12 ? 75  SER A OG  1 
ATOM   574  N  N   . GLU A 1 77  ? 0.985   11.525  -11.030 1.00 22.30 ? 76  GLU A N   1 
ATOM   575  C  CA  . GLU A 1 77  ? 1.843   11.816  -12.179 1.00 24.75 ? 76  GLU A CA  1 
ATOM   576  C  C   . GLU A 1 77  ? 1.249   11.330  -13.503 1.00 22.57 ? 76  GLU A C   1 
ATOM   577  O  O   . GLU A 1 77  ? 1.320   12.020  -14.498 1.00 20.78 ? 76  GLU A O   1 
ATOM   578  C  CB  . GLU A 1 77  ? 3.228   11.203  -11.973 1.00 27.41 ? 76  GLU A CB  1 
ATOM   579  C  CG  . GLU A 1 77  ? 4.082   11.984  -10.985 1.00 37.33 ? 76  GLU A CG  1 
ATOM   580  C  CD  . GLU A 1 77  ? 5.140   11.141  -10.284 1.00 51.09 ? 76  GLU A CD  1 
ATOM   581  O  OE1 . GLU A 1 77  ? 5.448   10.026  -10.763 1.00 60.34 ? 76  GLU A OE1 1 
ATOM   582  O  OE2 . GLU A 1 77  ? 5.655   11.601  -9.240  1.00 53.87 ? 76  GLU A OE2 1 
ATOM   583  N  N   . TYR A 1 78  ? 0.680   10.133  -13.517 1.00 20.31 ? 77  TYR A N   1 
ATOM   584  C  CA  . TYR A 1 78  ? 0.082   9.575   -14.729 1.00 20.34 ? 77  TYR A CA  1 
ATOM   585  C  C   . TYR A 1 78  ? -1.109  10.435  -15.217 1.00 22.13 ? 77  TYR A C   1 
ATOM   586  O  O   . TYR A 1 78  ? -1.336  10.608  -16.424 1.00 18.05 ? 77  TYR A O   1 
ATOM   587  C  CB  . TYR A 1 78  ? -0.373  8.124   -14.466 1.00 21.06 ? 77  TYR A CB  1 
ATOM   588  C  CG  . TYR A 1 78  ? -1.097  7.444   -15.609 1.00 19.24 ? 77  TYR A CG  1 
ATOM   589  C  CD1 . TYR A 1 78  ? -0.580  7.429   -16.885 1.00 15.25 ? 77  TYR A CD1 1 
ATOM   590  C  CD2 . TYR A 1 78  ? -2.305  6.797   -15.393 1.00 22.82 ? 77  TYR A CD2 1 
ATOM   591  C  CE1 . TYR A 1 78  ? -1.246  6.767   -17.922 1.00 22.01 ? 77  TYR A CE1 1 
ATOM   592  C  CE2 . TYR A 1 78  ? -2.981  6.162   -16.428 1.00 20.03 ? 77  TYR A CE2 1 
ATOM   593  C  CZ  . TYR A 1 78  ? -2.457  6.154   -17.676 1.00 19.64 ? 77  TYR A CZ  1 
ATOM   594  O  OH  . TYR A 1 78  ? -3.146  5.495   -18.664 1.00 25.75 ? 77  TYR A OH  1 
ATOM   595  N  N   . TYR A 1 79  ? -1.865  10.952  -14.255 1.00 22.13 ? 78  TYR A N   1 
ATOM   596  C  CA  . TYR A 1 79  ? -2.999  11.845  -14.503 1.00 22.54 ? 78  TYR A CA  1 
ATOM   597  C  C   . TYR A 1 79  ? -2.630  13.122  -15.260 1.00 20.81 ? 78  TYR A C   1 
ATOM   598  O  O   . TYR A 1 79  ? -3.493  13.732  -15.883 1.00 18.08 ? 78  TYR A O   1 
ATOM   599  C  CB  . TYR A 1 79  ? -3.634  12.268  -13.155 1.00 24.82 ? 78  TYR A CB  1 
ATOM   600  C  CG  . TYR A 1 79  ? -4.556  11.262  -12.497 1.00 23.05 ? 78  TYR A CG  1 
ATOM   601  C  CD1 . TYR A 1 79  ? -4.592  9.919   -12.888 1.00 28.79 ? 78  TYR A CD1 1 
ATOM   602  C  CD2 . TYR A 1 79  ? -5.415  11.671  -11.469 1.00 24.73 ? 78  TYR A CD2 1 
ATOM   603  C  CE1 . TYR A 1 79  ? -5.466  9.006   -12.248 1.00 21.17 ? 78  TYR A CE1 1 
ATOM   604  C  CE2 . TYR A 1 79  ? -6.297  10.769  -10.847 1.00 32.77 ? 78  TYR A CE2 1 
ATOM   605  C  CZ  . TYR A 1 79  ? -6.318  9.441   -11.254 1.00 30.21 ? 78  TYR A CZ  1 
ATOM   606  O  OH  . TYR A 1 79  ? -7.184  8.540   -10.643 1.00 34.11 ? 78  TYR A OH  1 
ATOM   607  N  N   . LEU A 1 80  ? -1.370  13.533  -15.193 1.00 20.78 ? 79  LEU A N   1 
ATOM   608  C  CA  . LEU A 1 80  ? -0.902  14.729  -15.918 1.00 19.72 ? 79  LEU A CA  1 
ATOM   609  C  C   . LEU A 1 80  ? -0.843  14.490  -17.430 1.00 21.53 ? 79  LEU A C   1 
ATOM   610  O  O   . LEU A 1 80  ? -0.815  15.441  -18.224 1.00 19.24 ? 79  LEU A O   1 
ATOM   611  C  CB  . LEU A 1 80  ? 0.478   15.142  -15.396 1.00 18.99 ? 79  LEU A CB  1 
ATOM   612  C  CG  . LEU A 1 80  ? 0.515   15.496  -13.898 1.00 25.93 ? 79  LEU A CG  1 
ATOM   613  C  CD1 . LEU A 1 80  ? 1.954   15.725  -13.418 1.00 21.24 ? 79  LEU A CD1 1 
ATOM   614  C  CD2 . LEU A 1 80  ? -0.383  16.730  -13.594 1.00 24.61 ? 79  LEU A CD2 1 
ATOM   615  N  N   . VAL A 1 81  ? -0.796  13.220  -17.825 1.00 20.29 ? 80  VAL A N   1 
ATOM   616  C  CA  A VAL A 1 81  ? -0.666  12.914  -19.237 0.50 19.45 ? 80  VAL A CA  1 
ATOM   617  C  CA  B VAL A 1 81  ? -0.617  12.824  -19.211 0.50 19.65 ? 80  VAL A CA  1 
ATOM   618  C  C   . VAL A 1 81  ? -1.885  12.174  -19.779 1.00 18.09 ? 80  VAL A C   1 
ATOM   619  O  O   . VAL A 1 81  ? -2.373  12.530  -20.820 1.00 18.04 ? 80  VAL A O   1 
ATOM   620  C  CB  A VAL A 1 81  ? 0.670   12.192  -19.570 0.50 20.93 ? 80  VAL A CB  1 
ATOM   621  C  CB  B VAL A 1 81  ? 0.576   11.834  -19.320 0.50 20.20 ? 80  VAL A CB  1 
ATOM   622  C  CG1 A VAL A 1 81  ? 0.795   10.922  -18.800 0.50 13.96 ? 80  VAL A CG1 1 
ATOM   623  C  CG1 B VAL A 1 81  ? 0.959   11.622  -20.773 0.50 19.52 ? 80  VAL A CG1 1 
ATOM   624  C  CG2 A VAL A 1 81  ? 0.777   11.936  -21.063 0.50 19.19 ? 80  VAL A CG2 1 
ATOM   625  C  CG2 B VAL A 1 81  ? 1.777   12.351  -18.510 0.50 17.76 ? 80  VAL A CG2 1 
ATOM   626  N  N   . GLU A 1 82  ? -2.421  11.190  -19.078 1.00 19.73 ? 81  GLU A N   1 
ATOM   627  C  CA  . GLU A 1 82  ? -3.624  10.535  -19.591 1.00 19.08 ? 81  GLU A CA  1 
ATOM   628  C  C   . GLU A 1 82  ? -4.868  11.144  -18.979 1.00 20.79 ? 81  GLU A C   1 
ATOM   629  O  O   . GLU A 1 82  ? -5.031  11.119  -17.760 1.00 19.74 ? 81  GLU A O   1 
ATOM   630  C  CB  . GLU A 1 82  ? -3.606  9.028   -19.323 1.00 19.62 ? 81  GLU A CB  1 
ATOM   631  C  CG  . GLU A 1 82  ? -4.890  8.316   -19.810 1.00 19.51 ? 81  GLU A CG  1 
ATOM   632  C  CD  . GLU A 1 82  ? -5.110  8.340   -21.300 1.00 18.79 ? 81  GLU A CD  1 
ATOM   633  O  OE1 . GLU A 1 82  ? -4.256  7.821   -22.057 1.00 23.76 ? 81  GLU A OE1 1 
ATOM   634  O  OE2 . GLU A 1 82  ? -6.152  8.895   -21.724 1.00 26.97 ? 81  GLU A OE2 1 
ATOM   635  N  N   . LYS A 1 83  ? -5.769  11.624  -19.832 1.00 20.42 ? 82  LYS A N   1 
ATOM   636  C  CA  . LYS A 1 83  ? -6.973  12.317  -19.383 1.00 23.58 ? 82  LYS A CA  1 
ATOM   637  C  C   . LYS A 1 83  ? -8.254  11.500  -19.531 1.00 23.40 ? 82  LYS A C   1 
ATOM   638  O  O   . LYS A 1 83  ? -9.210  11.795  -18.866 1.00 26.87 ? 82  LYS A O   1 
ATOM   639  C  CB  . LYS A 1 83  ? -7.117  13.694  -20.067 1.00 24.80 ? 82  LYS A CB  1 
ATOM   640  C  CG  . LYS A 1 83  ? -5.900  14.615  -19.887 1.00 33.01 ? 82  LYS A CG  1 
ATOM   641  C  CD  . LYS A 1 83  ? -5.787  15.175  -18.459 1.00 41.01 ? 82  LYS A CD  1 
ATOM   642  C  CE  . LYS A 1 83  ? -4.365  15.698  -18.155 1.00 46.38 ? 82  LYS A CE  1 
ATOM   643  N  NZ  . LYS A 1 83  ? -4.167  16.043  -16.701 1.00 44.40 ? 82  LYS A NZ  1 
ATOM   644  N  N   . ASP A 1 84  ? -8.278  10.451  -20.346 1.00 26.16 ? 83  ASP A N   1 
ATOM   645  C  CA  . ASP A 1 84  ? -9.458  9.587   -20.408 1.00 26.70 ? 83  ASP A CA  1 
ATOM   646  C  C   . ASP A 1 84  ? -9.654  8.861   -19.054 1.00 27.33 ? 83  ASP A C   1 
ATOM   647  O  O   . ASP A 1 84  ? -8.763  8.179   -18.561 1.00 23.83 ? 83  ASP A O   1 
ATOM   648  C  CB  . ASP A 1 84  ? -9.326  8.576   -21.554 1.00 28.20 ? 83  ASP A CB  1 
ATOM   649  C  CG  . ASP A 1 84  ? -10.573 7.755   -21.736 1.00 30.43 ? 83  ASP A CG  1 
ATOM   650  O  OD1 . ASP A 1 84  ? -11.446 8.188   -22.505 1.00 37.21 ? 83  ASP A OD1 1 
ATOM   651  O  OD2 . ASP A 1 84  ? -10.689 6.670   -21.122 1.00 36.74 ? 83  ASP A OD2 1 
ATOM   652  N  N   . LEU A 1 85  ? -10.830 9.020   -18.451 1.00 26.55 ? 84  LEU A N   1 
ATOM   653  C  CA  . LEU A 1 85  ? -11.025 8.573   -17.100 1.00 25.43 ? 84  LEU A CA  1 
ATOM   654  C  C   . LEU A 1 85  ? -11.149 7.068   -16.985 1.00 24.01 ? 84  LEU A C   1 
ATOM   655  O  O   . LEU A 1 85  ? -10.770 6.513   -15.951 1.00 23.52 ? 84  LEU A O   1 
ATOM   656  C  CB  . LEU A 1 85  ? -12.227 9.261   -16.473 1.00 27.10 ? 84  LEU A CB  1 
ATOM   657  C  CG  . LEU A 1 85  ? -12.180 10.792  -16.423 1.00 24.94 ? 84  LEU A CG  1 
ATOM   658  C  CD1 . LEU A 1 85  ? -13.419 11.221  -15.651 1.00 19.72 ? 84  LEU A CD1 1 
ATOM   659  C  CD2 . LEU A 1 85  ? -10.876 11.370  -15.786 1.00 19.81 ? 84  LEU A CD2 1 
ATOM   660  N  N   . TYR A 1 86  ? -11.653 6.417   -18.032 1.00 24.95 ? 85  TYR A N   1 
ATOM   661  C  CA  . TYR A 1 86  ? -11.699 4.960   -18.120 1.00 25.50 ? 85  TYR A CA  1 
ATOM   662  C  C   . TYR A 1 86  ? -10.314 4.356   -18.294 1.00 25.95 ? 85  TYR A C   1 
ATOM   663  O  O   . TYR A 1 86  ? -9.988  3.338   -17.674 1.00 24.49 ? 85  TYR A O   1 
ATOM   664  C  CB  . TYR A 1 86  ? -12.592 4.460   -19.280 1.00 26.71 ? 85  TYR A CB  1 
ATOM   665  C  CG  . TYR A 1 86  ? -12.522 2.947   -19.421 1.00 34.82 ? 85  TYR A CG  1 
ATOM   666  C  CD1 . TYR A 1 86  ? -13.172 2.117   -18.508 1.00 40.19 ? 85  TYR A CD1 1 
ATOM   667  C  CD2 . TYR A 1 86  ? -11.740 2.349   -20.395 1.00 44.52 ? 85  TYR A CD2 1 
ATOM   668  C  CE1 . TYR A 1 86  ? -13.086 0.739   -18.598 1.00 42.39 ? 85  TYR A CE1 1 
ATOM   669  C  CE2 . TYR A 1 86  ? -11.647 0.964   -20.489 1.00 51.23 ? 85  TYR A CE2 1 
ATOM   670  C  CZ  . TYR A 1 86  ? -12.332 0.172   -19.588 1.00 49.69 ? 85  TYR A CZ  1 
ATOM   671  O  OH  . TYR A 1 86  ? -12.242 -1.192  -19.672 1.00 59.88 ? 85  TYR A OH  1 
ATOM   672  N  N   . GLU A 1 87  ? -9.509  4.956   -19.168 1.00 27.01 ? 86  GLU A N   1 
ATOM   673  C  CA  . GLU A 1 87  ? -8.129  4.515   -19.314 1.00 23.33 ? 86  GLU A CA  1 
ATOM   674  C  C   . GLU A 1 87  ? -7.426  4.608   -17.983 1.00 23.33 ? 86  GLU A C   1 
ATOM   675  O  O   . GLU A 1 87  ? -6.709  3.673   -17.585 1.00 24.13 ? 86  GLU A O   1 
ATOM   676  C  CB  . GLU A 1 87  ? -7.381  5.345   -20.350 1.00 26.60 ? 86  GLU A CB  1 
ATOM   677  C  CG  . GLU A 1 87  ? -6.062  4.733   -20.758 1.00 22.01 ? 86  GLU A CG  1 
ATOM   678  C  CD  . GLU A 1 87  ? -6.204  3.583   -21.746 1.00 32.05 ? 86  GLU A CD  1 
ATOM   679  O  OE1 . GLU A 1 87  ? -7.162  3.546   -22.535 1.00 27.50 ? 86  GLU A OE1 1 
ATOM   680  O  OE2 . GLU A 1 87  ? -5.330  2.713   -21.747 1.00 28.63 ? 86  GLU A OE2 1 
ATOM   681  N  N   . ARG A 1 88  ? -7.636  5.720   -17.282 1.00 21.96 ? 87  ARG A N   1 
ATOM   682  C  CA  . ARG A 1 88  ? -7.086  5.892   -15.935 1.00 22.03 ? 87  ARG A CA  1 
ATOM   683  C  C   . ARG A 1 88  ? -7.555  4.798   -14.945 1.00 23.90 ? 87  ARG A C   1 
ATOM   684  O  O   . ARG A 1 88  ? -6.768  4.280   -14.140 1.00 20.32 ? 87  ARG A O   1 
ATOM   685  C  CB  . ARG A 1 88  ? -7.500  7.247   -15.367 1.00 26.13 ? 87  ARG A CB  1 
ATOM   686  C  CG  . ARG A 1 88  ? -6.908  8.492   -16.029 1.00 23.01 ? 87  ARG A CG  1 
ATOM   687  C  CD  . ARG A 1 88  ? -7.395  9.718   -15.296 1.00 22.12 ? 87  ARG A CD  1 
ATOM   688  N  NE  . ARG A 1 88  ? -6.773  10.956  -15.773 1.00 20.84 ? 87  ARG A NE  1 
ATOM   689  C  CZ  . ARG A 1 88  ? -6.837  12.114  -15.129 1.00 23.62 ? 87  ARG A CZ  1 
ATOM   690  N  NH1 . ARG A 1 88  ? -7.491  12.220  -13.977 1.00 29.09 ? 87  ARG A NH1 1 
ATOM   691  N  NH2 . ARG A 1 88  ? -6.249  13.176  -15.645 1.00 18.52 ? 87  ARG A NH2 1 
ATOM   692  N  N   . PHE A 1 89  ? -8.846  4.469   -15.010 1.00 23.51 ? 88  PHE A N   1 
ATOM   693  C  CA  . PHE A 1 89  ? -9.470  3.522   -14.089 1.00 22.82 ? 88  PHE A CA  1 
ATOM   694  C  C   . PHE A 1 89  ? -8.760  2.185   -14.126 1.00 21.87 ? 88  PHE A C   1 
ATOM   695  O  O   . PHE A 1 89  ? -8.420  1.622   -13.087 1.00 24.60 ? 88  PHE A O   1 
ATOM   696  C  CB  . PHE A 1 89  ? -10.953 3.350   -14.453 1.00 26.84 ? 88  PHE A CB  1 
ATOM   697  C  CG  . PHE A 1 89  ? -11.742 2.559   -13.462 1.00 21.14 ? 88  PHE A CG  1 
ATOM   698  C  CD1 . PHE A 1 89  ? -11.960 3.049   -12.188 1.00 21.42 ? 88  PHE A CD1 1 
ATOM   699  C  CD2 . PHE A 1 89  ? -12.262 1.315   -13.804 1.00 28.98 ? 88  PHE A CD2 1 
ATOM   700  C  CE1 . PHE A 1 89  ? -12.667 2.325   -11.269 1.00 25.39 ? 88  PHE A CE1 1 
ATOM   701  C  CE2 . PHE A 1 89  ? -12.996 0.588   -12.878 1.00 22.53 ? 88  PHE A CE2 1 
ATOM   702  C  CZ  . PHE A 1 89  ? -13.193 1.097   -11.609 1.00 26.61 ? 88  PHE A CZ  1 
ATOM   703  N  N   . ILE A 1 90  ? -8.514  1.697   -15.328 1.00 20.97 ? 89  ILE A N   1 
ATOM   704  C  CA  . ILE A 1 90  ? -7.808  0.445   -15.500 1.00 23.63 ? 89  ILE A CA  1 
ATOM   705  C  C   . ILE A 1 90  ? -6.343  0.570   -15.189 1.00 20.91 ? 89  ILE A C   1 
ATOM   706  O  O   . ILE A 1 90  ? -5.817  -0.192  -14.364 1.00 19.65 ? 89  ILE A O   1 
ATOM   707  C  CB  . ILE A 1 90  ? -7.923  -0.105  -16.911 1.00 19.18 ? 89  ILE A CB  1 
ATOM   708  C  CG1 . ILE A 1 90  ? -9.394  -0.253  -17.290 1.00 32.95 ? 89  ILE A CG1 1 
ATOM   709  C  CG2 . ILE A 1 90  ? -7.228  -1.410  -16.976 1.00 29.83 ? 89  ILE A CG2 1 
ATOM   710  C  CD1 . ILE A 1 90  ? -10.252 -1.003  -16.248 1.00 28.59 ? 89  ILE A CD1 1 
ATOM   711  N  N   . GLU A 1 91  ? -5.657  1.479   -15.882 1.00 21.90 ? 90  GLU A N   1 
ATOM   712  C  CA  . GLU A 1 91  ? -4.202  1.496   -15.808 1.00 25.15 ? 90  GLU A CA  1 
ATOM   713  C  C   . GLU A 1 91  ? -3.694  1.856   -14.440 1.00 22.95 ? 90  GLU A C   1 
ATOM   714  O  O   . GLU A 1 91  ? -2.591  1.422   -14.082 1.00 27.27 ? 90  GLU A O   1 
ATOM   715  C  CB  . GLU A 1 91  ? -3.566  2.479   -16.797 1.00 26.81 ? 90  GLU A CB  1 
ATOM   716  C  CG  . GLU A 1 91  ? -3.242  1.926   -18.121 1.00 33.41 ? 90  GLU A CG  1 
ATOM   717  C  CD  . GLU A 1 91  ? -2.506  0.604   -18.097 1.00 26.64 ? 90  GLU A CD  1 
ATOM   718  O  OE1 . GLU A 1 91  ? -1.385  0.490   -17.538 1.00 29.18 ? 90  GLU A OE1 1 
ATOM   719  O  OE2 . GLU A 1 91  ? -3.076  -0.321  -18.697 1.00 31.04 ? 90  GLU A OE2 1 
ATOM   720  N  N   . THR A 1 92  ? -4.441  2.671   -13.685 1.00 22.59 ? 91  THR A N   1 
ATOM   721  C  CA  . THR A 1 92  ? -3.979  2.992   -12.333 1.00 24.49 ? 91  THR A CA  1 
ATOM   722  C  C   . THR A 1 92  ? -3.892  1.717   -11.449 1.00 25.87 ? 91  THR A C   1 
ATOM   723  O  O   . THR A 1 92  ? -3.082  1.654   -10.547 1.00 22.43 ? 91  THR A O   1 
ATOM   724  C  CB  . THR A 1 92  ? -4.801  4.073   -11.619 1.00 24.37 ? 91  THR A CB  1 
ATOM   725  O  OG1 . THR A 1 92  ? -6.220  3.796   -11.703 1.00 27.99 ? 91  THR A OG1 1 
ATOM   726  C  CG2 . THR A 1 92  ? -4.496  5.464   -12.228 1.00 17.72 ? 91  THR A CG2 1 
ATOM   727  N  N   . LYS A 1 93  ? -4.708  0.714   -11.751 1.00 24.72 ? 92  LYS A N   1 
ATOM   728  C  CA  . LYS A 1 93  ? -4.687  -0.523  -10.952 1.00 24.01 ? 92  LYS A CA  1 
ATOM   729  C  C   . LYS A 1 93  ? -3.402  -1.278  -11.287 1.00 22.53 ? 92  LYS A C   1 
ATOM   730  O  O   . LYS A 1 93  ? -2.679  -1.694  -10.401 1.00 24.46 ? 92  LYS A O   1 
ATOM   731  C  CB  . LYS A 1 93  ? -5.937  -1.350  -11.212 1.00 20.02 ? 92  LYS A CB  1 
ATOM   732  C  CG  . LYS A 1 93  ? -7.251  -0.617  -11.025 1.00 20.67 ? 92  LYS A CG  1 
ATOM   733  C  CD  . LYS A 1 93  ? -7.368  0.074   -9.692  1.00 23.35 ? 92  LYS A CD  1 
ATOM   734  C  CE  . LYS A 1 93  ? -8.568  0.981   -9.691  1.00 22.20 ? 92  LYS A CE  1 
ATOM   735  N  NZ  . LYS A 1 93  ? -8.354  2.268   -10.432 1.00 22.94 ? 92  LYS A NZ  1 
ATOM   736  N  N   . ARG A 1 94  ? -3.053  -1.355  -12.568 1.00 23.65 ? 93  ARG A N   1 
ATOM   737  C  CA  . ARG A 1 94  ? -1.757  -1.913  -12.922 1.00 23.60 ? 93  ARG A CA  1 
ATOM   738  C  C   . ARG A 1 94  ? -0.590  -1.158  -12.260 1.00 24.97 ? 93  ARG A C   1 
ATOM   739  O  O   . ARG A 1 94  ? 0.285   -1.781  -11.643 1.00 24.25 ? 93  ARG A O   1 
ATOM   740  C  CB  . ARG A 1 94  ? -1.573  -2.000  -14.430 1.00 24.15 ? 93  ARG A CB  1 
ATOM   741  C  CG  . ARG A 1 94  ? -0.160  -2.291  -14.811 1.00 21.65 ? 93  ARG A CG  1 
ATOM   742  C  CD  . ARG A 1 94  ? 0.011   -2.994  -16.165 1.00 23.76 ? 93  ARG A CD  1 
ATOM   743  N  NE  . ARG A 1 94  ? -0.926  -2.591  -17.205 1.00 31.68 ? 93  ARG A NE  1 
ATOM   744  C  CZ  . ARG A 1 94  ? -1.485  -3.431  -18.070 1.00 29.11 ? 93  ARG A CZ  1 
ATOM   745  N  NH1 . ARG A 1 94  ? -1.206  -4.730  -18.000 1.00 32.24 ? 93  ARG A NH1 1 
ATOM   746  N  NH2 . ARG A 1 94  ? -2.320  -2.974  -19.015 1.00 29.23 ? 93  ARG A NH2 1 
ATOM   747  N  N   . LEU A 1 95  ? -0.576  0.171   -12.372 1.00 25.51 ? 94  LEU A N   1 
ATOM   748  C  CA  . LEU A 1 95  ? 0.429   0.966   -11.658 1.00 24.67 ? 94  LEU A CA  1 
ATOM   749  C  C   . LEU A 1 95  ? 0.522   0.611   -10.205 1.00 24.67 ? 94  LEU A C   1 
ATOM   750  O  O   . LEU A 1 95  ? 1.629   0.462   -9.694  1.00 22.47 ? 94  LEU A O   1 
ATOM   751  C  CB  . LEU A 1 95  ? 0.157   2.480   -11.707 1.00 27.79 ? 94  LEU A CB  1 
ATOM   752  C  CG  . LEU A 1 95  ? 0.648   3.224   -12.911 1.00 30.98 ? 94  LEU A CG  1 
ATOM   753  C  CD1 . LEU A 1 95  ? 0.300   4.703   -12.760 1.00 23.81 ? 94  LEU A CD1 1 
ATOM   754  C  CD2 . LEU A 1 95  ? 2.153   2.985   -13.124 1.00 32.22 ? 94  LEU A CD2 1 
ATOM   755  N  N   . THR A 1 96  ? -0.624  0.528   -9.514  1.00 24.12 ? 95  THR A N   1 
ATOM   756  C  CA  . THR A 1 96  ? -0.596  0.257   -8.090  1.00 23.45 ? 95  THR A CA  1 
ATOM   757  C  C   . THR A 1 96  ? 0.027   -1.101  -7.864  1.00 20.66 ? 95  THR A C   1 
ATOM   758  O  O   . THR A 1 96  ? 0.869   -1.259  -6.984  1.00 18.29 ? 95  THR A O   1 
ATOM   759  C  CB  . THR A 1 96  ? -2.004  0.267   -7.449  1.00 26.00 ? 95  THR A CB  1 
ATOM   760  O  OG1 . THR A 1 96  ? -2.612  1.542   -7.644  1.00 25.86 ? 95  THR A OG1 1 
ATOM   761  C  CG2 . THR A 1 96  ? -1.907  -0.060  -5.977  1.00 22.89 ? 95  THR A CG2 1 
HETATM 762  N  N   . MSE A 1 97  ? -0.390  -2.078  -8.661  1.00 22.32 ? 96  MSE A N   1 
HETATM 763  C  CA  . MSE A 1 97  ? 0.091   -3.463  -8.482  1.00 24.64 ? 96  MSE A CA  1 
HETATM 764  C  C   . MSE A 1 97  ? 1.628   -3.474  -8.720  1.00 24.65 ? 96  MSE A C   1 
HETATM 765  O  O   . MSE A 1 97  ? 2.377   -4.218  -8.052  1.00 22.76 ? 96  MSE A O   1 
HETATM 766  C  CB  . MSE A 1 97  ? -0.632  -4.486  -9.413  1.00 21.23 ? 96  MSE A CB  1 
HETATM 767  C  CG  . MSE A 1 97  ? -2.131  -5.045  -9.031  1.00 20.31 ? 96  MSE A CG  1 
HETATM 768  SE SE  . MSE A 1 97  ? -2.586  -4.672  -7.171  0.75 39.51 ? 96  MSE A SE  1 
HETATM 769  C  CE  . MSE A 1 97  ? -2.184  -6.404  -6.374  1.00 31.16 ? 96  MSE A CE  1 
ATOM   770  N  N   . GLU A 1 98  ? 2.117   -2.643  -9.640  1.00 27.00 ? 97  GLU A N   1 
ATOM   771  C  CA  . GLU A 1 98  ? 3.580   -2.564  -9.863  1.00 26.64 ? 97  GLU A CA  1 
ATOM   772  C  C   . GLU A 1 98  ? 4.318   -1.913  -8.679  1.00 27.10 ? 97  GLU A C   1 
ATOM   773  O  O   . GLU A 1 98  ? 5.440   -2.302  -8.368  1.00 27.92 ? 97  GLU A O   1 
ATOM   774  C  CB  . GLU A 1 98  ? 3.948   -1.817  -11.159 1.00 28.51 ? 97  GLU A CB  1 
ATOM   775  C  CG  . GLU A 1 98  ? 3.419   -2.419  -12.493 1.00 39.52 ? 97  GLU A CG  1 
ATOM   776  C  CD  . GLU A 1 98  ? 4.168   -3.661  -13.018 1.00 47.03 ? 97  GLU A CD  1 
ATOM   777  O  OE1 . GLU A 1 98  ? 5.163   -4.117  -12.376 1.00 51.01 ? 97  GLU A OE1 1 
ATOM   778  O  OE2 . GLU A 1 98  ? 3.744   -4.175  -14.098 1.00 45.35 ? 97  GLU A OE2 1 
ATOM   779  N  N   . VAL A 1 99  ? 3.717   -0.932  -8.004  1.00 26.06 ? 98  VAL A N   1 
ATOM   780  C  CA  . VAL A 1 99  ? 4.363   -0.359  -6.814  1.00 24.69 ? 98  VAL A CA  1 
ATOM   781  C  C   . VAL A 1 99  ? 4.470   -1.464  -5.748  1.00 25.53 ? 98  VAL A C   1 
ATOM   782  O  O   . VAL A 1 99  ? 5.517   -1.628  -5.123  1.00 26.09 ? 98  VAL A O   1 
ATOM   783  C  CB  . VAL A 1 99  ? 3.610   0.893   -6.276  1.00 25.23 ? 98  VAL A CB  1 
ATOM   784  C  CG1 . VAL A 1 99  ? 4.226   1.392   -5.007  1.00 27.70 ? 98  VAL A CG1 1 
ATOM   785  C  CG2 . VAL A 1 99  ? 3.583   2.008   -7.312  1.00 21.10 ? 98  VAL A CG2 1 
ATOM   786  N  N   . PHE A 1 100 ? 3.399   -2.242  -5.568  1.00 25.72 ? 99  PHE A N   1 
ATOM   787  C  CA  . PHE A 1 100 ? 3.453   -3.366  -4.639  1.00 26.26 ? 99  PHE A CA  1 
ATOM   788  C  C   . PHE A 1 100 ? 4.676   -4.245  -4.967  1.00 25.11 ? 99  PHE A C   1 
ATOM   789  O  O   . PHE A 1 100 ? 5.460   -4.540  -4.075  1.00 24.66 ? 99  PHE A O   1 
ATOM   790  C  CB  . PHE A 1 100 ? 2.183   -4.231  -4.687  1.00 25.53 ? 99  PHE A CB  1 
ATOM   791  C  CG  . PHE A 1 100 ? 0.946   -3.590  -4.127  1.00 27.01 ? 99  PHE A CG  1 
ATOM   792  C  CD1 . PHE A 1 100 ? 0.996   -2.604  -3.199  1.00 27.83 ? 99  PHE A CD1 1 
ATOM   793  C  CD2 . PHE A 1 100 ? -0.291  -4.060  -4.503  1.00 36.40 ? 99  PHE A CD2 1 
ATOM   794  C  CE1 . PHE A 1 100 ? -0.165  -2.052  -2.662  1.00 35.39 ? 99  PHE A CE1 1 
ATOM   795  C  CE2 . PHE A 1 100 ? -1.438  -3.518  -3.980  1.00 39.52 ? 99  PHE A CE2 1 
ATOM   796  C  CZ  . PHE A 1 100 ? -1.360  -2.495  -3.049  1.00 32.99 ? 99  PHE A CZ  1 
ATOM   797  N  N   . ALA A 1 101 ? 4.828   -4.638  -6.231  1.00 27.15 ? 100 ALA A N   1 
ATOM   798  C  CA  . ALA A 1 101 ? 5.915   -5.528  -6.659  1.00 30.02 ? 100 ALA A CA  1 
ATOM   799  C  C   . ALA A 1 101 ? 7.331   -4.936  -6.463  1.00 33.13 ? 100 ALA A C   1 
ATOM   800  O  O   . ALA A 1 101 ? 8.291   -5.673  -6.179  1.00 33.01 ? 100 ALA A O   1 
ATOM   801  C  CB  . ALA A 1 101 ? 5.713   -5.962  -8.118  1.00 30.98 ? 100 ALA A CB  1 
ATOM   802  N  N   . GLN A 1 102 ? 7.460   -3.621  -6.604  1.00 34.85 ? 101 GLN A N   1 
ATOM   803  C  CA  . GLN A 1 102 ? 8.744   -2.949  -6.367  1.00 38.25 ? 101 GLN A CA  1 
ATOM   804  C  C   . GLN A 1 102 ? 9.110   -2.921  -4.891  1.00 37.65 ? 101 GLN A C   1 
ATOM   805  O  O   . GLN A 1 102 ? 10.284  -2.783  -4.565  1.00 39.41 ? 101 GLN A O   1 
ATOM   806  C  CB  . GLN A 1 102 ? 8.726   -1.521  -6.921  1.00 40.14 ? 101 GLN A CB  1 
ATOM   807  C  CG  . GLN A 1 102 ? 8.984   -1.467  -8.437  1.00 47.52 ? 101 GLN A CG  1 
ATOM   808  C  CD  . GLN A 1 102 ? 8.347   -0.257  -9.108  1.00 55.32 ? 101 GLN A CD  1 
ATOM   809  O  OE1 . GLN A 1 102 ? 8.062   0.767   -8.459  1.00 55.37 ? 101 GLN A OE1 1 
ATOM   810  N  NE2 . GLN A 1 102 ? 8.101   -0.373  -10.416 1.00 50.81 ? 101 GLN A NE2 1 
ATOM   811  N  N   . ASN A 1 103 ? 8.100   -3.046  -4.020  1.00 32.76 ? 102 ASN A N   1 
ATOM   812  C  CA  . ASN A 1 103 ? 8.276   -3.101  -2.573  1.00 33.29 ? 102 ASN A CA  1 
ATOM   813  C  C   . ASN A 1 103 ? 7.803   -4.464  -2.064  1.00 32.51 ? 102 ASN A C   1 
ATOM   814  O  O   . ASN A 1 103 ? 6.854   -4.541  -1.258  1.00 32.14 ? 102 ASN A O   1 
ATOM   815  C  CB  . ASN A 1 103 ? 7.432   -1.995  -1.895  1.00 32.42 ? 102 ASN A CB  1 
ATOM   816  C  CG  . ASN A 1 103 ? 7.875   -0.583  -2.294  1.00 41.68 ? 102 ASN A CG  1 
ATOM   817  O  OD1 . ASN A 1 103 ? 8.524   0.106   -1.491  1.00 39.32 ? 102 ASN A OD1 1 
ATOM   818  N  ND2 . ASN A 1 103 ? 7.553   -0.154  -3.542  1.00 28.61 ? 102 ASN A ND2 1 
ATOM   819  N  N   . GLU A 1 104 ? 8.440   -5.525  -2.559  1.00 30.65 ? 103 GLU A N   1 
ATOM   820  C  CA  . GLU A 1 104 ? 7.978   -6.877  -2.323  1.00 30.99 ? 103 GLU A CA  1 
ATOM   821  C  C   . GLU A 1 104 ? 8.026   -7.284  -0.861  1.00 29.38 ? 103 GLU A C   1 
ATOM   822  O  O   . GLU A 1 104 ? 7.096   -7.907  -0.347  1.00 26.80 ? 103 GLU A O   1 
ATOM   823  C  CB  . GLU A 1 104 ? 8.770   -7.875  -3.146  1.00 32.03 ? 103 GLU A CB  1 
ATOM   824  C  CG  . GLU A 1 104 ? 8.183   -9.288  -3.065  1.00 38.26 ? 103 GLU A CG  1 
ATOM   825  C  CD  . GLU A 1 104 ? 8.682   -10.224 -4.165  1.00 46.65 ? 103 GLU A CD  1 
ATOM   826  O  OE1 . GLU A 1 104 ? 8.893   -9.776  -5.309  1.00 46.48 ? 103 GLU A OE1 1 
ATOM   827  O  OE2 . GLU A 1 104 ? 8.846   -11.427 -3.879  1.00 58.84 ? 103 GLU A OE2 1 
ATOM   828  N  N   . THR A 1 105 ? 9.115   -6.938  -0.183  1.00 26.75 ? 104 THR A N   1 
ATOM   829  C  CA  . THR A 1 105 ? 9.277   -7.376  1.181   1.00 25.56 ? 104 THR A CA  1 
ATOM   830  C  C   . THR A 1 105 ? 8.245   -6.639  2.099   1.00 25.87 ? 104 THR A C   1 
ATOM   831  O  O   . THR A 1 105 ? 7.633   -7.249  2.991   1.00 24.97 ? 104 THR A O   1 
ATOM   832  C  CB  . THR A 1 105 ? 10.740  -7.220  1.594   1.00 28.26 ? 104 THR A CB  1 
ATOM   833  O  OG1 . THR A 1 105 ? 11.099  -5.851  1.451   1.00 34.47 ? 104 THR A OG1 1 
ATOM   834  C  CG2 . THR A 1 105 ? 11.692  -8.113  0.672   1.00 23.81 ? 104 THR A CG2 1 
ATOM   835  N  N   . LEU A 1 106 ? 8.008   -5.356  1.834   1.00 23.62 ? 105 LEU A N   1 
ATOM   836  C  CA  . LEU A 1 106 ? 6.990   -4.586  2.555   1.00 23.86 ? 105 LEU A CA  1 
ATOM   837  C  C   . LEU A 1 106 ? 5.572   -5.083  2.258   1.00 24.76 ? 105 LEU A C   1 
ATOM   838  O  O   . LEU A 1 106 ? 4.736   -5.157  3.176   1.00 23.26 ? 105 LEU A O   1 
ATOM   839  C  CB  . LEU A 1 106 ? 7.121   -3.080  2.244   1.00 22.61 ? 105 LEU A CB  1 
ATOM   840  C  CG  . LEU A 1 106 ? 6.124   -2.130  2.923   1.00 23.91 ? 105 LEU A CG  1 
ATOM   841  C  CD1 . LEU A 1 106 ? 6.057   -2.375  4.443   1.00 29.39 ? 105 LEU A CD1 1 
ATOM   842  C  CD2 . LEU A 1 106 ? 6.441   -0.693  2.609   1.00 21.47 ? 105 LEU A CD2 1 
ATOM   843  N  N   . SER A 1 107 ? 5.299   -5.395  0.985   1.00 24.37 ? 106 SER A N   1 
ATOM   844  C  CA  . SER A 1 107 ? 4.030   -6.002  0.583   1.00 23.84 ? 106 SER A CA  1 
ATOM   845  C  C   . SER A 1 107 ? 3.820   -7.296  1.360   1.00 23.39 ? 106 SER A C   1 
ATOM   846  O  O   . SER A 1 107 ? 2.730   -7.587  1.824   1.00 25.25 ? 106 SER A O   1 
ATOM   847  C  CB  . SER A 1 107 ? 4.003   -6.283  -0.934  1.00 24.14 ? 106 SER A CB  1 
ATOM   848  O  OG  . SER A 1 107 ? 3.905   -5.073  -1.724  1.00 18.33 ? 106 SER A OG  1 
ATOM   849  N  N   . GLU A 1 108 ? 4.870   -8.078  1.523   1.00 24.00 ? 107 GLU A N   1 
ATOM   850  C  CA  . GLU A 1 108 ? 4.762   -9.279  2.343   1.00 24.31 ? 107 GLU A CA  1 
ATOM   851  C  C   . GLU A 1 108 ? 4.384   -8.962  3.799   1.00 24.91 ? 107 GLU A C   1 
ATOM   852  O  O   . GLU A 1 108 ? 3.426   -9.537  4.319   1.00 22.02 ? 107 GLU A O   1 
ATOM   853  C  CB  . GLU A 1 108 ? 6.040   -10.092 2.303   1.00 25.35 ? 107 GLU A CB  1 
ATOM   854  C  CG  . GLU A 1 108 ? 5.774   -11.574 2.534   1.00 36.71 ? 107 GLU A CG  1 
ATOM   855  C  CD  . GLU A 1 108 ? 7.050   -12.414 2.605   1.00 36.80 ? 107 GLU A CD  1 
ATOM   856  O  OE1 . GLU A 1 108 ? 7.949   -12.240 1.745   1.00 29.79 ? 107 GLU A OE1 1 
ATOM   857  O  OE2 . GLU A 1 108 ? 7.136   -13.234 3.546   1.00 32.31 ? 107 GLU A OE2 1 
ATOM   858  N  N   . ILE A 1 109 ? 5.122   -8.053  4.456   1.00 21.75 ? 108 ILE A N   1 
ATOM   859  C  CA  . ILE A 1 109 ? 4.809   -7.690  5.835   1.00 20.20 ? 108 ILE A CA  1 
ATOM   860  C  C   . ILE A 1 109 ? 3.369   -7.177  5.932   1.00 20.96 ? 108 ILE A C   1 
ATOM   861  O  O   . ILE A 1 109 ? 2.621   -7.648  6.762   1.00 19.86 ? 108 ILE A O   1 
ATOM   862  C  CB  . ILE A 1 109 ? 5.755   -6.617  6.403   1.00 24.40 ? 108 ILE A CB  1 
ATOM   863  C  CG1 . ILE A 1 109 ? 7.191   -7.137  6.529   1.00 24.30 ? 108 ILE A CG1 1 
ATOM   864  C  CG2 . ILE A 1 109 ? 5.255   -6.090  7.788   1.00 15.20 ? 108 ILE A CG2 1 
ATOM   865  C  CD1 . ILE A 1 109 ? 7.343   -8.364  7.393   1.00 31.61 ? 108 ILE A CD1 1 
ATOM   866  N  N   . TYR A 1 110 ? 2.984   -6.239  5.054   1.00 20.02 ? 109 TYR A N   1 
ATOM   867  C  CA  . TYR A 1 110 ? 1.592   -5.747  4.974   1.00 21.42 ? 109 TYR A CA  1 
ATOM   868  C  C   . TYR A 1 110 ? 0.573   -6.867  4.894   1.00 23.99 ? 109 TYR A C   1 
ATOM   869  O  O   . TYR A 1 110 ? -0.496  -6.789  5.515   1.00 27.90 ? 109 TYR A O   1 
ATOM   870  C  CB  . TYR A 1 110 ? 1.476   -4.822  3.773   1.00 24.32 ? 109 TYR A CB  1 
ATOM   871  C  CG  . TYR A 1 110 ? 0.101   -4.374  3.371   1.00 24.98 ? 109 TYR A CG  1 
ATOM   872  C  CD1 . TYR A 1 110 ? -0.766  -3.746  4.286   1.00 27.68 ? 109 TYR A CD1 1 
ATOM   873  C  CD2 . TYR A 1 110 ? -0.319  -4.507  2.036   1.00 35.44 ? 109 TYR A CD2 1 
ATOM   874  C  CE1 . TYR A 1 110 ? -2.040  -3.306  3.876   1.00 27.63 ? 109 TYR A CE1 1 
ATOM   875  C  CE2 . TYR A 1 110 ? -1.580  -4.057  1.626   1.00 27.60 ? 109 TYR A CE2 1 
ATOM   876  C  CZ  . TYR A 1 110 ? -2.423  -3.449  2.560   1.00 32.46 ? 109 TYR A CZ  1 
ATOM   877  O  OH  . TYR A 1 110 ? -3.657  -3.016  2.158   1.00 35.46 ? 109 TYR A OH  1 
ATOM   878  N  N   . SER A 1 111 ? 0.907   -7.902  4.124   1.00 25.18 ? 110 SER A N   1 
ATOM   879  C  CA  . SER A 1 111 ? 0.008   -9.029  3.849   1.00 27.07 ? 110 SER A CA  1 
ATOM   880  C  C   . SER A 1 111 ? 0.008   -10.068 4.940   1.00 27.72 ? 110 SER A C   1 
ATOM   881  O  O   . SER A 1 111 ? -0.829  -10.966 4.932   1.00 27.05 ? 110 SER A O   1 
ATOM   882  C  CB  . SER A 1 111 ? 0.406   -9.727  2.536   1.00 27.11 ? 110 SER A CB  1 
ATOM   883  O  OG  . SER A 1 111 ? 0.337   -8.833  1.439   1.00 22.19 ? 110 SER A OG  1 
ATOM   884  N  N   . ARG A 1 112 ? 0.954   -9.972  5.857   1.00 24.63 ? 111 ARG A N   1 
ATOM   885  C  CA  . ARG A 1 112 ? 1.062   -10.952 6.936   1.00 26.63 ? 111 ARG A CA  1 
ATOM   886  C  C   . ARG A 1 112 ? 0.570   -10.436 8.298   1.00 28.63 ? 111 ARG A C   1 
ATOM   887  O  O   . ARG A 1 112 ? 0.061   -11.211 9.077   1.00 28.48 ? 111 ARG A O   1 
ATOM   888  C  CB  . ARG A 1 112 ? 2.500   -11.432 7.078   1.00 26.50 ? 111 ARG A CB  1 
ATOM   889  C  CG  . ARG A 1 112 ? 2.975   -12.311 5.933   1.00 26.18 ? 111 ARG A CG  1 
ATOM   890  C  CD  . ARG A 1 112 ? 4.344   -12.920 6.269   1.00 33.06 ? 111 ARG A CD  1 
ATOM   891  N  NE  . ARG A 1 112 ? 4.724   -13.923 5.273   1.00 33.55 ? 111 ARG A NE  1 
ATOM   892  C  CZ  . ARG A 1 112 ? 4.226   -15.156 5.227   1.00 39.04 ? 111 ARG A CZ  1 
ATOM   893  N  NH1 . ARG A 1 112 ? 3.321   -15.552 6.124   1.00 35.07 ? 111 ARG A NH1 1 
ATOM   894  N  NH2 . ARG A 1 112 ? 4.623   -15.998 4.274   1.00 36.42 ? 111 ARG A NH2 1 
ATOM   895  N  N   . VAL A 1 113 ? 0.731   -9.145  8.578   1.00 27.75 ? 112 VAL A N   1 
ATOM   896  C  CA  . VAL A 1 113 ? 0.460   -8.649  9.924   1.00 28.29 ? 112 VAL A CA  1 
ATOM   897  C  C   . VAL A 1 113 ? -0.962  -8.096  10.146  1.00 29.03 ? 112 VAL A C   1 
ATOM   898  O  O   . VAL A 1 113 ? -1.304  -7.752  11.274  1.00 26.50 ? 112 VAL A O   1 
ATOM   899  C  CB  . VAL A 1 113 ? 1.495   -7.599  10.370  1.00 26.32 ? 112 VAL A CB  1 
ATOM   900  C  CG1 . VAL A 1 113 ? 2.940   -8.176  10.266  1.00 27.11 ? 112 VAL A CG1 1 
ATOM   901  C  CG2 . VAL A 1 113 ? 1.286   -6.267  9.637   1.00 21.97 ? 112 VAL A CG2 1 
ATOM   902  N  N   . ALA A 1 114 ? -1.777  -8.020  9.096   1.00 28.64 ? 113 ALA A N   1 
ATOM   903  C  CA  . ALA A 1 114 ? -3.184  -7.586  9.221   1.00 27.86 ? 113 ALA A CA  1 
ATOM   904  C  C   . ALA A 1 114 ? -3.965  -8.439  10.200  1.00 29.01 ? 113 ALA A C   1 
ATOM   905  O  O   . ALA A 1 114 ? -3.880  -9.656  10.131  1.00 34.29 ? 113 ALA A O   1 
ATOM   906  C  CB  . ALA A 1 114 ? -3.860  -7.600  7.853   1.00 26.03 ? 113 ALA A CB  1 
ATOM   907  N  N   . GLY A 1 115 ? -4.691  -7.797  11.134  1.00 28.87 ? 114 GLY A N   1 
ATOM   908  C  CA  . GLY A 1 115 ? -5.460  -8.480  12.195  1.00 27.00 ? 114 GLY A CA  1 
ATOM   909  C  C   . GLY A 1 115 ? -4.681  -9.061  13.352  1.00 26.65 ? 114 GLY A C   1 
ATOM   910  O  O   . GLY A 1 115 ? -5.245  -9.773  14.194  1.00 24.27 ? 114 GLY A O   1 
ATOM   911  N  N   . SER A 1 116 ? -3.379  -8.775  13.408  1.00 26.40 ? 115 SER A N   1 
ATOM   912  C  CA  . SER A 1 116 ? -2.485  -9.395  14.396  1.00 25.83 ? 115 SER A CA  1 
ATOM   913  C  C   . SER A 1 116 ? -2.630  -8.775  15.797  1.00 27.65 ? 115 SER A C   1 
ATOM   914  O  O   . SER A 1 116 ? -2.592  -9.489  16.798  1.00 26.67 ? 115 SER A O   1 
ATOM   915  C  CB  . SER A 1 116 ? -1.024  -9.330  13.911  1.00 28.12 ? 115 SER A CB  1 
ATOM   916  O  OG  . SER A 1 116 ? -0.538  -7.988  13.780  1.00 22.71 ? 115 SER A OG  1 
ATOM   917  N  N   . SER A 1 117 ? -2.751  -7.449  15.886  1.00 26.47 ? 116 SER A N   1 
ATOM   918  C  CA  . SER A 1 117 ? -2.973  -6.777  17.185  1.00 23.97 ? 116 SER A CA  1 
ATOM   919  C  C   . SER A 1 117 ? -3.493  -5.398  16.925  1.00 24.12 ? 116 SER A C   1 
ATOM   920  O  O   . SER A 1 117 ? -3.331  -4.898  15.821  1.00 21.77 ? 116 SER A O   1 
ATOM   921  C  CB  . SER A 1 117 ? -1.675  -6.671  17.985  1.00 25.55 ? 116 SER A CB  1 
ATOM   922  O  OG  . SER A 1 117 ? -0.792  -5.701  17.452  1.00 20.60 ? 116 SER A OG  1 
ATOM   923  N  N   . ALA A 1 118 ? -4.102  -4.761  17.932  1.00 23.90 ? 117 ALA A N   1 
ATOM   924  C  CA  . ALA A 1 118 ? -4.733  -3.456  17.704  1.00 23.68 ? 117 ALA A CA  1 
ATOM   925  C  C   . ALA A 1 118 ? -3.728  -2.357  17.352  1.00 23.63 ? 117 ALA A C   1 
ATOM   926  O  O   . ALA A 1 118 ? -4.014  -1.527  16.494  1.00 25.05 ? 117 ALA A O   1 
ATOM   927  C  CB  . ALA A 1 118 ? -5.607  -3.026  18.869  1.00 21.55 ? 117 ALA A CB  1 
ATOM   928  N  N   . PRO A 1 119 ? -2.540  -2.349  17.981  1.00 23.47 ? 118 PRO A N   1 
ATOM   929  C  CA  . PRO A 1 119 ? -1.630  -1.266  17.548  1.00 21.29 ? 118 PRO A CA  1 
ATOM   930  C  C   . PRO A 1 119 ? -1.178  -1.377  16.090  1.00 21.72 ? 118 PRO A C   1 
ATOM   931  O  O   . PRO A 1 119 ? -1.000  -0.366  15.418  1.00 23.46 ? 118 PRO A O   1 
ATOM   932  C  CB  . PRO A 1 119 ? -0.432  -1.411  18.495  1.00 17.97 ? 118 PRO A CB  1 
ATOM   933  C  CG  . PRO A 1 119 ? -1.019  -1.942  19.725  1.00 19.63 ? 118 PRO A CG  1 
ATOM   934  C  CD  . PRO A 1 119 ? -2.079  -2.951  19.246  1.00 25.06 ? 118 PRO A CD  1 
ATOM   935  N  N   . ILE A 1 120 ? -0.970  -2.599  15.620  1.00 22.43 ? 119 ILE A N   1 
ATOM   936  C  CA  . ILE A 1 120 ? -0.501  -2.814  14.227  1.00 22.58 ? 119 ILE A CA  1 
ATOM   937  C  C   . ILE A 1 120 ? -1.665  -2.586  13.272  1.00 22.75 ? 119 ILE A C   1 
ATOM   938  O  O   . ILE A 1 120 ? -1.510  -1.909  12.249  1.00 22.17 ? 119 ILE A O   1 
ATOM   939  C  CB  . ILE A 1 120 ? 0.160   -4.184  14.082  1.00 21.18 ? 119 ILE A CB  1 
ATOM   940  C  CG1 . ILE A 1 120 ? 1.590   -4.107  14.651  1.00 19.74 ? 119 ILE A CG1 1 
ATOM   941  C  CG2 . ILE A 1 120 ? 0.213   -4.626  12.617  1.00 22.73 ? 119 ILE A CG2 1 
ATOM   942  C  CD1 . ILE A 1 120 ? 1.711   -3.817  16.147  1.00 17.56 ? 119 ILE A CD1 1 
ATOM   943  N  N   . ASP A 1 121 ? -2.851  -3.070  13.649  1.00 23.80 ? 120 ASP A N   1 
ATOM   944  C  CA  . ASP A 1 121 ? -4.058  -2.738  12.880  1.00 26.81 ? 120 ASP A CA  1 
ATOM   945  C  C   . ASP A 1 121 ? -4.337  -1.224  12.810  1.00 26.11 ? 120 ASP A C   1 
ATOM   946  O  O   . ASP A 1 121 ? -4.729  -0.720  11.753  1.00 29.40 ? 120 ASP A O   1 
ATOM   947  C  CB  . ASP A 1 121 ? -5.253  -3.525  13.384  1.00 26.36 ? 120 ASP A CB  1 
ATOM   948  C  CG  . ASP A 1 121 ? -5.239  -4.967  12.888  1.00 31.90 ? 120 ASP A CG  1 
ATOM   949  O  OD1 . ASP A 1 121 ? -4.977  -5.189  11.673  1.00 30.75 ? 120 ASP A OD1 1 
ATOM   950  O  OD2 . ASP A 1 121 ? -5.521  -5.871  13.702  1.00 33.08 ? 120 ASP A OD2 1 
ATOM   951  N  N   . GLN A 1 122 ? -4.086  -0.482  13.891  1.00 26.57 ? 121 GLN A N   1 
ATOM   952  C  CA  A GLN A 1 122 ? -4.182  0.988   13.863  0.50 26.46 ? 121 GLN A CA  1 
ATOM   953  C  CA  B GLN A 1 122 ? -4.221  0.972   13.790  0.50 25.70 ? 121 GLN A CA  1 
ATOM   954  C  C   . GLN A 1 122 ? -3.230  1.537   12.779  1.00 24.85 ? 121 GLN A C   1 
ATOM   955  O  O   . GLN A 1 122 ? -3.574  2.444   12.060  1.00 24.34 ? 121 GLN A O   1 
ATOM   956  C  CB  A GLN A 1 122 ? -3.865  1.623   15.249  0.50 26.28 ? 121 GLN A CB  1 
ATOM   957  C  CB  B GLN A 1 122 ? -4.054  1.694   15.122  0.50 24.88 ? 121 GLN A CB  1 
ATOM   958  C  CG  A GLN A 1 122 ? -4.978  1.487   16.352  0.50 28.94 ? 121 GLN A CG  1 
ATOM   959  C  CG  B GLN A 1 122 ? -4.244  3.200   14.991  0.50 24.19 ? 121 GLN A CG  1 
ATOM   960  C  CD  A GLN A 1 122 ? -4.532  1.877   17.797  0.50 34.66 ? 121 GLN A CD  1 
ATOM   961  C  CD  B GLN A 1 122 ? -5.569  3.572   14.334  0.50 27.61 ? 121 GLN A CD  1 
ATOM   962  O  OE1 A GLN A 1 122 ? -5.347  1.853   18.730  0.50 27.79 ? 121 GLN A OE1 1 
ATOM   963  O  OE1 B GLN A 1 122 ? -6.641  3.129   14.775  0.50 22.34 ? 121 GLN A OE1 1 
ATOM   964  N  NE2 A GLN A 1 122 ? -3.255  2.243   17.972  0.50 33.73 ? 121 GLN A NE2 1 
ATOM   965  N  NE2 B GLN A 1 122 ? -5.504  4.399   13.276  0.50 17.89 ? 121 GLN A NE2 1 
ATOM   966  N  N   . CYS A 1 123 ? -2.005  1.002   12.697  1.00 26.19 ? 122 CYS A N   1 
ATOM   967  C  CA  . CYS A 1 123 ? -1.057  1.475   11.669  1.00 25.68 ? 122 CYS A CA  1 
ATOM   968  C  C   . CYS A 1 123 ? -1.571  1.152   10.265  1.00 28.07 ? 122 CYS A C   1 
ATOM   969  O  O   . CYS A 1 123 ? -1.524  1.977   9.363   1.00 29.46 ? 122 CYS A O   1 
ATOM   970  C  CB  . CYS A 1 123 ? 0.305   0.818   11.808  1.00 27.22 ? 122 CYS A CB  1 
ATOM   971  S  SG  . CYS A 1 123 ? 1.172   1.140   13.347  1.00 27.61 ? 122 CYS A SG  1 
ATOM   972  N  N   . LEU A 1 124 ? -2.047  -0.071  10.056  1.00 28.28 ? 123 LEU A N   1 
ATOM   973  C  CA  A LEU A 1 124 ? -2.524  -0.436  8.726   0.50 26.07 ? 123 LEU A CA  1 
ATOM   974  C  CA  B LEU A 1 124 ? -2.555  -0.465  8.744   0.50 26.99 ? 123 LEU A CA  1 
ATOM   975  C  C   . LEU A 1 124 ? -3.740  0.413   8.398   1.00 27.40 ? 123 LEU A C   1 
ATOM   976  O  O   . LEU A 1 124 ? -3.946  0.721   7.251   1.00 28.95 ? 123 LEU A O   1 
ATOM   977  C  CB  A LEU A 1 124 ? -2.806  -1.932  8.596   0.50 24.71 ? 123 LEU A CB  1 
ATOM   978  C  CB  B LEU A 1 124 ? -2.942  -1.942  8.720   0.50 26.15 ? 123 LEU A CB  1 
ATOM   979  C  CG  A LEU A 1 124 ? -1.603  -2.756  8.083   0.50 19.35 ? 123 LEU A CG  1 
ATOM   980  C  CG  B LEU A 1 124 ? -1.744  -2.902  8.835   0.50 26.69 ? 123 LEU A CG  1 
ATOM   981  C  CD1 A LEU A 1 124 ? -0.384  -2.717  9.055   0.50 8.41  ? 123 LEU A CD1 1 
ATOM   982  C  CD1 B LEU A 1 124 ? -2.167  -4.363  8.934   0.50 24.30 ? 123 LEU A CD1 1 
ATOM   983  C  CD2 A LEU A 1 124 ? -2.015  -4.185  7.820   0.50 17.23 ? 123 LEU A CD2 1 
ATOM   984  C  CD2 B LEU A 1 124 ? -0.817  -2.707  7.665   0.50 17.43 ? 123 LEU A CD2 1 
ATOM   985  N  N   . LYS A 1 125 ? -4.508  0.821   9.426   1.00 27.26 ? 124 LYS A N   1 
ATOM   986  C  CA  . LYS A 1 125 ? -5.746  1.592   9.205   1.00 28.16 ? 124 LYS A CA  1 
ATOM   987  C  C   . LYS A 1 125 ? -5.435  2.968   8.653   1.00 28.14 ? 124 LYS A C   1 
ATOM   988  O  O   . LYS A 1 125 ? -6.122  3.450   7.770   1.00 27.04 ? 124 LYS A O   1 
ATOM   989  C  CB  . LYS A 1 125 ? -6.632  1.694   10.466  1.00 28.49 ? 124 LYS A CB  1 
ATOM   990  C  CG  . LYS A 1 125 ? -8.041  2.263   10.154  1.00 29.61 ? 124 LYS A CG  1 
ATOM   991  C  CD  . LYS A 1 125 ? -8.963  2.345   11.408  1.00 29.13 ? 124 LYS A CD  1 
ATOM   992  C  CE  . LYS A 1 125 ? -10.266 3.033   11.083  1.00 29.36 ? 124 LYS A CE  1 
ATOM   993  N  NZ  . LYS A 1 125 ? -10.073 4.479   10.705  1.00 31.98 ? 124 LYS A NZ  1 
ATOM   994  N  N   . GLN A 1 126 ? -4.350  3.565   9.125   1.00 27.45 ? 125 GLN A N   1 
ATOM   995  C  CA  . GLN A 1 126 ? -3.956  4.869   8.617   1.00 29.36 ? 125 GLN A CA  1 
ATOM   996  C  C   . GLN A 1 126 ? -3.509  4.795   7.156   1.00 26.09 ? 125 GLN A C   1 
ATOM   997  O  O   . GLN A 1 126 ? -3.866  5.639   6.348   1.00 26.13 ? 125 GLN A O   1 
ATOM   998  C  CB  . GLN A 1 126 ? -2.882  5.489   9.531   1.00 31.09 ? 125 GLN A CB  1 
ATOM   999  C  CG  . GLN A 1 126 ? -3.429  5.700   10.922  1.00 43.07 ? 125 GLN A CG  1 
ATOM   1000 C  CD  . GLN A 1 126 ? -2.453  6.344   11.889  1.00 55.66 ? 125 GLN A CD  1 
ATOM   1001 O  OE1 . GLN A 1 126 ? -1.587  7.133   11.488  1.00 58.11 ? 125 GLN A OE1 1 
ATOM   1002 N  NE2 . GLN A 1 126 ? -2.602  6.017   13.186  1.00 54.32 ? 125 GLN A NE2 1 
ATOM   1003 N  N   . PHE A 1 127 ? -2.733  3.773   6.834   1.00 25.24 ? 126 PHE A N   1 
ATOM   1004 C  CA  . PHE A 1 127 ? -2.305  3.494   5.468   1.00 23.75 ? 126 PHE A CA  1 
ATOM   1005 C  C   . PHE A 1 127 ? -3.536  3.251   4.545   1.00 23.94 ? 126 PHE A C   1 
ATOM   1006 O  O   . PHE A 1 127 ? -3.758  3.959   3.562   1.00 23.87 ? 126 PHE A O   1 
ATOM   1007 C  CB  . PHE A 1 127 ? -1.352  2.296   5.511   1.00 22.61 ? 126 PHE A CB  1 
ATOM   1008 C  CG  . PHE A 1 127 ? -1.012  1.744   4.177   1.00 25.34 ? 126 PHE A CG  1 
ATOM   1009 C  CD1 . PHE A 1 127 ? -0.192  2.453   3.320   1.00 22.75 ? 126 PHE A CD1 1 
ATOM   1010 C  CD2 . PHE A 1 127 ? -1.502  0.516   3.776   1.00 27.11 ? 126 PHE A CD2 1 
ATOM   1011 C  CE1 . PHE A 1 127 ? 0.127   1.969   2.080   1.00 23.50 ? 126 PHE A CE1 1 
ATOM   1012 C  CE2 . PHE A 1 127 ? -1.186  0.018   2.516   1.00 23.03 ? 126 PHE A CE2 1 
ATOM   1013 C  CZ  . PHE A 1 127 ? -0.360  0.743   1.673   1.00 27.22 ? 126 PHE A CZ  1 
ATOM   1014 N  N   . GLU A 1 128 ? -4.371  2.302   4.923   1.00 22.17 ? 127 GLU A N   1 
ATOM   1015 C  CA  . GLU A 1 128 ? -5.573  1.973   4.146   1.00 22.52 ? 127 GLU A CA  1 
ATOM   1016 C  C   . GLU A 1 128 ? -6.578  3.125   4.012   1.00 23.99 ? 127 GLU A C   1 
ATOM   1017 O  O   . GLU A 1 128 ? -7.090  3.348   2.916   1.00 23.23 ? 127 GLU A O   1 
ATOM   1018 C  CB  . GLU A 1 128 ? -6.202  0.682   4.703   1.00 21.75 ? 127 GLU A CB  1 
ATOM   1019 C  CG  . GLU A 1 128 ? -5.291  -0.518  4.313   1.00 24.44 ? 127 GLU A CG  1 
ATOM   1020 C  CD  . GLU A 1 128 ? -5.755  -1.881  4.747   1.00 25.02 ? 127 GLU A CD  1 
ATOM   1021 O  OE1 . GLU A 1 128 ? -6.525  -1.996  5.709   1.00 28.66 ? 127 GLU A OE1 1 
ATOM   1022 O  OE2 . GLU A 1 128 ? -5.297  -2.855  4.121   1.00 31.87 ? 127 GLU A OE2 1 
ATOM   1023 N  N   . ASP A 1 129 ? -6.821  3.880   5.089   1.00 25.14 ? 128 ASP A N   1 
ATOM   1024 C  CA  . ASP A 1 129 ? -7.742  5.046   5.060   1.00 23.90 ? 128 ASP A CA  1 
ATOM   1025 C  C   . ASP A 1 129 ? -7.239  6.081   4.071   1.00 25.46 ? 128 ASP A C   1 
ATOM   1026 O  O   . ASP A 1 129 ? -8.037  6.734   3.354   1.00 26.05 ? 128 ASP A O   1 
ATOM   1027 C  CB  . ASP A 1 129 ? -7.889  5.703   6.458   1.00 23.26 ? 128 ASP A CB  1 
ATOM   1028 C  CG  . ASP A 1 129 ? -8.839  4.946   7.388   1.00 26.01 ? 128 ASP A CG  1 
ATOM   1029 O  OD1 . ASP A 1 129 ? -9.497  3.945   6.966   1.00 31.08 ? 128 ASP A OD1 1 
ATOM   1030 O  OD2 . ASP A 1 129 ? -8.935  5.360   8.570   1.00 30.11 ? 128 ASP A OD2 1 
ATOM   1031 N  N   . ARG A 1 130 ? -5.921  6.235   4.011   1.00 24.94 ? 129 ARG A N   1 
ATOM   1032 C  CA  . ARG A 1 130 ? -5.311  7.205   3.093   1.00 27.84 ? 129 ARG A CA  1 
ATOM   1033 C  C   . ARG A 1 130 ? -5.538  6.822   1.633   1.00 29.17 ? 129 ARG A C   1 
ATOM   1034 O  O   . ARG A 1 130 ? -5.935  7.667   0.817   1.00 26.17 ? 129 ARG A O   1 
ATOM   1035 C  CB  . ARG A 1 130 ? -3.811  7.307   3.348   1.00 30.89 ? 129 ARG A CB  1 
ATOM   1036 C  CG  . ARG A 1 130 ? -3.099  8.365   2.502   1.00 32.01 ? 129 ARG A CG  1 
ATOM   1037 C  CD  . ARG A 1 130 ? -1.737  8.649   3.062   1.00 37.97 ? 129 ARG A CD  1 
ATOM   1038 N  NE  . ARG A 1 130 ? -0.924  9.495   2.186   1.00 38.53 ? 129 ARG A NE  1 
ATOM   1039 C  CZ  . ARG A 1 130 ? 0.386   9.646   2.328   1.00 46.12 ? 129 ARG A CZ  1 
ATOM   1040 N  NH1 . ARG A 1 130 ? 1.044   9.009   3.304   1.00 48.04 ? 129 ARG A NH1 1 
ATOM   1041 N  NH2 . ARG A 1 130 ? 1.046   10.425  1.492   1.00 49.34 ? 129 ARG A NH2 1 
ATOM   1042 N  N   . LEU A 1 131 ? -5.287  5.551   1.320   1.00 27.34 ? 130 LEU A N   1 
ATOM   1043 C  CA  . LEU A 1 131 ? -5.575  5.016   -0.001  1.00 25.80 ? 130 LEU A CA  1 
ATOM   1044 C  C   . LEU A 1 131 ? -7.086  5.098   -0.314  1.00 25.19 ? 130 LEU A C   1 
ATOM   1045 O  O   . LEU A 1 131 ? -7.477  5.548   -1.389  1.00 20.45 ? 130 LEU A O   1 
ATOM   1046 C  CB  . LEU A 1 131 ? -5.078  3.576   -0.109  1.00 24.41 ? 130 LEU A CB  1 
ATOM   1047 C  CG  . LEU A 1 131 ? -3.572  3.346   -0.081  1.00 26.88 ? 130 LEU A CG  1 
ATOM   1048 C  CD1 . LEU A 1 131 ? -3.361  1.878   -0.242  1.00 19.24 ? 130 LEU A CD1 1 
ATOM   1049 C  CD2 . LEU A 1 131 ? -2.769  4.188   -1.141  1.00 20.38 ? 130 LEU A CD2 1 
ATOM   1050 N  N   . LEU A 1 132 ? -7.928  4.691   0.634   1.00 24.73 ? 131 LEU A N   1 
ATOM   1051 C  CA  . LEU A 1 132 ? -9.374  4.751   0.433   1.00 23.76 ? 131 LEU A CA  1 
ATOM   1052 C  C   . LEU A 1 132 ? -9.900  6.158   0.115   1.00 21.83 ? 131 LEU A C   1 
ATOM   1053 O  O   . LEU A 1 132 ? -10.728 6.322   -0.812  1.00 16.49 ? 131 LEU A O   1 
ATOM   1054 C  CB  . LEU A 1 132 ? -10.144 4.164   1.631   1.00 23.75 ? 131 LEU A CB  1 
ATOM   1055 C  CG  . LEU A 1 132 ? -10.030 2.638   1.760   1.00 27.56 ? 131 LEU A CG  1 
ATOM   1056 C  CD1 . LEU A 1 132 ? -10.394 2.193   3.213   1.00 16.74 ? 131 LEU A CD1 1 
ATOM   1057 C  CD2 . LEU A 1 132 ? -10.897 1.931   0.715   1.00 18.13 ? 131 LEU A CD2 1 
ATOM   1058 N  N   . GLU A 1 133 ? -9.411  7.163   0.846   1.00 22.48 ? 132 GLU A N   1 
ATOM   1059 C  CA  . GLU A 1 133 ? -9.773  8.548   0.602   1.00 23.89 ? 132 GLU A CA  1 
ATOM   1060 C  C   . GLU A 1 133 ? -9.313  8.983   -0.786  1.00 24.08 ? 132 GLU A C   1 
ATOM   1061 O  O   . GLU A 1 133 ? -10.072 9.560   -1.540  1.00 23.84 ? 132 GLU A O   1 
ATOM   1062 C  CB  . GLU A 1 133 ? -9.189  9.493   1.680   1.00 29.12 ? 132 GLU A CB  1 
ATOM   1063 C  CG  . GLU A 1 133 ? -9.946  9.490   3.038   1.00 37.88 ? 132 GLU A CG  1 
ATOM   1064 N  N   . PHE A 1 134 ? -8.075  8.687   -1.152  1.00 26.00 ? 133 PHE A N   1 
ATOM   1065 C  CA  . PHE A 1 134 ? -7.627  8.983   -2.516  1.00 25.66 ? 133 PHE A CA  1 
ATOM   1066 C  C   . PHE A 1 134 ? -8.507  8.312   -3.577  1.00 25.94 ? 133 PHE A C   1 
ATOM   1067 O  O   . PHE A 1 134 ? -8.920  8.944   -4.539  1.00 23.55 ? 133 PHE A O   1 
ATOM   1068 C  CB  . PHE A 1 134 ? -6.181  8.518   -2.710  1.00 27.58 ? 133 PHE A CB  1 
ATOM   1069 C  CG  . PHE A 1 134 ? -5.578  8.955   -4.006  1.00 25.76 ? 133 PHE A CG  1 
ATOM   1070 C  CD1 . PHE A 1 134 ? -5.480  10.317  -4.317  1.00 31.26 ? 133 PHE A CD1 1 
ATOM   1071 C  CD2 . PHE A 1 134 ? -5.123  8.014   -4.936  1.00 21.48 ? 133 PHE A CD2 1 
ATOM   1072 C  CE1 . PHE A 1 134 ? -4.915  10.738  -5.521  1.00 26.75 ? 133 PHE A CE1 1 
ATOM   1073 C  CE2 . PHE A 1 134 ? -4.587  8.416   -6.140  1.00 22.41 ? 133 PHE A CE2 1 
ATOM   1074 C  CZ  . PHE A 1 134 ? -4.471  9.776   -6.444  1.00 28.13 ? 133 PHE A CZ  1 
ATOM   1075 N  N   . TYR A 1 135 ? -8.773  7.017   -3.416  1.00 25.70 ? 134 TYR A N   1 
ATOM   1076 C  CA  . TYR A 1 135 ? -9.587  6.311   -4.399  1.00 24.63 ? 134 TYR A CA  1 
ATOM   1077 C  C   . TYR A 1 135 ? -10.973 6.948   -4.461  1.00 23.05 ? 134 TYR A C   1 
ATOM   1078 O  O   . TYR A 1 135 ? -11.548 7.091   -5.541  1.00 20.39 ? 134 TYR A O   1 
ATOM   1079 C  CB  . TYR A 1 135 ? -9.740  4.814   -4.067  1.00 24.63 ? 134 TYR A CB  1 
ATOM   1080 C  CG  . TYR A 1 135 ? -8.470  3.971   -4.035  1.00 18.94 ? 134 TYR A CG  1 
ATOM   1081 C  CD1 . TYR A 1 135 ? -7.287  4.385   -4.666  1.00 26.86 ? 134 TYR A CD1 1 
ATOM   1082 C  CD2 . TYR A 1 135 ? -8.459  2.727   -3.406  1.00 25.41 ? 134 TYR A CD2 1 
ATOM   1083 C  CE1 . TYR A 1 135 ? -6.134  3.613   -4.644  1.00 23.25 ? 134 TYR A CE1 1 
ATOM   1084 C  CE2 . TYR A 1 135 ? -7.289  1.913   -3.418  1.00 30.12 ? 134 TYR A CE2 1 
ATOM   1085 C  CZ  . TYR A 1 135 ? -6.138  2.379   -4.035  1.00 28.19 ? 134 TYR A CZ  1 
ATOM   1086 O  OH  . TYR A 1 135 ? -4.985  1.633   -4.067  1.00 20.02 ? 134 TYR A OH  1 
ATOM   1087 N  N   . SER A 1 136 ? -11.491 7.365   -3.297  1.00 21.81 ? 135 SER A N   1 
ATOM   1088 C  CA  . SER A 1 136 ? -12.772 8.045   -3.287  1.00 22.59 ? 135 SER A CA  1 
ATOM   1089 C  C   . SER A 1 136 ? -12.748 9.347   -4.115  1.00 23.04 ? 135 SER A C   1 
ATOM   1090 O  O   . SER A 1 136 ? -13.651 9.578   -4.921  1.00 24.81 ? 135 SER A O   1 
ATOM   1091 C  CB  . SER A 1 136 ? -13.265 8.279   -1.855  1.00 20.62 ? 135 SER A CB  1 
ATOM   1092 O  OG  . SER A 1 136 ? -13.471 7.033   -1.228  1.00 18.51 ? 135 SER A OG  1 
ATOM   1093 N  N   . ARG A 1 137 ? -11.713 10.168  -3.952  1.00 26.59 ? 136 ARG A N   1 
ATOM   1094 C  CA  . ARG A 1 137 ? -11.617 11.456  -4.684  1.00 27.56 ? 136 ARG A CA  1 
ATOM   1095 C  C   . ARG A 1 137 ? -11.679 11.159  -6.169  1.00 26.49 ? 136 ARG A C   1 
ATOM   1096 O  O   . ARG A 1 137 ? -12.407 11.806  -6.885  1.00 25.86 ? 136 ARG A O   1 
ATOM   1097 C  CB  . ARG A 1 137 ? -10.311 12.216  -4.427  1.00 29.50 ? 136 ARG A CB  1 
ATOM   1098 C  CG  . ARG A 1 137 ? -9.952  12.572  -2.978  1.00 36.35 ? 136 ARG A CG  1 
ATOM   1099 C  CD  . ARG A 1 137 ? -10.933 13.514  -2.325  1.00 47.17 ? 136 ARG A CD  1 
ATOM   1100 N  NE  . ARG A 1 137 ? -12.103 12.787  -1.817  1.00 56.36 ? 136 ARG A NE  1 
ATOM   1101 C  CZ  . ARG A 1 137 ? -12.193 12.187  -0.626  1.00 58.01 ? 136 ARG A CZ  1 
ATOM   1102 N  NH1 . ARG A 1 137 ? -11.173 12.187  0.234   1.00 53.58 ? 136 ARG A NH1 1 
ATOM   1103 N  NH2 . ARG A 1 137 ? -13.334 11.578  -0.295  1.00 61.40 ? 136 ARG A NH2 1 
ATOM   1104 N  N   . ASN A 1 138 ? -10.926 10.157  -6.621  1.00 24.31 ? 137 ASN A N   1 
ATOM   1105 C  CA  . ASN A 1 138 ? -10.879 9.843   -8.052  1.00 25.48 ? 137 ASN A CA  1 
ATOM   1106 C  C   . ASN A 1 138 ? -12.182 9.297   -8.589  1.00 25.22 ? 137 ASN A C   1 
ATOM   1107 O  O   . ASN A 1 138 ? -12.553 9.636   -9.705  1.00 25.54 ? 137 ASN A O   1 
ATOM   1108 C  CB  . ASN A 1 138 ? -9.751  8.878   -8.375  1.00 27.03 ? 137 ASN A CB  1 
ATOM   1109 C  CG  . ASN A 1 138 ? -8.384  9.376   -7.877  1.00 33.35 ? 137 ASN A CG  1 
ATOM   1110 O  OD1 . ASN A 1 138 ? -7.553  8.585   -7.436  1.00 43.69 ? 137 ASN A OD1 1 
ATOM   1111 N  ND2 . ASN A 1 138 ? -8.165  10.679  -7.937  1.00 32.88 ? 137 ASN A ND2 1 
ATOM   1112 N  N   . ILE A 1 139 ? -12.895 8.478   -7.797  1.00 24.32 ? 138 ILE A N   1 
ATOM   1113 C  CA  . ILE A 1 139 ? -14.222 8.020   -8.211  1.00 23.47 ? 138 ILE A CA  1 
ATOM   1114 C  C   . ILE A 1 139 ? -15.208 9.205   -8.272  1.00 25.10 ? 138 ILE A C   1 
ATOM   1115 O  O   . ILE A 1 139 ? -16.005 9.311   -9.195  1.00 24.72 ? 138 ILE A O   1 
ATOM   1116 C  CB  . ILE A 1 139 ? -14.766 6.938   -7.282  1.00 23.90 ? 138 ILE A CB  1 
ATOM   1117 C  CG1 . ILE A 1 139 ? -13.938 5.648   -7.474  1.00 26.64 ? 138 ILE A CG1 1 
ATOM   1118 C  CG2 . ILE A 1 139 ? -16.233 6.680   -7.594  1.00 18.63 ? 138 ILE A CG2 1 
ATOM   1119 C  CD1 . ILE A 1 139 ? -13.841 4.775   -6.254  1.00 29.28 ? 138 ILE A CD1 1 
ATOM   1120 N  N   . GLU A 1 140 ? -15.127 10.091  -7.288  1.00 24.16 ? 139 GLU A N   1 
ATOM   1121 C  CA  . GLU A 1 140 ? -15.991 11.257  -7.224  1.00 25.81 ? 139 GLU A CA  1 
ATOM   1122 C  C   . GLU A 1 140 ? -15.849 12.122  -8.472  1.00 26.97 ? 139 GLU A C   1 
ATOM   1123 O  O   . GLU A 1 140 ? -16.855 12.499  -9.107  1.00 28.55 ? 139 GLU A O   1 
ATOM   1124 C  CB  . GLU A 1 140 ? -15.692 12.055  -5.966  1.00 22.73 ? 139 GLU A CB  1 
ATOM   1125 C  CG  . GLU A 1 140 ? -16.172 11.387  -4.703  1.00 32.62 ? 139 GLU A CG  1 
ATOM   1126 C  CD  . GLU A 1 140 ? -15.738 12.168  -3.484  1.00 33.97 ? 139 GLU A CD  1 
ATOM   1127 O  OE1 . GLU A 1 140 ? -15.786 13.401  -3.588  1.00 44.38 ? 139 GLU A OE1 1 
ATOM   1128 O  OE2 . GLU A 1 140 ? -15.316 11.587  -2.453  1.00 36.48 ? 139 GLU A OE2 1 
ATOM   1129 N  N   . TYR A 1 141 ? -14.598 12.389  -8.841  1.00 26.49 ? 140 TYR A N   1 
ATOM   1130 C  CA  . TYR A 1 141 ? -14.291 13.133  -10.048 1.00 27.92 ? 140 TYR A CA  1 
ATOM   1131 C  C   . TYR A 1 141 ? -14.977 12.496  -11.262 1.00 29.07 ? 140 TYR A C   1 
ATOM   1132 O  O   . TYR A 1 141 ? -15.629 13.187  -12.048 1.00 26.98 ? 140 TYR A O   1 
ATOM   1133 C  CB  . TYR A 1 141 ? -12.770 13.238  -10.238 1.00 26.63 ? 140 TYR A CB  1 
ATOM   1134 C  CG  . TYR A 1 141 ? -12.341 14.136  -11.367 1.00 30.35 ? 140 TYR A CG  1 
ATOM   1135 C  CD1 . TYR A 1 141 ? -12.369 15.522  -11.230 1.00 34.74 ? 140 TYR A CD1 1 
ATOM   1136 C  CD2 . TYR A 1 141 ? -11.889 13.597  -12.569 1.00 27.71 ? 140 TYR A CD2 1 
ATOM   1137 C  CE1 . TYR A 1 141 ? -11.963 16.365  -12.292 1.00 36.60 ? 140 TYR A CE1 1 
ATOM   1138 C  CE2 . TYR A 1 141 ? -11.476 14.411  -13.616 1.00 35.71 ? 140 TYR A CE2 1 
ATOM   1139 C  CZ  . TYR A 1 141 ? -11.527 15.790  -13.478 1.00 31.51 ? 140 TYR A CZ  1 
ATOM   1140 O  OH  . TYR A 1 141 ? -11.133 16.565  -14.526 1.00 37.37 ? 140 TYR A OH  1 
ATOM   1141 N  N   . GLY A 1 142 ? -14.879 11.176  -11.391 1.00 28.61 ? 141 GLY A N   1 
ATOM   1142 C  CA  . GLY A 1 142 ? -15.503 10.485  -12.526 1.00 26.71 ? 141 GLY A CA  1 
ATOM   1143 C  C   . GLY A 1 142 ? -17.025 10.580  -12.560 1.00 26.78 ? 141 GLY A C   1 
ATOM   1144 O  O   . GLY A 1 142 ? -17.629 10.537  -13.653 1.00 25.61 ? 141 GLY A O   1 
ATOM   1145 N  N   . ILE A 1 143 ? -17.639 10.674  -11.371 1.00 27.02 ? 142 ILE A N   1 
ATOM   1146 C  CA  . ILE A 1 143 ? -19.094 10.810  -11.231 1.00 27.85 ? 142 ILE A CA  1 
ATOM   1147 C  C   . ILE A 1 143 ? -19.482 12.181  -11.707 1.00 29.38 ? 142 ILE A C   1 
ATOM   1148 O  O   . ILE A 1 143 ? -20.405 12.323  -12.498 1.00 30.93 ? 142 ILE A O   1 
ATOM   1149 C  CB  . ILE A 1 143 ? -19.581 10.630  -9.759  1.00 26.56 ? 142 ILE A CB  1 
ATOM   1150 C  CG1 . ILE A 1 143 ? -19.368 9.192   -9.316  1.00 28.82 ? 142 ILE A CG1 1 
ATOM   1151 C  CG2 . ILE A 1 143 ? -21.064 10.987  -9.610  1.00 24.83 ? 142 ILE A CG2 1 
ATOM   1152 C  CD1 . ILE A 1 143 ? -19.591 8.975   -7.842  1.00 20.20 ? 142 ILE A CD1 1 
ATOM   1153 N  N   . LYS A 1 144 ? -18.734 13.170  -11.232 1.00 30.95 ? 143 LYS A N   1 
ATOM   1154 C  CA  . LYS A 1 144 ? -18.915 14.559  -11.616 1.00 32.99 ? 143 LYS A CA  1 
ATOM   1155 C  C   . LYS A 1 144 ? -18.717 14.844  -13.106 1.00 31.62 ? 143 LYS A C   1 
ATOM   1156 O  O   . LYS A 1 144 ? -19.373 15.745  -13.637 1.00 26.70 ? 143 LYS A O   1 
ATOM   1157 C  CB  . LYS A 1 144 ? -18.018 15.468  -10.765 1.00 35.05 ? 143 LYS A CB  1 
ATOM   1158 C  CG  . LYS A 1 144 ? -18.526 15.648  -9.316  1.00 40.47 ? 143 LYS A CG  1 
ATOM   1159 C  CD  . LYS A 1 144 ? -19.691 16.677  -9.248  1.00 50.19 ? 143 LYS A CD  1 
ATOM   1160 C  CE  . LYS A 1 144 ? -20.275 16.841  -7.838  1.00 54.76 ? 143 LYS A CE  1 
ATOM   1161 N  NZ  . LYS A 1 144 ? -21.557 16.095  -7.658  1.00 56.80 ? 143 LYS A NZ  1 
ATOM   1162 N  N   . LYS A 1 145 ? -17.853 14.076  -13.767 1.00 28.41 ? 144 LYS A N   1 
ATOM   1163 C  CA  . LYS A 1 145 ? -17.594 14.244  -15.202 1.00 28.90 ? 144 LYS A CA  1 
ATOM   1164 C  C   . LYS A 1 145 ? -18.502 13.361  -16.083 1.00 28.92 ? 144 LYS A C   1 
ATOM   1165 O  O   . LYS A 1 145 ? -18.292 13.279  -17.299 1.00 28.18 ? 144 LYS A O   1 
ATOM   1166 C  CB  . LYS A 1 145 ? -16.114 13.933  -15.547 1.00 29.59 ? 144 LYS A CB  1 
ATOM   1167 C  CG  . LYS A 1 145 ? -15.054 14.730  -14.776 1.00 30.81 ? 144 LYS A CG  1 
ATOM   1168 C  CD  . LYS A 1 145 ? -15.132 16.251  -14.983 1.00 39.46 ? 144 LYS A CD  1 
ATOM   1169 C  CE  . LYS A 1 145 ? -14.674 16.677  -16.371 1.00 41.55 ? 144 LYS A CE  1 
ATOM   1170 N  NZ  . LYS A 1 145 ? -14.661 18.162  -16.545 1.00 39.78 ? 144 LYS A NZ  1 
ATOM   1171 N  N   . GLY A 1 146 ? -19.463 12.672  -15.460 1.00 28.28 ? 145 GLY A N   1 
ATOM   1172 C  CA  . GLY A 1 146 ? -20.478 11.915  -16.171 1.00 25.57 ? 145 GLY A CA  1 
ATOM   1173 C  C   . GLY A 1 146 ? -19.995 10.606  -16.741 1.00 26.84 ? 145 GLY A C   1 
ATOM   1174 O  O   . GLY A 1 146 ? -20.709 9.965   -17.509 1.00 27.03 ? 145 GLY A O   1 
ATOM   1175 N  N   . VAL A 1 147 ? -18.788 10.193  -16.364 1.00 27.84 ? 146 VAL A N   1 
ATOM   1176 C  CA  . VAL A 1 147 ? -18.248 8.934   -16.833 1.00 28.51 ? 146 VAL A CA  1 
ATOM   1177 C  C   . VAL A 1 147 ? -18.688 7.794   -15.912 1.00 28.54 ? 146 VAL A C   1 
ATOM   1178 O  O   . VAL A 1 147 ? -19.022 6.688   -16.396 1.00 32.71 ? 146 VAL A O   1 
ATOM   1179 C  CB  . VAL A 1 147 ? -16.724 9.030   -17.018 1.00 30.47 ? 146 VAL A CB  1 
ATOM   1180 C  CG1 . VAL A 1 147 ? -16.128 7.673   -17.340 1.00 23.60 ? 146 VAL A CG1 1 
ATOM   1181 C  CG2 . VAL A 1 147 ? -16.414 10.047  -18.169 1.00 28.24 ? 146 VAL A CG2 1 
ATOM   1182 N  N   . PHE A 1 148 ? -18.742 8.049   -14.602 1.00 25.88 ? 147 PHE A N   1 
ATOM   1183 C  CA  . PHE A 1 148 ? -19.203 7.032   -13.673 1.00 21.94 ? 147 PHE A CA  1 
ATOM   1184 C  C   . PHE A 1 148 ? -20.590 7.349   -13.136 1.00 21.97 ? 147 PHE A C   1 
ATOM   1185 O  O   . PHE A 1 148 ? -20.915 8.503   -12.892 1.00 18.71 ? 147 PHE A O   1 
ATOM   1186 C  CB  . PHE A 1 148 ? -18.260 6.895   -12.465 1.00 25.59 ? 147 PHE A CB  1 
ATOM   1187 C  CG  . PHE A 1 148 ? -16.820 6.527   -12.803 1.00 26.51 ? 147 PHE A CG  1 
ATOM   1188 C  CD1 . PHE A 1 148 ? -16.506 5.687   -13.859 1.00 27.32 ? 147 PHE A CD1 1 
ATOM   1189 C  CD2 . PHE A 1 148 ? -15.791 7.010   -12.007 1.00 26.85 ? 147 PHE A CD2 1 
ATOM   1190 C  CE1 . PHE A 1 148 ? -15.189 5.390   -14.138 1.00 32.69 ? 147 PHE A CE1 1 
ATOM   1191 C  CE2 . PHE A 1 148 ? -14.493 6.699   -12.256 1.00 25.33 ? 147 PHE A CE2 1 
ATOM   1192 C  CZ  . PHE A 1 148 ? -14.178 5.880   -13.322 1.00 29.33 ? 147 PHE A CZ  1 
ATOM   1193 N  N   . LYS A 1 149 ? -21.373 6.302   -12.889 1.00 22.80 ? 148 LYS A N   1 
ATOM   1194 C  CA  . LYS A 1 149 ? -22.677 6.451   -12.274 1.00 23.96 ? 148 LYS A CA  1 
ATOM   1195 C  C   . LYS A 1 149 ? -22.543 7.015   -10.854 1.00 24.27 ? 148 LYS A C   1 
ATOM   1196 O  O   . LYS A 1 149 ? -21.555 6.776   -10.142 1.00 25.89 ? 148 LYS A O   1 
ATOM   1197 C  CB  . LYS A 1 149 ? -23.440 5.114   -12.221 1.00 24.95 ? 148 LYS A CB  1 
ATOM   1198 C  CG  . LYS A 1 149 ? -23.881 4.460   -13.559 1.00 25.47 ? 148 LYS A CG  1 
ATOM   1199 C  CD  . LYS A 1 149 ? -24.693 3.175   -13.220 1.00 21.01 ? 148 LYS A CD  1 
ATOM   1200 C  CE  . LYS A 1 149 ? -25.253 2.417   -14.427 1.00 24.04 ? 148 LYS A CE  1 
ATOM   1201 N  NZ  . LYS A 1 149 ? -24.209 1.787   -15.232 1.00 20.82 ? 148 LYS A NZ  1 
ATOM   1202 N  N   . ASN A 1 150 ? -23.574 7.746   -10.455 1.00 20.45 ? 149 ASN A N   1 
ATOM   1203 C  CA  . ASN A 1 150 ? -23.646 8.359   -9.164  1.00 17.29 ? 149 ASN A CA  1 
ATOM   1204 C  C   . ASN A 1 150 ? -24.077 7.309   -8.159  1.00 15.87 ? 149 ASN A C   1 
ATOM   1205 O  O   . ASN A 1 150 ? -25.226 7.212   -7.822  1.00 17.98 ? 149 ASN A O   1 
ATOM   1206 C  CB  . ASN A 1 150 ? -24.648 9.529   -9.208  1.00 16.05 ? 149 ASN A CB  1 
ATOM   1207 C  CG  . ASN A 1 150 ? -24.657 10.359  -7.915  1.00 18.78 ? 149 ASN A CG  1 
ATOM   1208 O  OD1 . ASN A 1 150 ? -23.823 10.198  -7.026  1.00 25.35 ? 149 ASN A OD1 1 
ATOM   1209 N  ND2 . ASN A 1 150 ? -25.603 11.254  -7.823  1.00 27.65 ? 149 ASN A ND2 1 
ATOM   1210 N  N   . VAL A 1 151 ? -23.135 6.516   -7.694  1.00 19.24 ? 150 VAL A N   1 
ATOM   1211 C  CA  . VAL A 1 151 ? -23.412 5.488   -6.699  1.00 22.00 ? 150 VAL A CA  1 
ATOM   1212 C  C   . VAL A 1 151 ? -22.609 5.793   -5.441  1.00 21.88 ? 150 VAL A C   1 
ATOM   1213 O  O   . VAL A 1 151 ? -21.665 6.571   -5.488  1.00 24.61 ? 150 VAL A O   1 
ATOM   1214 C  CB  . VAL A 1 151 ? -23.035 4.091   -7.250  1.00 24.06 ? 150 VAL A CB  1 
ATOM   1215 C  CG1 . VAL A 1 151 ? -23.963 3.741   -8.429  1.00 17.41 ? 150 VAL A CG1 1 
ATOM   1216 C  CG2 . VAL A 1 151 ? -21.536 4.033   -7.639  1.00 16.95 ? 150 VAL A CG2 1 
ATOM   1217 N  N   . PRO A 1 152 ? -22.960 5.157   -4.316  1.00 24.75 ? 151 PRO A N   1 
ATOM   1218 C  CA  . PRO A 1 152 ? -22.127 5.363   -3.142  1.00 22.87 ? 151 PRO A CA  1 
ATOM   1219 C  C   . PRO A 1 152 ? -20.665 4.999   -3.405  1.00 22.53 ? 151 PRO A C   1 
ATOM   1220 O  O   . PRO A 1 152 ? -20.385 3.934   -3.920  1.00 18.00 ? 151 PRO A O   1 
ATOM   1221 C  CB  . PRO A 1 152 ? -22.786 4.443   -2.108  1.00 25.12 ? 151 PRO A CB  1 
ATOM   1222 C  CG  . PRO A 1 152 ? -24.242 4.487   -2.489  1.00 21.69 ? 151 PRO A CG  1 
ATOM   1223 C  CD  . PRO A 1 152 ? -24.117 4.297   -3.996  1.00 22.94 ? 151 PRO A CD  1 
ATOM   1224 N  N   . VAL A 1 153 ? -19.751 5.873   -3.009  1.00 22.87 ? 152 VAL A N   1 
ATOM   1225 C  CA  . VAL A 1 153 ? -18.344 5.779   -3.413  1.00 21.82 ? 152 VAL A CA  1 
ATOM   1226 C  C   . VAL A 1 153 ? -17.550 4.865   -2.497  1.00 20.45 ? 152 VAL A C   1 
ATOM   1227 O  O   . VAL A 1 153 ? -16.717 4.103   -2.960  1.00 18.96 ? 152 VAL A O   1 
ATOM   1228 C  CB  . VAL A 1 153 ? -17.685 7.180   -3.382  1.00 23.90 ? 152 VAL A CB  1 
ATOM   1229 C  CG1 . VAL A 1 153 ? -16.188 7.101   -3.685  1.00 23.03 ? 152 VAL A CG1 1 
ATOM   1230 C  CG2 . VAL A 1 153 ? -18.370 8.080   -4.364  1.00 18.55 ? 152 VAL A CG2 1 
ATOM   1231 N  N   . SER A 1 154 ? -17.783 4.935   -1.194  1.00 21.18 ? 153 SER A N   1 
ATOM   1232 C  CA  . SER A 1 154 ? -16.987 4.173   -0.243  1.00 21.06 ? 153 SER A CA  1 
ATOM   1233 C  C   . SER A 1 154 ? -16.970 2.660   -0.509  1.00 22.77 ? 153 SER A C   1 
ATOM   1234 O  O   . SER A 1 154 ? -15.905 2.062   -0.468  1.00 22.93 ? 153 SER A O   1 
ATOM   1235 C  CB  . SER A 1 154 ? -17.417 4.453   1.196   1.00 23.08 ? 153 SER A CB  1 
ATOM   1236 O  OG  . SER A 1 154 ? -16.677 3.627   2.059   1.00 23.82 ? 153 SER A OG  1 
ATOM   1237 N  N   . PRO A 1 155 ? -18.124 2.043   -0.823  1.00 22.12 ? 154 PRO A N   1 
ATOM   1238 C  CA  . PRO A 1 155 ? -18.079 0.614   -1.219  1.00 21.66 ? 154 PRO A CA  1 
ATOM   1239 C  C   . PRO A 1 155 ? -17.190 0.323   -2.427  1.00 23.03 ? 154 PRO A C   1 
ATOM   1240 O  O   . PRO A 1 155 ? -16.519 -0.732  -2.493  1.00 23.44 ? 154 PRO A O   1 
ATOM   1241 C  CB  . PRO A 1 155 ? -19.531 0.286   -1.567  1.00 22.23 ? 154 PRO A CB  1 
ATOM   1242 C  CG  . PRO A 1 155 ? -20.389 1.387   -0.846  1.00 24.66 ? 154 PRO A CG  1 
ATOM   1243 C  CD  . PRO A 1 155 ? -19.490 2.598   -0.876  1.00 23.20 ? 154 PRO A CD  1 
ATOM   1244 N  N   . ILE A 1 156 ? -17.168 1.224   -3.398  1.00 22.74 ? 155 ILE A N   1 
ATOM   1245 C  CA  . ILE A 1 156 ? -16.274 1.025   -4.542  1.00 20.14 ? 155 ILE A CA  1 
ATOM   1246 C  C   . ILE A 1 156 ? -14.795 1.130   -4.165  1.00 19.43 ? 155 ILE A C   1 
ATOM   1247 O  O   . ILE A 1 156 ? -13.983 0.309   -4.601  1.00 22.78 ? 155 ILE A O   1 
ATOM   1248 C  CB  . ILE A 1 156 ? -16.580 1.957   -5.731  1.00 22.10 ? 155 ILE A CB  1 
ATOM   1249 C  CG1 . ILE A 1 156 ? -18.078 1.901   -6.132  1.00 17.79 ? 155 ILE A CG1 1 
ATOM   1250 C  CG2 . ILE A 1 156 ? -15.713 1.581   -6.916  1.00 16.65 ? 155 ILE A CG2 1 
ATOM   1251 C  CD1 . ILE A 1 156 ? -18.671 0.545   -6.220  1.00 21.94 ? 155 ILE A CD1 1 
ATOM   1252 N  N   . ALA A 1 157 ? -14.442 2.089   -3.326  1.00 20.25 ? 156 ALA A N   1 
ATOM   1253 C  CA  . ALA A 1 157 ? -13.043 2.294   -2.908  1.00 19.42 ? 156 ALA A CA  1 
ATOM   1254 C  C   . ALA A 1 157 ? -12.588 1.096   -2.079  1.00 18.80 ? 156 ALA A C   1 
ATOM   1255 O  O   . ALA A 1 157 ? -11.496 0.547   -2.283  1.00 16.35 ? 156 ALA A O   1 
ATOM   1256 C  CB  . ALA A 1 157 ? -12.929 3.603   -2.131  1.00 18.35 ? 156 ALA A CB  1 
ATOM   1257 N  N   . HIS A 1 158 ? -13.472 0.637   -1.192  1.00 15.81 ? 157 HIS A N   1 
ATOM   1258 C  CA  . HIS A 1 158 ? -13.216 -0.566  -0.425  1.00 20.21 ? 157 HIS A CA  1 
ATOM   1259 C  C   . HIS A 1 158 ? -13.064 -1.802  -1.320  1.00 23.24 ? 157 HIS A C   1 
ATOM   1260 O  O   . HIS A 1 158 ? -12.170 -2.624  -1.094  1.00 24.15 ? 157 HIS A O   1 
ATOM   1261 C  CB  . HIS A 1 158 ? -14.318 -0.803  0.622   1.00 22.72 ? 157 HIS A CB  1 
ATOM   1262 C  CG  . HIS A 1 158 ? -14.184 0.047   1.840   1.00 21.92 ? 157 HIS A CG  1 
ATOM   1263 N  ND1 . HIS A 1 158 ? -14.740 1.304   1.942   1.00 22.34 ? 157 HIS A ND1 1 
ATOM   1264 C  CD2 . HIS A 1 158 ? -13.581 -0.196  3.028   1.00 25.13 ? 157 HIS A CD2 1 
ATOM   1265 C  CE1 . HIS A 1 158 ? -14.498 1.793   3.146   1.00 23.79 ? 157 HIS A CE1 1 
ATOM   1266 N  NE2 . HIS A 1 158 ? -13.785 0.908   3.821   1.00 26.49 ? 157 HIS A NE2 1 
ATOM   1267 N  N   . SER A 1 159 ? -13.872 -1.924  -2.376  1.00 23.73 ? 158 SER A N   1 
ATOM   1268 C  CA  . SER A 1 159 ? -13.720 -3.079  -3.261  1.00 18.52 ? 158 SER A CA  1 
ATOM   1269 C  C   . SER A 1 159 ? -12.420 -3.094  -4.019  1.00 20.51 ? 158 SER A C   1 
ATOM   1270 O  O   . SER A 1 159 ? -11.831 -4.179  -4.215  1.00 21.02 ? 158 SER A O   1 
ATOM   1271 C  CB  . SER A 1 159 ? -14.916 -3.210  -4.222  1.00 23.44 ? 158 SER A CB  1 
ATOM   1272 O  OG  . SER A 1 159 ? -14.898 -2.284  -5.292  1.00 21.91 ? 158 SER A OG  1 
ATOM   1273 N  N   . ILE A 1 160 ? -11.946 -1.908  -4.426  1.00 19.90 ? 159 ILE A N   1 
ATOM   1274 C  CA  . ILE A 1 160 ? -10.635 -1.763  -5.100  1.00 22.59 ? 159 ILE A CA  1 
ATOM   1275 C  C   . ILE A 1 160 ? -9.520  -2.166  -4.149  1.00 22.16 ? 159 ILE A C   1 
ATOM   1276 O  O   . ILE A 1 160 ? -8.722  -3.052  -4.452  1.00 22.69 ? 159 ILE A O   1 
ATOM   1277 C  CB  . ILE A 1 160 ? -10.391 -0.338  -5.602  1.00 21.95 ? 159 ILE A CB  1 
ATOM   1278 C  CG1 . ILE A 1 160 ? -11.465 0.060   -6.632  1.00 23.82 ? 159 ILE A CG1 1 
ATOM   1279 C  CG2 . ILE A 1 160 ? -8.993  -0.246  -6.202  1.00 18.20 ? 159 ILE A CG2 1 
ATOM   1280 C  CD1 . ILE A 1 160 ? -11.466 1.603   -6.961  1.00 21.25 ? 159 ILE A CD1 1 
ATOM   1281 N  N   . LEU A 1 161 ? -9.536  -1.589  -2.953  1.00 23.08 ? 160 LEU A N   1 
ATOM   1282 C  CA  . LEU A 1 161 ? -8.549  -1.927  -1.958  1.00 21.13 ? 160 LEU A CA  1 
ATOM   1283 C  C   . LEU A 1 161 ? -8.586  -3.404  -1.624  1.00 22.11 ? 160 LEU A C   1 
ATOM   1284 O  O   . LEU A 1 161 ? -7.544  -4.045  -1.580  1.00 19.20 ? 160 LEU A O   1 
ATOM   1285 C  CB  . LEU A 1 161 ? -8.691  -1.096  -0.676  1.00 23.39 ? 160 LEU A CB  1 
ATOM   1286 C  CG  . LEU A 1 161 ? -7.537  -1.277  0.342   1.00 22.43 ? 160 LEU A CG  1 
ATOM   1287 C  CD1 . LEU A 1 161 ? -6.183  -1.162  -0.317  1.00 30.29 ? 160 LEU A CD1 1 
ATOM   1288 C  CD2 . LEU A 1 161 ? -7.645  -0.280  1.486   1.00 32.21 ? 160 LEU A CD2 1 
ATOM   1289 N  N   . ALA A 1 162 ? -9.786  -3.945  -1.424  1.00 21.60 ? 161 ALA A N   1 
ATOM   1290 C  CA  . ALA A 1 162 ? -9.930  -5.353  -1.015  1.00 19.65 ? 161 ALA A CA  1 
ATOM   1291 C  C   . ALA A 1 162 ? -9.344  -6.327  -2.028  1.00 16.66 ? 161 ALA A C   1 
ATOM   1292 O  O   . ALA A 1 162 ? -8.621  -7.280  -1.662  1.00 18.67 ? 161 ALA A O   1 
ATOM   1293 C  CB  . ALA A 1 162 ? -11.414 -5.690  -0.695  1.00 16.21 ? 161 ALA A CB  1 
ATOM   1294 N  N   . ILE A 1 163 ? -9.668  -6.162  -3.301  1.00 20.79 ? 162 ILE A N   1 
ATOM   1295 C  CA  . ILE A 1 163 ? -9.157  -7.089  -4.315  1.00 18.81 ? 162 ILE A CA  1 
ATOM   1296 C  C   . ILE A 1 163 ? -7.643  -6.943  -4.459  1.00 18.77 ? 162 ILE A C   1 
ATOM   1297 O  O   . ILE A 1 163 ? -6.897  -7.917  -4.732  1.00 22.63 ? 162 ILE A O   1 
ATOM   1298 C  CB  . ILE A 1 163 ? -9.904  -6.974  -5.677  1.00 18.85 ? 162 ILE A CB  1 
ATOM   1299 C  CG1 . ILE A 1 163 ? -9.620  -8.168  -6.600  1.00 24.51 ? 162 ILE A CG1 1 
ATOM   1300 C  CG2 . ILE A 1 163 ? -9.566  -5.705  -6.417  1.00 14.20 ? 162 ILE A CG2 1 
ATOM   1301 C  CD1 . ILE A 1 163 ? -9.628  -9.502  -5.952  1.00 31.33 ? 162 ILE A CD1 1 
ATOM   1302 N  N   . GLU A 1 164 ? -7.173  -5.719  -4.327  1.00 20.46 ? 163 GLU A N   1 
ATOM   1303 C  CA  . GLU A 1 164 ? -5.732  -5.481  -4.392  1.00 20.90 ? 163 GLU A CA  1 
ATOM   1304 C  C   . GLU A 1 164 ? -5.058  -6.179  -3.206  1.00 20.09 ? 163 GLU A C   1 
ATOM   1305 O  O   . GLU A 1 164 ? -4.075  -6.861  -3.370  1.00 20.80 ? 163 GLU A O   1 
ATOM   1306 C  CB  . GLU A 1 164 ? -5.431  -3.984  -4.396  1.00 20.50 ? 163 GLU A CB  1 
ATOM   1307 C  CG  . GLU A 1 164 ? -5.786  -3.315  -5.714  1.00 24.91 ? 163 GLU A CG  1 
ATOM   1308 C  CD  . GLU A 1 164 ? -5.527  -1.836  -5.733  1.00 26.33 ? 163 GLU A CD  1 
ATOM   1309 O  OE1 . GLU A 1 164 ? -5.440  -1.234  -4.651  1.00 23.32 ? 163 GLU A OE1 1 
ATOM   1310 O  OE2 . GLU A 1 164 ? -5.455  -1.275  -6.840  1.00 24.83 ? 163 GLU A OE2 1 
ATOM   1311 N  N   . LYS A 1 165 ? -5.614  -6.036  -2.004  1.00 22.00 ? 164 LYS A N   1 
ATOM   1312 C  CA  . LYS A 1 165 ? -5.024  -6.670  -0.838  1.00 21.81 ? 164 LYS A CA  1 
ATOM   1313 C  C   . LYS A 1 165 ? -5.040  -8.198  -0.989  1.00 19.89 ? 164 LYS A C   1 
ATOM   1314 O  O   . LYS A 1 165 ? -4.093  -8.899  -0.635  1.00 19.53 ? 164 LYS A O   1 
ATOM   1315 C  CB  . LYS A 1 165 ? -5.881  -6.400  0.411   1.00 26.03 ? 164 LYS A CB  1 
ATOM   1316 C  CG  . LYS A 1 165 ? -5.596  -5.280  1.304   1.00 33.44 ? 164 LYS A CG  1 
ATOM   1317 C  CD  . LYS A 1 165 ? -6.703  -5.242  2.419   1.00 37.24 ? 164 LYS A CD  1 
ATOM   1318 C  CE  . LYS A 1 165 ? -6.343  -6.093  3.644   1.00 31.90 ? 164 LYS A CE  1 
ATOM   1319 N  NZ  . LYS A 1 165 ? -5.296  -5.431  4.546   1.00 26.77 ? 164 LYS A NZ  1 
ATOM   1320 N  N   . PHE A 1 166 ? -6.184  -8.722  -1.364  1.00 24.55 ? 165 PHE A N   1 
ATOM   1321 C  CA  . PHE A 1 166 ? -6.377  -10.184 -1.440  1.00 22.51 ? 165 PHE A CA  1 
ATOM   1322 C  C   . PHE A 1 166 ? -5.510  -10.828 -2.529  1.00 22.93 ? 165 PHE A C   1 
ATOM   1323 O  O   . PHE A 1 166 ? -4.908  -11.851 -2.300  1.00 22.06 ? 165 PHE A O   1 
ATOM   1324 C  CB  . PHE A 1 166 ? -7.821  -10.549 -1.717  1.00 22.43 ? 165 PHE A CB  1 
ATOM   1325 C  CG  . PHE A 1 166 ? -8.112  -12.048 -1.599  1.00 17.97 ? 165 PHE A CG  1 
ATOM   1326 C  CD1 . PHE A 1 166 ? -7.602  -12.784 -0.551  1.00 22.67 ? 165 PHE A CD1 1 
ATOM   1327 C  CD2 . PHE A 1 166 ? -8.931  -12.681 -2.506  1.00 27.46 ? 165 PHE A CD2 1 
ATOM   1328 C  CE1 . PHE A 1 166 ? -7.877  -14.136 -0.393  1.00 25.85 ? 165 PHE A CE1 1 
ATOM   1329 C  CE2 . PHE A 1 166 ? -9.217  -14.044 -2.370  1.00 35.92 ? 165 PHE A CE2 1 
ATOM   1330 C  CZ  . PHE A 1 166 ? -8.683  -14.770 -1.297  1.00 23.39 ? 165 PHE A CZ  1 
ATOM   1331 N  N   . SER A 1 167 ? -5.442  -10.206 -3.695  1.00 22.12 ? 166 SER A N   1 
ATOM   1332 C  CA  . SER A 1 167 ? -4.609  -10.758 -4.783  1.00 24.33 ? 166 SER A CA  1 
ATOM   1333 C  C   . SER A 1 167 ? -3.097  -10.599 -4.451  1.00 23.90 ? 166 SER A C   1 
ATOM   1334 O  O   . SER A 1 167 ? -2.293  -11.465 -4.806  1.00 24.07 ? 166 SER A O   1 
ATOM   1335 C  CB  . SER A 1 167 ? -4.991  -10.071 -6.097  1.00 23.81 ? 166 SER A CB  1 
ATOM   1336 O  OG  . SER A 1 167 ? -4.430  -8.769  -6.109  1.00 33.99 ? 166 SER A OG  1 
ATOM   1337 N  N   . LEU A 1 168 ? -2.688  -9.500  -3.786  1.00 23.87 ? 167 LEU A N   1 
ATOM   1338 C  CA  . LEU A 1 168 ? -1.298  -9.354  -3.305  1.00 21.75 ? 167 LEU A CA  1 
ATOM   1339 C  C   . LEU A 1 168 ? -0.954  -10.513 -2.358  1.00 22.00 ? 167 LEU A C   1 
ATOM   1340 O  O   . LEU A 1 168 ? 0.071   -11.156 -2.467  1.00 22.69 ? 167 LEU A O   1 
ATOM   1341 C  CB  . LEU A 1 168 ? -1.122  -8.024  -2.538  1.00 24.13 ? 167 LEU A CB  1 
ATOM   1342 C  CG  . LEU A 1 168 ? 0.284   -7.649  -2.036  1.00 20.26 ? 167 LEU A CG  1 
ATOM   1343 C  CD1 . LEU A 1 168 ? 1.339   -7.743  -3.188  1.00 20.18 ? 167 LEU A CD1 1 
ATOM   1344 C  CD2 . LEU A 1 168 ? 0.238   -6.223  -1.343  1.00 15.50 ? 167 LEU A CD2 1 
ATOM   1345 N  N   . TYR A 1 169 ? -1.838  -10.767 -1.402  1.00 23.35 ? 168 TYR A N   1 
ATOM   1346 C  CA  . TYR A 1 169 ? -1.619  -11.827 -0.430  1.00 23.41 ? 168 TYR A CA  1 
ATOM   1347 C  C   . TYR A 1 169 ? -1.447  -13.191 -1.112  1.00 24.66 ? 168 TYR A C   1 
ATOM   1348 O  O   . TYR A 1 169 ? -0.550  -13.953 -0.767  1.00 25.99 ? 168 TYR A O   1 
ATOM   1349 C  CB  . TYR A 1 169 ? -2.756  -11.834 0.597   1.00 22.89 ? 168 TYR A CB  1 
ATOM   1350 C  CG  . TYR A 1 169 ? -3.041  -13.142 1.309   1.00 21.67 ? 168 TYR A CG  1 
ATOM   1351 C  CD1 . TYR A 1 169 ? -2.392  -13.488 2.481   1.00 28.00 ? 168 TYR A CD1 1 
ATOM   1352 C  CD2 . TYR A 1 169 ? -4.016  -14.009 0.831   1.00 23.61 ? 168 TYR A CD2 1 
ATOM   1353 C  CE1 . TYR A 1 169 ? -2.699  -14.691 3.146   1.00 27.95 ? 168 TYR A CE1 1 
ATOM   1354 C  CE2 . TYR A 1 169 ? -4.344  -15.198 1.500   1.00 24.57 ? 168 TYR A CE2 1 
ATOM   1355 C  CZ  . TYR A 1 169 ? -3.674  -15.538 2.648   1.00 30.51 ? 168 TYR A CZ  1 
ATOM   1356 O  OH  . TYR A 1 169 ? -4.013  -16.720 3.311   1.00 34.48 ? 168 TYR A OH  1 
ATOM   1357 N  N   . LYS A 1 170 ? -2.272  -13.484 -2.103  1.00 24.27 ? 169 LYS A N   1 
ATOM   1358 C  CA  . LYS A 1 170 ? -2.160  -14.761 -2.817  1.00 23.96 ? 169 LYS A CA  1 
ATOM   1359 C  C   . LYS A 1 170 ? -0.878  -14.887 -3.635  1.00 24.89 ? 169 LYS A C   1 
ATOM   1360 O  O   . LYS A 1 170 ? -0.381  -16.011 -3.854  1.00 22.82 ? 169 LYS A O   1 
ATOM   1361 C  CB  . LYS A 1 170 ? -3.378  -15.022 -3.709  1.00 21.63 ? 169 LYS A CB  1 
ATOM   1362 C  CG  . LYS A 1 170 ? -4.672  -15.224 -2.932  1.00 26.46 ? 169 LYS A CG  1 
ATOM   1363 C  CD  . LYS A 1 170 ? -5.884  -15.773 -3.804  1.00 23.77 ? 169 LYS A CD  1 
ATOM   1364 C  CE  . LYS A 1 170 ? -5.656  -17.148 -4.455  1.00 28.82 ? 169 LYS A CE  1 
ATOM   1365 N  NZ  . LYS A 1 170 ? -6.909  -17.973 -4.611  1.00 26.05 ? 169 LYS A NZ  1 
ATOM   1366 N  N   . TRP A 1 171 ? -0.328  -13.768 -4.090  1.00 23.35 ? 170 TRP A N   1 
ATOM   1367 C  CA  . TRP A 1 171 ? 0.947   -13.819 -4.821  1.00 22.85 ? 170 TRP A CA  1 
ATOM   1368 C  C   . TRP A 1 171 ? 2.113   -13.941 -3.854  1.00 26.40 ? 170 TRP A C   1 
ATOM   1369 O  O   . TRP A 1 171 ? 2.838   -14.957 -3.861  1.00 24.53 ? 170 TRP A O   1 
ATOM   1370 C  CB  . TRP A 1 171 ? 1.112   -12.598 -5.695  1.00 26.03 ? 170 TRP A CB  1 
ATOM   1371 C  CG  . TRP A 1 171 ? 2.483   -12.401 -6.252  1.00 25.94 ? 170 TRP A CG  1 
ATOM   1372 C  CD1 . TRP A 1 171 ? 3.196   -13.274 -7.020  1.00 34.61 ? 170 TRP A CD1 1 
ATOM   1373 C  CD2 . TRP A 1 171 ? 3.288   -11.226 -6.131  1.00 21.46 ? 170 TRP A CD2 1 
ATOM   1374 N  NE1 . TRP A 1 171 ? 4.411   -12.724 -7.355  1.00 32.25 ? 170 TRP A NE1 1 
ATOM   1375 C  CE2 . TRP A 1 171 ? 4.485   -11.461 -6.827  1.00 28.42 ? 170 TRP A CE2 1 
ATOM   1376 C  CE3 . TRP A 1 171 ? 3.107   -9.991  -5.508  1.00 24.47 ? 170 TRP A CE3 1 
ATOM   1377 C  CZ2 . TRP A 1 171 ? 5.504   -10.517 -6.904  1.00 25.52 ? 170 TRP A CZ2 1 
ATOM   1378 C  CZ3 . TRP A 1 171 ? 4.128   -9.047  -5.595  1.00 29.77 ? 170 TRP A CZ3 1 
ATOM   1379 C  CH2 . TRP A 1 171 ? 5.309   -9.322  -6.279  1.00 30.34 ? 170 TRP A CH2 1 
ATOM   1380 N  N   . VAL A 1 172 ? 2.258   -12.933 -2.982  1.00 26.92 ? 171 VAL A N   1 
ATOM   1381 C  CA  . VAL A 1 172 ? 3.447   -12.804 -2.156  1.00 25.91 ? 171 VAL A CA  1 
ATOM   1382 C  C   . VAL A 1 172 ? 3.433   -13.693 -0.907  1.00 26.55 ? 171 VAL A C   1 
ATOM   1383 O  O   . VAL A 1 172 ? 4.495   -14.083 -0.449  1.00 25.90 ? 171 VAL A O   1 
ATOM   1384 C  CB  . VAL A 1 172 ? 3.766   -11.293 -1.795  1.00 27.70 ? 171 VAL A CB  1 
ATOM   1385 C  CG1 . VAL A 1 172 ? 2.852   -10.758 -0.658  1.00 21.03 ? 171 VAL A CG1 1 
ATOM   1386 C  CG2 . VAL A 1 172 ? 5.219   -11.143 -1.440  1.00 30.81 ? 171 VAL A CG2 1 
ATOM   1387 N  N   . VAL A 1 173 ? 2.271   -14.009 -0.342  1.00 24.37 ? 172 VAL A N   1 
ATOM   1388 C  CA  . VAL A 1 173 ? 2.245   -14.898 0.813   1.00 25.46 ? 172 VAL A CA  1 
ATOM   1389 C  C   . VAL A 1 173 ? 1.931   -16.359 0.427   1.00 29.10 ? 172 VAL A C   1 
ATOM   1390 O  O   . VAL A 1 173 ? 2.728   -17.246 0.739   1.00 28.46 ? 172 VAL A O   1 
ATOM   1391 C  CB  . VAL A 1 173 ? 1.320   -14.430 1.926   1.00 25.92 ? 172 VAL A CB  1 
ATOM   1392 C  CG1 . VAL A 1 173 ? 1.213   -15.483 3.018   1.00 23.29 ? 172 VAL A CG1 1 
ATOM   1393 C  CG2 . VAL A 1 173 ? 1.825   -13.093 2.505   1.00 22.53 ? 172 VAL A CG2 1 
ATOM   1394 N  N   . LEU A 1 174 ? 0.797   -16.619 -0.222  1.00 24.46 ? 173 LEU A N   1 
ATOM   1395 C  CA  . LEU A 1 174 ? 0.446   -17.997 -0.607  1.00 29.56 ? 173 LEU A CA  1 
ATOM   1396 C  C   . LEU A 1 174 ? 1.308   -18.576 -1.721  1.00 30.40 ? 173 LEU A C   1 
ATOM   1397 O  O   . LEU A 1 174 ? 1.460   -19.800 -1.814  1.00 32.18 ? 173 LEU A O   1 
ATOM   1398 C  CB  . LEU A 1 174 ? -1.002  -18.108 -1.062  1.00 29.40 ? 173 LEU A CB  1 
ATOM   1399 C  CG  . LEU A 1 174 ? -2.094  -17.789 -0.060  1.00 33.13 ? 173 LEU A CG  1 
ATOM   1400 C  CD1 . LEU A 1 174 ? -3.398  -18.331 -0.621  1.00 29.49 ? 173 LEU A CD1 1 
ATOM   1401 C  CD2 . LEU A 1 174 ? -1.778  -18.441 1.260   1.00 32.69 ? 173 LEU A CD2 1 
ATOM   1402 N  N   . LYS A 1 175 ? 1.890   -17.713 -2.544  1.00 30.92 ? 174 LYS A N   1 
ATOM   1403 C  CA  . LYS A 1 175 ? 2.615   -18.159 -3.737  1.00 32.46 ? 174 LYS A CA  1 
ATOM   1404 C  C   . LYS A 1 175 ? 1.685   -19.035 -4.573  1.00 31.93 ? 174 LYS A C   1 
ATOM   1405 O  O   . LYS A 1 175 ? 2.135   -19.994 -5.147  1.00 29.41 ? 174 LYS A O   1 
ATOM   1406 C  CB  . LYS A 1 175 ? 3.864   -18.993 -3.382  1.00 35.10 ? 174 LYS A CB  1 
ATOM   1407 C  CG  . LYS A 1 175 ? 4.696   -18.549 -2.180  1.00 42.29 ? 174 LYS A CG  1 
ATOM   1408 C  CD  . LYS A 1 175 ? 5.630   -17.413 -2.535  1.00 50.93 ? 174 LYS A CD  1 
ATOM   1409 C  CE  . LYS A 1 175 ? 6.505   -17.023 -1.340  1.00 53.99 ? 174 LYS A CE  1 
ATOM   1410 N  NZ  . LYS A 1 175 ? 6.760   -15.550 -1.336  1.00 56.59 ? 174 LYS A NZ  1 
ATOM   1411 N  N   . ALA A 1 176 ? 0.387   -18.731 -4.587  1.00 30.23 ? 175 ALA A N   1 
ATOM   1412 C  CA  . ALA A 1 176 ? -0.622  -19.545 -5.303  1.00 28.20 ? 175 ALA A CA  1 
ATOM   1413 C  C   . ALA A 1 176 ? -0.860  -19.024 -6.734  1.00 26.72 ? 175 ALA A C   1 
ATOM   1414 O  O   . ALA A 1 176 ? -1.369  -19.738 -7.583  1.00 25.51 ? 175 ALA A O   1 
ATOM   1415 C  CB  . ALA A 1 176 ? -1.952  -19.569 -4.496  1.00 26.39 ? 175 ALA A CB  1 
ATOM   1416 N  N   . ILE A 1 177 ? -0.454  -17.785 -7.007  1.00 26.73 ? 176 ILE A N   1 
ATOM   1417 C  CA  . ILE A 1 177 ? -0.574  -17.213 -8.323  1.00 25.64 ? 176 ILE A CA  1 
ATOM   1418 C  C   . ILE A 1 177 ? 0.729   -16.488 -8.668  1.00 28.19 ? 176 ILE A C   1 
ATOM   1419 O  O   . ILE A 1 177 ? 1.482   -16.139 -7.787  1.00 29.59 ? 176 ILE A O   1 
ATOM   1420 C  CB  . ILE A 1 177 ? -1.766  -16.205 -8.428  1.00 24.14 ? 176 ILE A CB  1 
ATOM   1421 C  CG1 . ILE A 1 177 ? -1.641  -15.048 -7.410  1.00 26.38 ? 176 ILE A CG1 1 
ATOM   1422 C  CG2 . ILE A 1 177 ? -3.112  -16.901 -8.231  1.00 22.98 ? 176 ILE A CG2 1 
ATOM   1423 C  CD1 . ILE A 1 177 ? -2.759  -13.957 -7.542  1.00 20.95 ? 176 ILE A CD1 1 
ATOM   1424 N  N   . THR A 1 178 ? 0.965   -16.238 -9.951  1.00 27.56 ? 177 THR A N   1 
ATOM   1425 C  CA  . THR A 1 178 ? 2.116   -15.458 -10.371 1.00 27.94 ? 177 THR A CA  1 
ATOM   1426 C  C   . THR A 1 178 ? 1.785   -13.962 -10.324 1.00 27.66 ? 177 THR A C   1 
ATOM   1427 O  O   . THR A 1 178 ? 0.612   -13.558 -10.282 1.00 23.33 ? 177 THR A O   1 
ATOM   1428 C  CB  . THR A 1 178 ? 2.561   -15.839 -11.784 1.00 31.02 ? 177 THR A CB  1 
ATOM   1429 O  OG1 . THR A 1 178 ? 1.493   -15.596 -12.708 1.00 27.88 ? 177 THR A OG1 1 
ATOM   1430 C  CG2 . THR A 1 178 ? 2.973   -17.328 -11.852 1.00 27.98 ? 177 THR A CG2 1 
ATOM   1431 N  N   . LYS A 1 179 ? 2.829   -13.155 -10.302 1.00 27.93 ? 178 LYS A N   1 
ATOM   1432 C  CA  . LYS A 1 179 ? 2.724   -11.702 -10.421 1.00 29.13 ? 178 LYS A CA  1 
ATOM   1433 C  C   . LYS A 1 179 ? 1.818   -11.353 -11.594 1.00 29.88 ? 178 LYS A C   1 
ATOM   1434 O  O   . LYS A 1 179 ? 0.955   -10.478 -11.500 1.00 29.49 ? 178 LYS A O   1 
ATOM   1435 C  CB  . LYS A 1 179 ? 4.125   -11.092 -10.616 1.00 29.44 ? 178 LYS A CB  1 
ATOM   1436 C  CG  . LYS A 1 179 ? 4.127   -9.565  -10.691 1.00 37.20 ? 178 LYS A CG  1 
ATOM   1437 C  CD  . LYS A 1 179 ? 5.507   -8.976  -11.004 1.00 40.91 ? 178 LYS A CD  1 
ATOM   1438 C  CE  . LYS A 1 179 ? 5.390   -7.754  -11.911 1.00 45.74 ? 178 LYS A CE  1 
ATOM   1439 N  NZ  . LYS A 1 179 ? 6.406   -6.709  -11.629 1.00 50.21 ? 178 LYS A NZ  1 
ATOM   1440 N  N   . GLU A 1 180 ? 2.040   -12.030 -12.716 1.00 29.91 ? 179 GLU A N   1 
ATOM   1441 C  CA  . GLU A 1 180 ? 1.249   -11.800 -13.914 1.00 30.52 ? 179 GLU A CA  1 
ATOM   1442 C  C   . GLU A 1 180 ? -0.244  -12.116 -13.730 1.00 28.56 ? 179 GLU A C   1 
ATOM   1443 O  O   . GLU A 1 180 ? -1.119  -11.346 -14.128 1.00 26.82 ? 179 GLU A O   1 
ATOM   1444 C  CB  . GLU A 1 180 ? 1.788   -12.673 -15.047 1.00 32.33 ? 179 GLU A CB  1 
ATOM   1445 C  CG  . GLU A 1 180 ? 1.062   -12.429 -16.361 1.00 42.22 ? 179 GLU A CG  1 
ATOM   1446 C  CD  . GLU A 1 180 ? 1.181   -10.973 -16.778 1.00 58.24 ? 179 GLU A CD  1 
ATOM   1447 O  OE1 . GLU A 1 180 ? 2.335   -10.540 -17.018 1.00 65.79 ? 179 GLU A OE1 1 
ATOM   1448 O  OE2 . GLU A 1 180 ? 0.143   -10.260 -16.831 1.00 64.61 ? 179 GLU A OE2 1 
ATOM   1449 N  N   . GLU A 1 181 ? -0.515  -13.288 -13.170 1.00 28.97 ? 180 GLU A N   1 
ATOM   1450 C  CA  . GLU A 1 181 ? -1.866  -13.709 -12.848 1.00 27.81 ? 180 GLU A CA  1 
ATOM   1451 C  C   . GLU A 1 181 ? -2.539  -12.736 -11.900 1.00 22.97 ? 180 GLU A C   1 
ATOM   1452 O  O   . GLU A 1 181 ? -3.721  -12.493 -12.029 1.00 22.24 ? 180 GLU A O   1 
ATOM   1453 C  CB  . GLU A 1 181 ? -1.851  -15.114 -12.246 1.00 27.82 ? 180 GLU A CB  1 
ATOM   1454 C  CG  . GLU A 1 181 ? -1.574  -16.175 -13.285 1.00 30.53 ? 180 GLU A CG  1 
ATOM   1455 C  CD  . GLU A 1 181 ? -1.261  -17.532 -12.681 1.00 28.71 ? 180 GLU A CD  1 
ATOM   1456 O  OE1 . GLU A 1 181 ? -0.902  -17.648 -11.480 1.00 28.99 ? 180 GLU A OE1 1 
ATOM   1457 O  OE2 . GLU A 1 181 ? -1.400  -18.502 -13.423 1.00 33.54 ? 180 GLU A OE2 1 
HETATM 1458 N  N   . MSE A 1 182 ? -1.781  -12.152 -10.971 1.00 21.44 ? 181 MSE A N   1 
HETATM 1459 C  CA  . MSE A 1 182 ? -2.334  -11.197 -10.018 1.00 22.49 ? 181 MSE A CA  1 
HETATM 1460 C  C   . MSE A 1 182 ? -2.713  -9.921  -10.718 1.00 21.91 ? 181 MSE A C   1 
HETATM 1461 O  O   . MSE A 1 182 ? -3.786  -9.376  -10.508 1.00 25.81 ? 181 MSE A O   1 
HETATM 1462 C  CB  . MSE A 1 182 ? -1.315  -10.882 -8.937  1.00 25.32 ? 181 MSE A CB  1 
HETATM 1463 C  CG  . MSE A 1 182 ? -1.614  -9.659  -8.086  1.00 27.36 ? 181 MSE A CG  1 
HETATM 1464 SE SE  . MSE A 1 182 ? -0.089  -9.140  -6.929  0.75 29.26 ? 181 MSE A SE  1 
HETATM 1465 C  CE  . MSE A 1 182 ? 1.133   -8.449  -8.273  1.00 30.10 ? 181 MSE A CE  1 
ATOM   1466 N  N   . ILE A 1 183 ? -1.822  -9.454  -11.583 1.00 25.28 ? 182 ILE A N   1 
ATOM   1467 C  CA  . ILE A 1 183 ? -2.075  -8.233  -12.322 1.00 26.33 ? 182 ILE A CA  1 
ATOM   1468 C  C   . ILE A 1 183 ? -3.310  -8.461  -13.217 1.00 26.62 ? 182 ILE A C   1 
ATOM   1469 O  O   . ILE A 1 183 ? -4.269  -7.657  -13.165 1.00 24.56 ? 182 ILE A O   1 
ATOM   1470 C  CB  . ILE A 1 183 ? -0.828  -7.781  -13.117 1.00 26.94 ? 182 ILE A CB  1 
ATOM   1471 C  CG1 . ILE A 1 183 ? 0.277   -7.358  -12.137 1.00 30.81 ? 182 ILE A CG1 1 
ATOM   1472 C  CG2 . ILE A 1 183 ? -1.175  -6.643  -14.077 1.00 22.02 ? 182 ILE A CG2 1 
ATOM   1473 C  CD1 . ILE A 1 183 ? 1.683   -7.148  -12.815 1.00 26.80 ? 182 ILE A CD1 1 
ATOM   1474 N  N   . GLU A 1 184 ? -3.333  -9.585  -13.950 1.00 23.28 ? 183 GLU A N   1 
ATOM   1475 C  CA  . GLU A 1 184 ? -4.465  -9.895  -14.869 1.00 24.35 ? 183 GLU A CA  1 
ATOM   1476 C  C   . GLU A 1 184 ? -5.800  -9.957  -14.127 1.00 25.91 ? 183 GLU A C   1 
ATOM   1477 O  O   . GLU A 1 184 ? -6.789  -9.400  -14.584 1.00 24.83 ? 183 GLU A O   1 
ATOM   1478 C  CB  . GLU A 1 184 ? -4.234  -11.206 -15.649 1.00 27.99 ? 183 GLU A CB  1 
ATOM   1479 C  CG  . GLU A 1 184 ? -5.456  -11.693 -16.448 1.00 34.13 ? 183 GLU A CG  1 
HETATM 1480 N  N   . MSE A 1 185 ? -5.815  -10.627 -12.978 1.00 25.25 ? 184 MSE A N   1 
HETATM 1481 C  CA  . MSE A 1 185 ? -7.044  -10.747 -12.191 1.00 24.75 ? 184 MSE A CA  1 
HETATM 1482 C  C   . MSE A 1 185 ? -7.580  -9.381  -11.836 1.00 24.92 ? 184 MSE A C   1 
HETATM 1483 O  O   . MSE A 1 185 ? -8.778  -9.112  -11.966 1.00 29.11 ? 184 MSE A O   1 
HETATM 1484 C  CB  . MSE A 1 185 ? -6.751  -11.510 -10.894 1.00 22.29 ? 184 MSE A CB  1 
HETATM 1485 C  CG  . MSE A 1 185 ? -7.935  -11.606 -9.909  1.00 24.23 ? 184 MSE A CG  1 
HETATM 1486 SE SE  . MSE A 1 185 ? -7.369  -12.487 -8.304  0.75 36.55 ? 184 MSE A SE  1 
HETATM 1487 C  CE  . MSE A 1 185 ? -7.114  -14.217 -9.095  1.00 30.20 ? 184 MSE A CE  1 
ATOM   1488 N  N   . VAL A 1 186 ? -6.693  -8.541  -11.309 1.00 23.09 ? 185 VAL A N   1 
ATOM   1489 C  CA  . VAL A 1 186 ? -7.089  -7.259  -10.835 1.00 22.46 ? 185 VAL A CA  1 
ATOM   1490 C  C   . VAL A 1 186 ? -7.623  -6.417  -11.994 1.00 22.46 ? 185 VAL A C   1 
ATOM   1491 O  O   . VAL A 1 186 ? -8.655  -5.781  -11.867 1.00 23.35 ? 185 VAL A O   1 
ATOM   1492 C  CB  . VAL A 1 186 ? -5.950  -6.582  -10.079 1.00 24.68 ? 185 VAL A CB  1 
ATOM   1493 C  CG1 . VAL A 1 186 ? -6.259  -5.158  -9.855  1.00 13.88 ? 185 VAL A CG1 1 
ATOM   1494 C  CG2 . VAL A 1 186 ? -5.649  -7.295  -8.698  1.00 17.50 ? 185 VAL A CG2 1 
ATOM   1495 N  N   . LEU A 1 187 ? -6.956  -6.432  -13.133 1.00 23.73 ? 186 LEU A N   1 
ATOM   1496 C  CA  . LEU A 1 187 ? -7.415  -5.639  -14.293 1.00 24.51 ? 186 LEU A CA  1 
ATOM   1497 C  C   . LEU A 1 187 ? -8.713  -6.169  -14.858 1.00 21.93 ? 186 LEU A C   1 
ATOM   1498 O  O   . LEU A 1 187 ? -9.585  -5.415  -15.255 1.00 22.73 ? 186 LEU A O   1 
ATOM   1499 C  CB  . LEU A 1 187 ? -6.363  -5.632  -15.411 1.00 23.98 ? 186 LEU A CB  1 
ATOM   1500 C  CG  . LEU A 1 187 ? -4.986  -5.104  -15.032 1.00 24.63 ? 186 LEU A CG  1 
ATOM   1501 C  CD1 . LEU A 1 187 ? -4.010  -5.247  -16.256 1.00 18.91 ? 186 LEU A CD1 1 
ATOM   1502 C  CD2 . LEU A 1 187 ? -5.080  -3.707  -14.496 1.00 30.60 ? 186 LEU A CD2 1 
ATOM   1503 N  N   . SER A 1 188 ? -8.845  -7.479  -14.883 1.00 22.50 ? 187 SER A N   1 
ATOM   1504 C  CA  . SER A 1 188 ? -10.074 -8.082  -15.388 1.00 23.05 ? 187 SER A CA  1 
ATOM   1505 C  C   . SER A 1 188 ? -11.236 -7.688  -14.524 1.00 21.80 ? 187 SER A C   1 
ATOM   1506 O  O   . SER A 1 188 ? -12.262 -7.303  -15.041 1.00 20.76 ? 187 SER A O   1 
ATOM   1507 C  CB  . SER A 1 188 ? -9.982  -9.605  -15.425 1.00 19.45 ? 187 SER A CB  1 
ATOM   1508 O  OG  . SER A 1 188 ? -11.188 -10.144 -15.970 1.00 20.20 ? 187 SER A OG  1 
ATOM   1509 N  N   . PHE A 1 189 ? -11.086 -7.785  -13.190 1.00 20.15 ? 188 PHE A N   1 
ATOM   1510 C  CA  . PHE A 1 189 ? -12.179 -7.374  -12.320 1.00 19.19 ? 188 PHE A CA  1 
ATOM   1511 C  C   . PHE A 1 189 ? -12.611 -5.901  -12.530 1.00 19.08 ? 188 PHE A C   1 
ATOM   1512 O  O   . PHE A 1 189 ? -13.841 -5.566  -12.550 1.00 21.41 ? 188 PHE A O   1 
ATOM   1513 C  CB  . PHE A 1 189 ? -11.803 -7.569  -10.840 1.00 18.63 ? 188 PHE A CB  1 
ATOM   1514 C  CG  . PHE A 1 189 ? -12.617 -6.707  -9.920  1.00 25.71 ? 188 PHE A CG  1 
ATOM   1515 C  CD1 . PHE A 1 189 ? -13.936 -7.022  -9.673  1.00 28.19 ? 188 PHE A CD1 1 
ATOM   1516 C  CD2 . PHE A 1 189 ? -12.100 -5.540  -9.375  1.00 21.53 ? 188 PHE A CD2 1 
ATOM   1517 C  CE1 . PHE A 1 189 ? -14.712 -6.209  -8.870  1.00 22.73 ? 188 PHE A CE1 1 
ATOM   1518 C  CE2 . PHE A 1 189 ? -12.868 -4.746  -8.523  1.00 29.63 ? 188 PHE A CE2 1 
ATOM   1519 C  CZ  . PHE A 1 189 ? -14.163 -5.068  -8.282  1.00 22.74 ? 188 PHE A CZ  1 
ATOM   1520 N  N   . HIS A 1 190 ? -11.637 -4.995  -12.629 1.00 19.52 ? 189 HIS A N   1 
ATOM   1521 C  CA  . HIS A 1 190 ? -11.969 -3.558  -12.808 1.00 24.13 ? 189 HIS A CA  1 
ATOM   1522 C  C   . HIS A 1 190 ? -12.648 -3.281  -14.146 1.00 24.08 ? 189 HIS A C   1 
ATOM   1523 O  O   . HIS A 1 190 ? -13.564 -2.443  -14.228 1.00 26.58 ? 189 HIS A O   1 
ATOM   1524 C  CB  . HIS A 1 190 ? -10.750 -2.667  -12.606 1.00 20.61 ? 189 HIS A CB  1 
ATOM   1525 C  CG  . HIS A 1 190 ? -10.319 -2.593  -11.182 1.00 25.54 ? 189 HIS A CG  1 
ATOM   1526 N  ND1 . HIS A 1 190 ? -9.404  -3.469  -10.639 1.00 21.40 ? 189 HIS A ND1 1 
ATOM   1527 C  CD2 . HIS A 1 190 ? -10.703 -1.781  -10.176 1.00 22.86 ? 189 HIS A CD2 1 
ATOM   1528 C  CE1 . HIS A 1 190 ? -9.229  -3.182  -9.364  1.00 28.17 ? 189 HIS A CE1 1 
ATOM   1529 N  NE2 . HIS A 1 190 ? -10.005 -2.165  -9.056  1.00 22.50 ? 189 HIS A NE2 1 
ATOM   1530 N  N   . LYS A 1 191 ? -12.274 -4.052  -15.175 1.00 30.37 ? 190 LYS A N   1 
ATOM   1531 C  CA  . LYS A 1 191 ? -12.953 -3.986  -16.467 1.00 28.21 ? 190 LYS A CA  1 
ATOM   1532 C  C   . LYS A 1 191 ? -14.421 -4.369  -16.332 1.00 26.25 ? 190 LYS A C   1 
ATOM   1533 O  O   . LYS A 1 191 ? -15.312 -3.635  -16.771 1.00 24.89 ? 190 LYS A O   1 
ATOM   1534 C  CB  . LYS A 1 191 ? -12.270 -4.853  -17.524 1.00 30.89 ? 190 LYS A CB  1 
ATOM   1535 C  CG  . LYS A 1 191 ? -13.086 -4.976  -18.866 1.00 40.90 ? 190 LYS A CG  1 
ATOM   1536 C  CD  . LYS A 1 191 ? -12.789 -6.291  -19.657 1.00 53.15 ? 190 LYS A CD  1 
ATOM   1537 C  CE  . LYS A 1 191 ? -13.190 -7.598  -18.903 1.00 55.55 ? 190 LYS A CE  1 
ATOM   1538 N  NZ  . LYS A 1 191 ? -14.650 -7.767  -18.620 1.00 46.25 ? 190 LYS A NZ  1 
ATOM   1539 N  N   . THR A 1 192 ? -14.665 -5.518  -15.728 1.00 23.56 ? 191 THR A N   1 
ATOM   1540 C  CA  . THR A 1 192 ? -16.044 -5.962  -15.507 1.00 25.08 ? 191 THR A CA  1 
ATOM   1541 C  C   . THR A 1 192 ? -16.835 -5.002  -14.619 1.00 22.23 ? 191 THR A C   1 
ATOM   1542 O  O   . THR A 1 192 ? -18.026 -4.756  -14.860 1.00 23.43 ? 191 THR A O   1 
ATOM   1543 C  CB  . THR A 1 192 ? -16.088 -7.339  -14.886 1.00 24.27 ? 191 THR A CB  1 
ATOM   1544 O  OG1 . THR A 1 192 ? -15.438 -8.271  -15.758 1.00 25.61 ? 191 THR A OG1 1 
ATOM   1545 C  CG2 . THR A 1 192 ? -17.505 -7.796  -14.677 1.00 21.67 ? 191 THR A CG2 1 
ATOM   1546 N  N   . LEU A 1 193 ? -16.199 -4.482  -13.580 1.00 21.67 ? 192 LEU A N   1 
ATOM   1547 C  CA  . LEU A 1 193 ? -16.853 -3.494  -12.699 1.00 19.00 ? 192 LEU A CA  1 
ATOM   1548 C  C   . LEU A 1 193 ? -17.316 -2.256  -13.471 1.00 22.64 ? 192 LEU A C   1 
ATOM   1549 O  O   . LEU A 1 193 ? -18.431 -1.718  -13.241 1.00 23.21 ? 192 LEU A O   1 
ATOM   1550 C  CB  . LEU A 1 193 ? -15.909 -3.084  -11.537 1.00 16.71 ? 192 LEU A CB  1 
ATOM   1551 C  CG  . LEU A 1 193 ? -16.255 -1.893  -10.639 1.00 22.73 ? 192 LEU A CG  1 
ATOM   1552 C  CD1 . LEU A 1 193 ? -17.606 -2.148  -10.025 1.00 23.01 ? 192 LEU A CD1 1 
ATOM   1553 C  CD2 . LEU A 1 193 ? -15.131 -1.605  -9.533  1.00 15.98 ? 192 LEU A CD2 1 
ATOM   1554 N  N   . ALA A 1 194 ? -16.446 -1.808  -14.369 1.00 22.86 ? 193 ALA A N   1 
ATOM   1555 C  CA  . ALA A 1 194 ? -16.687 -0.678  -15.263 1.00 24.96 ? 193 ALA A CA  1 
ATOM   1556 C  C   . ALA A 1 194 ? -17.859 -0.904  -16.225 1.00 26.38 ? 193 ALA A C   1 
ATOM   1557 O  O   . ALA A 1 194 ? -18.778 -0.076  -16.314 1.00 27.62 ? 193 ALA A O   1 
ATOM   1558 C  CB  . ALA A 1 194 ? -15.410 -0.389  -16.059 1.00 21.65 ? 193 ALA A CB  1 
ATOM   1559 N  N   . VAL A 1 195 ? -17.814 -2.019  -16.960 1.00 27.88 ? 194 VAL A N   1 
ATOM   1560 C  CA  . VAL A 1 195 ? -18.857 -2.312  -17.956 1.00 27.40 ? 194 VAL A CA  1 
ATOM   1561 C  C   . VAL A 1 195 ? -20.146 -2.878  -17.335 1.00 26.41 ? 194 VAL A C   1 
ATOM   1562 O  O   . VAL A 1 195 ? -21.187 -2.805  -17.948 1.00 24.30 ? 194 VAL A O   1 
ATOM   1563 C  CB  . VAL A 1 195 ? -18.349 -3.236  -19.112 1.00 25.63 ? 194 VAL A CB  1 
ATOM   1564 C  CG1 . VAL A 1 195 ? -17.214 -2.583  -19.797 1.00 22.87 ? 194 VAL A CG1 1 
ATOM   1565 C  CG2 . VAL A 1 195 ? -17.930 -4.627  -18.602 1.00 30.59 ? 194 VAL A CG2 1 
ATOM   1566 N  N   . GLY A 1 196 ? -20.047 -3.444  -16.134 1.00 23.16 ? 195 GLY A N   1 
ATOM   1567 C  CA  . GLY A 1 196 ? -21.161 -4.040  -15.452 1.00 25.07 ? 195 GLY A CA  1 
ATOM   1568 C  C   . GLY A 1 196 ? -21.371 -5.501  -15.753 1.00 28.34 ? 195 GLY A C   1 
ATOM   1569 O  O   . GLY A 1 196 ? -21.233 -5.943  -16.909 1.00 33.12 ? 195 GLY A O   1 
ATOM   1570 N  N   . LEU A 1 197 ? -21.724 -6.254  -14.715 1.00 24.14 ? 196 LEU A N   1 
ATOM   1571 C  CA  . LEU A 1 197 ? -21.831 -7.683  -14.825 1.00 25.05 ? 196 LEU A CA  1 
ATOM   1572 C  C   . LEU A 1 197 ? -23.087 -8.074  -15.592 1.00 25.96 ? 196 LEU A C   1 
ATOM   1573 O  O   . LEU A 1 197 ? -23.104 -9.091  -16.297 1.00 22.67 ? 196 LEU A O   1 
ATOM   1574 C  CB  . LEU A 1 197 ? -21.851 -8.326  -13.432 1.00 23.15 ? 196 LEU A CB  1 
ATOM   1575 C  CG  . LEU A 1 197 ? -21.811 -9.850  -13.374 1.00 29.63 ? 196 LEU A CG  1 
ATOM   1576 C  CD1 . LEU A 1 197 ? -20.555 -10.352 -14.078 1.00 24.68 ? 196 LEU A CD1 1 
ATOM   1577 C  CD2 . LEU A 1 197 ? -21.896 -10.383 -11.937 1.00 20.21 ? 196 LEU A CD2 1 
ATOM   1578 N  N   . LEU A 1 198 ? -24.149 -7.300  -15.407 1.00 25.12 ? 197 LEU A N   1 
ATOM   1579 C  CA  . LEU A 1 198 ? -25.426 -7.630  -16.033 1.00 25.60 ? 197 LEU A CA  1 
ATOM   1580 C  C   . LEU A 1 198 ? -25.301 -7.389  -17.520 1.00 25.13 ? 197 LEU A C   1 
ATOM   1581 O  O   . LEU A 1 198 ? -24.677 -6.412  -17.965 1.00 24.43 ? 197 LEU A O   1 
ATOM   1582 C  CB  . LEU A 1 198 ? -26.591 -6.802  -15.460 1.00 25.69 ? 197 LEU A CB  1 
ATOM   1583 C  CG  . LEU A 1 198 ? -27.026 -7.102  -14.012 1.00 28.73 ? 197 LEU A CG  1 
ATOM   1584 C  CD1 . LEU A 1 198 ? -28.083 -6.064  -13.555 1.00 31.79 ? 197 LEU A CD1 1 
ATOM   1585 C  CD2 . LEU A 1 198 ? -27.582 -8.518  -13.832 1.00 27.15 ? 197 LEU A CD2 1 
ATOM   1586 N  N   . VAL A 1 199 ? -25.881 -8.298  -18.293 1.00 28.67 ? 198 VAL A N   1 
ATOM   1587 C  CA  . VAL A 1 199 ? -26.056 -8.066  -19.724 1.00 28.91 ? 198 VAL A CA  1 
ATOM   1588 C  C   . VAL A 1 199 ? -26.946 -6.833  -19.936 1.00 29.43 ? 198 VAL A C   1 
ATOM   1589 O  O   . VAL A 1 199 ? -26.550 -5.885  -20.616 1.00 27.27 ? 198 VAL A O   1 
ATOM   1590 C  CB  . VAL A 1 199 ? -26.672 -9.286  -20.393 1.00 30.24 ? 198 VAL A CB  1 
ATOM   1591 C  CG1 . VAL A 1 199 ? -27.169 -8.934  -21.800 1.00 20.95 ? 198 VAL A CG1 1 
ATOM   1592 C  CG2 . VAL A 1 199 ? -25.669 -10.442 -20.396 1.00 25.44 ? 198 VAL A CG2 1 
ATOM   1593 N  N   . VAL A 1 200 ? -28.124 -6.821  -19.327 1.00 33.39 ? 199 VAL A N   1 
ATOM   1594 C  CA  . VAL A 1 200 ? -29.055 -5.703  -19.530 1.00 39.69 ? 199 VAL A CA  1 
ATOM   1595 C  C   . VAL A 1 200 ? -29.181 -4.762  -18.321 1.00 44.65 ? 199 VAL A C   1 
ATOM   1596 O  O   . VAL A 1 200 ? -29.489 -5.214  -17.212 1.00 43.73 ? 199 VAL A O   1 
ATOM   1597 C  CB  . VAL A 1 200 ? -30.488 -6.200  -19.881 1.00 40.15 ? 199 VAL A CB  1 
ATOM   1598 C  CG1 . VAL A 1 200 ? -31.356 -5.032  -20.324 1.00 37.64 ? 199 VAL A CG1 1 
ATOM   1599 C  CG2 . VAL A 1 200 ? -30.433 -7.249  -20.964 1.00 37.91 ? 199 VAL A CG2 1 
ATOM   1600 N  N   . ASN A 1 201 ? -28.959 -3.460  -18.541 1.00 48.98 ? 200 ASN A N   1 
ATOM   1601 C  CA  . ASN A 1 201 ? -29.482 -2.432  -17.618 1.00 51.12 ? 200 ASN A CA  1 
ATOM   1602 C  C   . ASN A 1 201 ? -29.677 -1.061  -18.264 1.00 50.63 ? 200 ASN A C   1 
ATOM   1603 O  O   . ASN A 1 201 ? -30.793 -0.535  -18.241 1.00 51.63 ? 200 ASN A O   1 
ATOM   1604 C  CB  . ASN A 1 201 ? -28.656 -2.337  -16.307 1.00 52.63 ? 200 ASN A CB  1 
ATOM   1605 C  CG  . ASN A 1 201 ? -27.230 -1.922  -16.536 1.00 50.83 ? 200 ASN A CG  1 
ATOM   1606 O  OD1 . ASN A 1 201 ? -26.332 -2.768  -16.614 1.00 49.32 ? 200 ASN A OD1 1 
ATOM   1607 N  ND2 . ASN A 1 201 ? -27.004 -0.611  -16.657 1.00 47.57 ? 200 ASN A ND2 1 
HETATM 1608 C  C1  . EDO B 2 .   ? -8.809  5.629   -7.618  1.00 51.58 ? 202 EDO A C1  1 
HETATM 1609 O  O1  . EDO B 2 .   ? -7.541  6.051   -8.186  1.00 49.10 ? 202 EDO A O1  1 
HETATM 1610 C  C2  . EDO B 2 .   ? -9.532  4.403   -8.187  1.00 47.90 ? 202 EDO A C2  1 
HETATM 1611 O  O2  . EDO B 2 .   ? -9.965  4.523   -9.555  1.00 48.90 ? 202 EDO A O2  1 
HETATM 1612 O  O   . HOH C 3 .   ? -21.529 1.544   -4.605  1.00 19.63 ? 203 HOH A O   1 
HETATM 1613 O  O   . HOH C 3 .   ? -2.559  6.119   -21.260 1.00 16.07 ? 204 HOH A O   1 
HETATM 1614 O  O   . HOH C 3 .   ? -0.249  1.958   16.446  1.00 22.58 ? 205 HOH A O   1 
HETATM 1615 O  O   . HOH C 3 .   ? 9.916   -3.601  0.209   1.00 27.13 ? 206 HOH A O   1 
HETATM 1616 O  O   . HOH C 3 .   ? -8.466  6.398   -11.791 1.00 22.16 ? 207 HOH A O   1 
HETATM 1617 O  O   . HOH C 3 .   ? -5.183  1.311   -6.775  1.00 24.50 ? 208 HOH A O   1 
HETATM 1618 O  O   . HOH C 3 .   ? -21.945 9.187   -5.346  1.00 22.92 ? 209 HOH A O   1 
HETATM 1619 O  O   . HOH C 3 .   ? 2.176   11.287  -2.699  1.00 25.21 ? 210 HOH A O   1 
HETATM 1620 O  O   . HOH C 3 .   ? -20.701 8.226   -1.558  1.00 23.34 ? 211 HOH A O   1 
HETATM 1621 O  O   . HOH C 3 .   ? -28.757 -8.882  -17.505 1.00 25.00 ? 212 HOH A O   1 
HETATM 1622 O  O   . HOH C 3 .   ? -7.704  -18.836 -2.335  1.00 26.58 ? 213 HOH A O   1 
HETATM 1623 O  O   . HOH C 3 .   ? 10.393  3.773   3.193   1.00 25.71 ? 214 HOH A O   1 
HETATM 1624 O  O   . HOH C 3 .   ? -13.198 -6.583  -3.649  0.50 24.40 ? 215 HOH A O   1 
HETATM 1625 O  O   . HOH C 3 .   ? -11.787 9.569   -12.413 1.00 25.46 ? 216 HOH A O   1 
HETATM 1626 O  O   . HOH C 3 .   ? 6.018   -10.480 10.288  1.00 26.65 ? 217 HOH A O   1 
HETATM 1627 O  O   . HOH C 3 .   ? -7.977  -0.682  7.427   1.00 26.33 ? 218 HOH A O   1 
HETATM 1628 O  O   . HOH C 3 .   ? -2.399  14.547  -11.054 1.00 27.37 ? 219 HOH A O   1 
HETATM 1629 O  O   . HOH C 3 .   ? 3.227   7.516   -12.698 1.00 25.54 ? 220 HOH A O   1 
HETATM 1630 O  O   . HOH C 3 .   ? -5.018  -18.843 2.417   1.00 27.34 ? 221 HOH A O   1 
HETATM 1631 O  O   . HOH C 3 .   ? 8.327   2.332   2.569   1.00 28.12 ? 222 HOH A O   1 
HETATM 1632 O  O   . HOH C 3 .   ? -5.282  10.280  0.819   1.00 28.24 ? 223 HOH A O   1 
HETATM 1633 O  O   . HOH C 3 .   ? -19.887 6.529   0.244   1.00 27.65 ? 224 HOH A O   1 
HETATM 1634 O  O   . HOH C 3 .   ? -22.346 10.511  -13.528 1.00 25.72 ? 225 HOH A O   1 
HETATM 1635 O  O   . HOH C 3 .   ? -10.856 7.281   -13.391 1.00 29.44 ? 226 HOH A O   1 
HETATM 1636 O  O   . HOH C 3 .   ? -3.012  -7.000  3.763   1.00 30.56 ? 227 HOH A O   1 
HETATM 1637 O  O   . HOH C 3 .   ? -5.569  -4.212  7.051   1.00 33.05 ? 228 HOH A O   1 
HETATM 1638 O  O   . HOH C 3 .   ? -2.322  -7.956  1.286   1.00 30.42 ? 229 HOH A O   1 
HETATM 1639 O  O   . HOH C 3 .   ? -6.559  3.267   -8.234  1.00 30.64 ? 230 HOH A O   1 
HETATM 1640 O  O   . HOH C 3 .   ? -0.649  16.229  -9.520  1.00 28.44 ? 231 HOH A O   1 
HETATM 1641 O  O   . HOH C 3 .   ? -10.980 -9.367  -18.481 1.00 31.51 ? 232 HOH A O   1 
HETATM 1642 O  O   . HOH C 3 .   ? -5.710  -11.799 9.201   1.00 31.12 ? 233 HOH A O   1 
HETATM 1643 O  O   . HOH C 3 .   ? -12.941 10.400  -19.817 1.00 31.92 ? 234 HOH A O   1 
HETATM 1644 O  O   . HOH C 3 .   ? 0.205   1.003   -15.453 1.00 35.24 ? 235 HOH A O   1 
HETATM 1645 O  O   . HOH C 3 .   ? 4.411   -13.391 -13.622 1.00 30.83 ? 236 HOH A O   1 
HETATM 1646 O  O   . HOH C 3 .   ? -25.903 8.206   -12.461 1.00 28.83 ? 237 HOH A O   1 
HETATM 1647 O  O   . HOH C 3 .   ? -5.094  7.907   7.345   1.00 30.73 ? 238 HOH A O   1 
HETATM 1648 O  O   . HOH C 3 .   ? -9.447  10.485  -12.324 1.00 34.25 ? 239 HOH A O   1 
HETATM 1649 O  O   . HOH C 3 .   ? 1.809   -16.201 -15.059 1.00 33.11 ? 240 HOH A O   1 
HETATM 1650 O  O   . HOH C 3 .   ? 11.439  -8.923  20.490  1.00 33.86 ? 241 HOH A O   1 
HETATM 1651 O  O   . HOH C 3 .   ? 7.682   2.783   -0.280  1.00 32.70 ? 242 HOH A O   1 
HETATM 1652 O  O   . HOH C 3 .   ? 7.514   -11.537 8.409   1.00 33.88 ? 243 HOH A O   1 
HETATM 1653 O  O   . HOH C 3 .   ? -5.271  -14.282 -13.337 1.00 35.43 ? 244 HOH A O   1 
HETATM 1654 O  O   . HOH C 3 .   ? -21.814 -0.011  -17.190 1.00 38.35 ? 245 HOH A O   1 
HETATM 1655 O  O   . HOH C 3 .   ? -8.863  4.907   -23.565 1.00 38.56 ? 246 HOH A O   1 
HETATM 1656 O  O   . HOH C 3 .   ? -21.283 4.499   1.509   1.00 31.97 ? 247 HOH A O   1 
HETATM 1657 O  O   . HOH C 3 .   ? 7.109   -10.349 20.664  1.00 36.34 ? 248 HOH A O   1 
HETATM 1658 O  O   . HOH C 3 .   ? -6.362  -20.448 -5.062  1.00 39.65 ? 249 HOH A O   1 
HETATM 1659 O  O   . HOH C 3 .   ? -4.258  -6.014  20.408  1.00 42.75 ? 250 HOH A O   1 
HETATM 1660 O  O   . HOH C 3 .   ? -7.932  0.804   14.395  1.00 43.85 ? 251 HOH A O   1 
HETATM 1661 O  O   . HOH C 3 .   ? 1.799   -18.929 3.498   1.00 38.42 ? 252 HOH A O   1 
HETATM 1662 O  O   . HOH C 3 .   ? -8.054  -14.445 -13.038 1.00 42.48 ? 253 HOH A O   1 
HETATM 1663 O  O   . HOH C 3 .   ? 4.263   13.355  -7.126  1.00 40.48 ? 254 HOH A O   1 
HETATM 1664 O  O   . HOH C 3 .   ? -15.126 6.911   0.561   1.00 36.62 ? 255 HOH A O   1 
HETATM 1665 O  O   . HOH C 3 .   ? -12.018 5.017   5.507   1.00 40.94 ? 256 HOH A O   1 
HETATM 1666 O  O   . HOH C 3 .   ? -4.041  -9.693  4.162   1.00 44.65 ? 257 HOH A O   1 
HETATM 1667 O  O   . HOH C 3 .   ? 7.114   -14.208 -4.655  1.00 49.04 ? 258 HOH A O   1 
HETATM 1668 O  O   . HOH C 3 .   ? -0.110  -20.154 -10.940 1.00 45.01 ? 259 HOH A O   1 
HETATM 1669 O  O   . HOH C 3 .   ? -19.304 13.313  -6.839  1.00 47.84 ? 260 HOH A O   1 
HETATM 1670 O  O   . HOH C 3 .   ? 24.086  6.946   11.210  1.00 42.90 ? 261 HOH A O   1 
HETATM 1671 O  O   . HOH C 3 .   ? 3.611   -21.652 -0.718  1.00 48.75 ? 262 HOH A O   1 
HETATM 1672 O  O   . HOH C 3 .   ? -9.430  12.550  -10.417 1.00 48.13 ? 263 HOH A O   1 
HETATM 1673 O  O   . HOH C 3 .   ? 24.017  12.748  2.038   1.00 39.92 ? 264 HOH A O   1 
HETATM 1674 O  O   . HOH C 3 .   ? -9.580  -8.457  0.959   0.50 27.43 ? 265 HOH A O   1 
HETATM 1675 O  O   . HOH C 3 .   ? -19.426 10.552  -2.263  1.00 42.95 ? 266 HOH A O   1 
HETATM 1676 O  O   . HOH C 3 .   ? -5.542  -10.851 2.598   1.00 41.48 ? 267 HOH A O   1 
# 
